data_7HN0
# 
_entry.id   7HN0 
# 
_audit_conform.dict_name       mmcif_pdbx.dic 
_audit_conform.dict_version    5.399 
_audit_conform.dict_location   http://mmcif.pdb.org/dictionaries/ascii/mmcif_pdbx.dic 
# 
loop_
_database_2.database_id 
_database_2.database_code 
_database_2.pdbx_database_accession 
_database_2.pdbx_DOI 
PDB   7HN0         pdb_00007hn0 10.2210/pdb7hn0/pdb 
WWPDB D_1001407678 ?            ?                   
# 
_pdbx_audit_revision_history.ordinal             1 
_pdbx_audit_revision_history.data_content_type   'Structure model' 
_pdbx_audit_revision_history.major_revision      1 
_pdbx_audit_revision_history.minor_revision      0 
_pdbx_audit_revision_history.revision_date       2024-11-27 
# 
_pdbx_audit_revision_details.ordinal             1 
_pdbx_audit_revision_details.revision_ordinal    1 
_pdbx_audit_revision_details.data_content_type   'Structure model' 
_pdbx_audit_revision_details.provider            repository 
_pdbx_audit_revision_details.type                'Initial release' 
_pdbx_audit_revision_details.description         ? 
_pdbx_audit_revision_details.details             ? 
# 
_pdbx_database_status.entry_id                        7HN0 
_pdbx_database_status.status_code                     REL 
_pdbx_database_status.status_code_sf                  REL 
_pdbx_database_status.status_code_mr                  ? 
_pdbx_database_status.status_code_cs                  ? 
_pdbx_database_status.recvd_initial_deposition_date   2024-11-04 
_pdbx_database_status.status_code_nmr_data            ? 
_pdbx_database_status.deposit_site                    RCSB 
_pdbx_database_status.process_site                    RCSB 
_pdbx_database_status.SG_entry                        ? 
_pdbx_database_status.pdb_format_compatible           Y 
_pdbx_database_status.methods_development_category    ? 
# 
_pdbx_contact_author.id                 1 
_pdbx_contact_author.email              knapp@pharmchem.uni-frankfurt.de 
_pdbx_contact_author.name_first         Stefan 
_pdbx_contact_author.name_last          Knapp 
_pdbx_contact_author.role               'principal investigator/group leader' 
_pdbx_contact_author.identifier_ORCID   0000-0001-5995-6494 
_pdbx_contact_author.name_mi            ? 
# 
loop_
_audit_author.name 
_audit_author.pdbx_ordinal 
'Kim, Y.'                              1 
'Marples, P.'                          2 
'Fearon, D.'                           3 
'von Delft, F.'                        4 
'Knapp, S.'                            5 
'Kraemer, A.'                          6 
'Structural Genomics Consortium (SGC)' 7 
# 
_citation.id                        primary 
_citation.title                     'PanDDA analysis group deposition' 
_citation.journal_abbrev            'To Be Published' 
_citation.journal_volume            ? 
_citation.page_first                ? 
_citation.page_last                 ? 
_citation.year                      ? 
_citation.journal_id_ASTM           ? 
_citation.country                   ? 
_citation.journal_id_ISSN           ? 
_citation.journal_id_CSD            0353 
_citation.book_publisher            ? 
_citation.pdbx_database_id_PubMed   ? 
_citation.pdbx_database_id_DOI      ? 
# 
loop_
_citation_author.citation_id 
_citation_author.name 
_citation_author.identifier_ORCID 
_citation_author.ordinal 
primary 'Kim, Y.'                              ? 1 
primary 'Marples, P.'                          ? 2 
primary 'Fearon, D.'                           ? 3 
primary 'von Delft, F.'                        ? 4 
primary 'Knapp, S.'                            ? 5 
primary 'Kraemer, A.'                          ? 6 
primary 'Structural Genomics Consortium (SGC)' ? 7 
# 
loop_
_entity.id 
_entity.type 
_entity.src_method 
_entity.pdbx_description 
_entity.formula_weight 
_entity.pdbx_number_of_molecules 
_entity.pdbx_ec 
_entity.pdbx_mutation 
_entity.pdbx_fragment 
_entity.details 
1 polymer     man 'E3 ubiquitin-protein ligase TRIM21'                21596.361 1  2.3.2.27 ? ? ? 
2 non-polymer syn '(3S)-3-(3-fluorophenoxy)-1-methylpyrrolidin-2-one' 209.217   1  ?        ? ? ? 
3 non-polymer syn 1,2-ETHANEDIOL                                      62.068    1  ?        ? ? ? 
4 non-polymer syn 'SULFATE ION'                                       96.063    1  ?        ? ? ? 
5 water       nat water                                               18.015    34 ?        ? ? ? 
# 
_entity_name_com.entity_id   1 
_entity_name_com.name        
;52 kDa Ro protein,52 kDa ribonucleoprotein autoantigen Ro/SS-A,Ro(SS-A),Sjoegren syndrome type A antigen,SS-A,Tripartite motif-containing protein 21
;
# 
_entity_poly.entity_id                      1 
_entity_poly.type                           'polypeptide(L)' 
_entity_poly.nstd_linkage                   no 
_entity_poly.nstd_monomer                   no 
_entity_poly.pdbx_seq_one_letter_code       
;MHHHHHHMVHITLDRNTANSWLIISKDRRQVRMGDTHQNVSDNKERFSNYPMVLGAQRFSSGKMYWEVDVTQKEAWDLGV
CRDSVQRKGQFSLSPENGFWTIWLWQDSYEAGTSPQTTLHIQVPPCQIGIFVDYEAGVVSFYNITDHGSLIYTFSECVFA
GPLRPFFNVGFNYSGGNAAPLKLCPLKM
;
_entity_poly.pdbx_seq_one_letter_code_can   
;MHHHHHHMVHITLDRNTANSWLIISKDRRQVRMGDTHQNVSDNKERFSNYPMVLGAQRFSSGKMYWEVDVTQKEAWDLGV
CRDSVQRKGQFSLSPENGFWTIWLWQDSYEAGTSPQTTLHIQVPPCQIGIFVDYEAGVVSFYNITDHGSLIYTFSECVFA
GPLRPFFNVGFNYSGGNAAPLKLCPLKM
;
_entity_poly.pdbx_strand_id                 B 
_entity_poly.pdbx_target_identifier         ? 
# 
loop_
_pdbx_entity_nonpoly.entity_id 
_pdbx_entity_nonpoly.name 
_pdbx_entity_nonpoly.comp_id 
2 '(3S)-3-(3-fluorophenoxy)-1-methylpyrrolidin-2-one' Q49 
3 1,2-ETHANEDIOL                                      EDO 
4 'SULFATE ION'                                       SO4 
5 water                                               HOH 
# 
loop_
_entity_poly_seq.entity_id 
_entity_poly_seq.num 
_entity_poly_seq.mon_id 
_entity_poly_seq.hetero 
1 1   MET n 
1 2   HIS n 
1 3   HIS n 
1 4   HIS n 
1 5   HIS n 
1 6   HIS n 
1 7   HIS n 
1 8   MET n 
1 9   VAL n 
1 10  HIS n 
1 11  ILE n 
1 12  THR n 
1 13  LEU n 
1 14  ASP n 
1 15  ARG n 
1 16  ASN n 
1 17  THR n 
1 18  ALA n 
1 19  ASN n 
1 20  SER n 
1 21  TRP n 
1 22  LEU n 
1 23  ILE n 
1 24  ILE n 
1 25  SER n 
1 26  LYS n 
1 27  ASP n 
1 28  ARG n 
1 29  ARG n 
1 30  GLN n 
1 31  VAL n 
1 32  ARG n 
1 33  MET n 
1 34  GLY n 
1 35  ASP n 
1 36  THR n 
1 37  HIS n 
1 38  GLN n 
1 39  ASN n 
1 40  VAL n 
1 41  SER n 
1 42  ASP n 
1 43  ASN n 
1 44  LYS n 
1 45  GLU n 
1 46  ARG n 
1 47  PHE n 
1 48  SER n 
1 49  ASN n 
1 50  TYR n 
1 51  PRO n 
1 52  MET n 
1 53  VAL n 
1 54  LEU n 
1 55  GLY n 
1 56  ALA n 
1 57  GLN n 
1 58  ARG n 
1 59  PHE n 
1 60  SER n 
1 61  SER n 
1 62  GLY n 
1 63  LYS n 
1 64  MET n 
1 65  TYR n 
1 66  TRP n 
1 67  GLU n 
1 68  VAL n 
1 69  ASP n 
1 70  VAL n 
1 71  THR n 
1 72  GLN n 
1 73  LYS n 
1 74  GLU n 
1 75  ALA n 
1 76  TRP n 
1 77  ASP n 
1 78  LEU n 
1 79  GLY n 
1 80  VAL n 
1 81  CYS n 
1 82  ARG n 
1 83  ASP n 
1 84  SER n 
1 85  VAL n 
1 86  GLN n 
1 87  ARG n 
1 88  LYS n 
1 89  GLY n 
1 90  GLN n 
1 91  PHE n 
1 92  SER n 
1 93  LEU n 
1 94  SER n 
1 95  PRO n 
1 96  GLU n 
1 97  ASN n 
1 98  GLY n 
1 99  PHE n 
1 100 TRP n 
1 101 THR n 
1 102 ILE n 
1 103 TRP n 
1 104 LEU n 
1 105 TRP n 
1 106 GLN n 
1 107 ASP n 
1 108 SER n 
1 109 TYR n 
1 110 GLU n 
1 111 ALA n 
1 112 GLY n 
1 113 THR n 
1 114 SER n 
1 115 PRO n 
1 116 GLN n 
1 117 THR n 
1 118 THR n 
1 119 LEU n 
1 120 HIS n 
1 121 ILE n 
1 122 GLN n 
1 123 VAL n 
1 124 PRO n 
1 125 PRO n 
1 126 CYS n 
1 127 GLN n 
1 128 ILE n 
1 129 GLY n 
1 130 ILE n 
1 131 PHE n 
1 132 VAL n 
1 133 ASP n 
1 134 TYR n 
1 135 GLU n 
1 136 ALA n 
1 137 GLY n 
1 138 VAL n 
1 139 VAL n 
1 140 SER n 
1 141 PHE n 
1 142 TYR n 
1 143 ASN n 
1 144 ILE n 
1 145 THR n 
1 146 ASP n 
1 147 HIS n 
1 148 GLY n 
1 149 SER n 
1 150 LEU n 
1 151 ILE n 
1 152 TYR n 
1 153 THR n 
1 154 PHE n 
1 155 SER n 
1 156 GLU n 
1 157 CYS n 
1 158 VAL n 
1 159 PHE n 
1 160 ALA n 
1 161 GLY n 
1 162 PRO n 
1 163 LEU n 
1 164 ARG n 
1 165 PRO n 
1 166 PHE n 
1 167 PHE n 
1 168 ASN n 
1 169 VAL n 
1 170 GLY n 
1 171 PHE n 
1 172 ASN n 
1 173 TYR n 
1 174 SER n 
1 175 GLY n 
1 176 GLY n 
1 177 ASN n 
1 178 ALA n 
1 179 ALA n 
1 180 PRO n 
1 181 LEU n 
1 182 LYS n 
1 183 LEU n 
1 184 CYS n 
1 185 PRO n 
1 186 LEU n 
1 187 LYS n 
1 188 MET n 
# 
_entity_src_gen.entity_id                          1 
_entity_src_gen.pdbx_src_id                        1 
_entity_src_gen.pdbx_alt_source_flag               sample 
_entity_src_gen.pdbx_seq_type                      'Biological sequence' 
_entity_src_gen.pdbx_beg_seq_num                   1 
_entity_src_gen.pdbx_end_seq_num                   188 
_entity_src_gen.gene_src_common_name               'house mouse' 
_entity_src_gen.gene_src_genus                     ? 
_entity_src_gen.pdbx_gene_src_gene                 'Trim21, Ro52, Ssa1' 
_entity_src_gen.gene_src_species                   ? 
_entity_src_gen.gene_src_strain                    ? 
_entity_src_gen.gene_src_tissue                    ? 
_entity_src_gen.gene_src_tissue_fraction           ? 
_entity_src_gen.gene_src_details                   ? 
_entity_src_gen.pdbx_gene_src_fragment             ? 
_entity_src_gen.pdbx_gene_src_scientific_name      'Mus musculus' 
_entity_src_gen.pdbx_gene_src_ncbi_taxonomy_id     10090 
_entity_src_gen.pdbx_gene_src_variant              ? 
_entity_src_gen.pdbx_gene_src_cell_line            ? 
_entity_src_gen.pdbx_gene_src_atcc                 ? 
_entity_src_gen.pdbx_gene_src_organ                ? 
_entity_src_gen.pdbx_gene_src_organelle            ? 
_entity_src_gen.pdbx_gene_src_cell                 ? 
_entity_src_gen.pdbx_gene_src_cellular_location    ? 
_entity_src_gen.host_org_common_name               ? 
_entity_src_gen.pdbx_host_org_scientific_name      'Escherichia coli' 
_entity_src_gen.pdbx_host_org_ncbi_taxonomy_id     562 
_entity_src_gen.host_org_genus                     ? 
_entity_src_gen.pdbx_host_org_gene                 ? 
_entity_src_gen.pdbx_host_org_organ                ? 
_entity_src_gen.host_org_species                   ? 
_entity_src_gen.pdbx_host_org_tissue               ? 
_entity_src_gen.pdbx_host_org_tissue_fraction      ? 
_entity_src_gen.pdbx_host_org_strain               ? 
_entity_src_gen.pdbx_host_org_variant              ? 
_entity_src_gen.pdbx_host_org_cell_line            ? 
_entity_src_gen.pdbx_host_org_atcc                 ? 
_entity_src_gen.pdbx_host_org_culture_collection   ? 
_entity_src_gen.pdbx_host_org_cell                 ? 
_entity_src_gen.pdbx_host_org_organelle            ? 
_entity_src_gen.pdbx_host_org_cellular_location    ? 
_entity_src_gen.pdbx_host_org_vector_type          ? 
_entity_src_gen.pdbx_host_org_vector               ? 
_entity_src_gen.host_org_details                   ? 
_entity_src_gen.expression_system_id               ? 
_entity_src_gen.plasmid_name                       ? 
_entity_src_gen.plasmid_details                    ? 
_entity_src_gen.pdbx_description                   ? 
# 
loop_
_chem_comp.id 
_chem_comp.type 
_chem_comp.mon_nstd_flag 
_chem_comp.name 
_chem_comp.pdbx_synonyms 
_chem_comp.formula 
_chem_comp.formula_weight 
ALA 'L-peptide linking' y ALANINE                                             ?                 'C3 H7 N O2'     89.093  
ARG 'L-peptide linking' y ARGININE                                            ?                 'C6 H15 N4 O2 1' 175.209 
ASN 'L-peptide linking' y ASPARAGINE                                          ?                 'C4 H8 N2 O3'    132.118 
ASP 'L-peptide linking' y 'ASPARTIC ACID'                                     ?                 'C4 H7 N O4'     133.103 
CYS 'L-peptide linking' y CYSTEINE                                            ?                 'C3 H7 N O2 S'   121.158 
EDO non-polymer         . 1,2-ETHANEDIOL                                      'ETHYLENE GLYCOL' 'C2 H6 O2'       62.068  
GLN 'L-peptide linking' y GLUTAMINE                                           ?                 'C5 H10 N2 O3'   146.144 
GLU 'L-peptide linking' y 'GLUTAMIC ACID'                                     ?                 'C5 H9 N O4'     147.129 
GLY 'peptide linking'   y GLYCINE                                             ?                 'C2 H5 N O2'     75.067  
HIS 'L-peptide linking' y HISTIDINE                                           ?                 'C6 H10 N3 O2 1' 156.162 
HOH non-polymer         . WATER                                               ?                 'H2 O'           18.015  
ILE 'L-peptide linking' y ISOLEUCINE                                          ?                 'C6 H13 N O2'    131.173 
LEU 'L-peptide linking' y LEUCINE                                             ?                 'C6 H13 N O2'    131.173 
LYS 'L-peptide linking' y LYSINE                                              ?                 'C6 H15 N2 O2 1' 147.195 
MET 'L-peptide linking' y METHIONINE                                          ?                 'C5 H11 N O2 S'  149.211 
PHE 'L-peptide linking' y PHENYLALANINE                                       ?                 'C9 H11 N O2'    165.189 
PRO 'L-peptide linking' y PROLINE                                             ?                 'C5 H9 N O2'     115.130 
Q49 non-polymer         . '(3S)-3-(3-fluorophenoxy)-1-methylpyrrolidin-2-one' ?                 'C11 H12 F N O2' 209.217 
SER 'L-peptide linking' y SERINE                                              ?                 'C3 H7 N O3'     105.093 
SO4 non-polymer         . 'SULFATE ION'                                       ?                 'O4 S -2'        96.063  
THR 'L-peptide linking' y THREONINE                                           ?                 'C4 H9 N O3'     119.119 
TRP 'L-peptide linking' y TRYPTOPHAN                                          ?                 'C11 H12 N2 O2'  204.225 
TYR 'L-peptide linking' y TYROSINE                                            ?                 'C9 H11 N O3'    181.189 
VAL 'L-peptide linking' y VALINE                                              ?                 'C5 H11 N O2'    117.146 
# 
loop_
_pdbx_poly_seq_scheme.asym_id 
_pdbx_poly_seq_scheme.entity_id 
_pdbx_poly_seq_scheme.seq_id 
_pdbx_poly_seq_scheme.mon_id 
_pdbx_poly_seq_scheme.ndb_seq_num 
_pdbx_poly_seq_scheme.pdb_seq_num 
_pdbx_poly_seq_scheme.auth_seq_num 
_pdbx_poly_seq_scheme.pdb_mon_id 
_pdbx_poly_seq_scheme.auth_mon_id 
_pdbx_poly_seq_scheme.pdb_strand_id 
_pdbx_poly_seq_scheme.pdb_ins_code 
_pdbx_poly_seq_scheme.hetero 
A 1 1   MET 1   7   ?   ?   ?   B . n 
A 1 2   HIS 2   8   8   HIS HIS B . n 
A 1 3   HIS 3   9   9   HIS HIS B . n 
A 1 4   HIS 4   10  10  HIS HIS B . n 
A 1 5   HIS 5   11  11  HIS HIS B . n 
A 1 6   HIS 6   12  12  HIS HIS B . n 
A 1 7   HIS 7   13  13  HIS HIS B . n 
A 1 8   MET 8   14  14  MET MET B . n 
A 1 9   VAL 9   15  15  VAL VAL B . n 
A 1 10  HIS 10  16  16  HIS HIS B . n 
A 1 11  ILE 11  17  17  ILE ILE B . n 
A 1 12  THR 12  18  18  THR THR B . n 
A 1 13  LEU 13  19  19  LEU LEU B . n 
A 1 14  ASP 14  20  20  ASP ASP B . n 
A 1 15  ARG 15  21  21  ARG ARG B . n 
A 1 16  ASN 16  22  22  ASN ASN B . n 
A 1 17  THR 17  23  23  THR THR B . n 
A 1 18  ALA 18  24  24  ALA ALA B . n 
A 1 19  ASN 19  25  25  ASN ASN B . n 
A 1 20  SER 20  26  26  SER SER B . n 
A 1 21  TRP 21  27  27  TRP TRP B . n 
A 1 22  LEU 22  28  28  LEU LEU B . n 
A 1 23  ILE 23  29  29  ILE ILE B . n 
A 1 24  ILE 24  30  30  ILE ILE B . n 
A 1 25  SER 25  31  31  SER SER B . n 
A 1 26  LYS 26  32  32  LYS LYS B . n 
A 1 27  ASP 27  33  33  ASP ASP B . n 
A 1 28  ARG 28  34  34  ARG ARG B . n 
A 1 29  ARG 29  35  35  ARG ARG B . n 
A 1 30  GLN 30  36  36  GLN GLN B . n 
A 1 31  VAL 31  37  37  VAL VAL B . n 
A 1 32  ARG 32  38  38  ARG ARG B . n 
A 1 33  MET 33  39  39  MET MET B . n 
A 1 34  GLY 34  40  40  GLY GLY B . n 
A 1 35  ASP 35  41  41  ASP ASP B . n 
A 1 36  THR 36  42  42  THR THR B . n 
A 1 37  HIS 37  43  43  HIS HIS B . n 
A 1 38  GLN 38  44  44  GLN GLN B . n 
A 1 39  ASN 39  45  45  ASN ASN B . n 
A 1 40  VAL 40  46  46  VAL VAL B . n 
A 1 41  SER 41  47  47  SER SER B . n 
A 1 42  ASP 42  48  48  ASP ASP B . n 
A 1 43  ASN 43  49  49  ASN ASN B . n 
A 1 44  LYS 44  50  50  LYS LYS B . n 
A 1 45  GLU 45  51  51  GLU GLU B . n 
A 1 46  ARG 46  52  52  ARG ARG B . n 
A 1 47  PHE 47  53  53  PHE PHE B . n 
A 1 48  SER 48  54  54  SER SER B . n 
A 1 49  ASN 49  55  55  ASN ASN B . n 
A 1 50  TYR 50  56  56  TYR TYR B . n 
A 1 51  PRO 51  57  57  PRO PRO B . n 
A 1 52  MET 52  58  58  MET MET B . n 
A 1 53  VAL 53  59  59  VAL VAL B . n 
A 1 54  LEU 54  60  60  LEU LEU B . n 
A 1 55  GLY 55  61  61  GLY GLY B . n 
A 1 56  ALA 56  62  62  ALA ALA B . n 
A 1 57  GLN 57  63  63  GLN GLN B . n 
A 1 58  ARG 58  64  64  ARG ARG B . n 
A 1 59  PHE 59  65  65  PHE PHE B . n 
A 1 60  SER 60  66  66  SER SER B . n 
A 1 61  SER 61  67  67  SER SER B . n 
A 1 62  GLY 62  68  68  GLY GLY B . n 
A 1 63  LYS 63  69  69  LYS LYS B . n 
A 1 64  MET 64  70  70  MET MET B . n 
A 1 65  TYR 65  71  71  TYR TYR B . n 
A 1 66  TRP 66  72  72  TRP TRP B . n 
A 1 67  GLU 67  73  73  GLU GLU B . n 
A 1 68  VAL 68  74  74  VAL VAL B . n 
A 1 69  ASP 69  75  75  ASP ASP B . n 
A 1 70  VAL 70  76  76  VAL VAL B . n 
A 1 71  THR 71  77  77  THR THR B . n 
A 1 72  GLN 72  78  78  GLN GLN B . n 
A 1 73  LYS 73  79  79  LYS LYS B . n 
A 1 74  GLU 74  80  80  GLU GLU B . n 
A 1 75  ALA 75  81  81  ALA ALA B . n 
A 1 76  TRP 76  82  82  TRP TRP B . n 
A 1 77  ASP 77  83  83  ASP ASP B . n 
A 1 78  LEU 78  84  84  LEU LEU B . n 
A 1 79  GLY 79  85  85  GLY GLY B . n 
A 1 80  VAL 80  86  86  VAL VAL B . n 
A 1 81  CYS 81  87  87  CYS CYS B . n 
A 1 82  ARG 82  88  88  ARG ARG B . n 
A 1 83  ASP 83  89  89  ASP ASP B . n 
A 1 84  SER 84  90  90  SER SER B . n 
A 1 85  VAL 85  91  91  VAL VAL B . n 
A 1 86  GLN 86  92  92  GLN GLN B . n 
A 1 87  ARG 87  93  93  ARG ARG B . n 
A 1 88  LYS 88  94  94  LYS LYS B . n 
A 1 89  GLY 89  95  95  GLY GLY B . n 
A 1 90  GLN 90  96  96  GLN GLN B . n 
A 1 91  PHE 91  97  97  PHE PHE B . n 
A 1 92  SER 92  98  98  SER SER B . n 
A 1 93  LEU 93  99  99  LEU LEU B . n 
A 1 94  SER 94  100 100 SER SER B . n 
A 1 95  PRO 95  101 101 PRO PRO B . n 
A 1 96  GLU 96  102 102 GLU GLU B . n 
A 1 97  ASN 97  103 103 ASN ASN B . n 
A 1 98  GLY 98  104 104 GLY GLY B . n 
A 1 99  PHE 99  105 105 PHE PHE B . n 
A 1 100 TRP 100 106 106 TRP TRP B . n 
A 1 101 THR 101 107 107 THR THR B . n 
A 1 102 ILE 102 108 108 ILE ILE B . n 
A 1 103 TRP 103 109 109 TRP TRP B . n 
A 1 104 LEU 104 110 110 LEU LEU B . n 
A 1 105 TRP 105 111 111 TRP TRP B . n 
A 1 106 GLN 106 112 112 GLN GLN B . n 
A 1 107 ASP 107 113 113 ASP ASP B . n 
A 1 108 SER 108 114 114 SER SER B . n 
A 1 109 TYR 109 115 115 TYR TYR B . n 
A 1 110 GLU 110 116 116 GLU GLU B . n 
A 1 111 ALA 111 117 117 ALA ALA B . n 
A 1 112 GLY 112 118 118 GLY GLY B . n 
A 1 113 THR 113 119 119 THR THR B . n 
A 1 114 SER 114 120 120 SER SER B . n 
A 1 115 PRO 115 121 121 PRO PRO B . n 
A 1 116 GLN 116 122 122 GLN GLN B . n 
A 1 117 THR 117 123 123 THR THR B . n 
A 1 118 THR 118 124 124 THR THR B . n 
A 1 119 LEU 119 125 125 LEU LEU B . n 
A 1 120 HIS 120 126 126 HIS HIS B . n 
A 1 121 ILE 121 127 127 ILE ILE B . n 
A 1 122 GLN 122 128 128 GLN GLN B . n 
A 1 123 VAL 123 129 129 VAL VAL B . n 
A 1 124 PRO 124 130 130 PRO PRO B . n 
A 1 125 PRO 125 131 131 PRO PRO B . n 
A 1 126 CYS 126 132 132 CYS CYS B . n 
A 1 127 GLN 127 133 133 GLN GLN B . n 
A 1 128 ILE 128 134 134 ILE ILE B . n 
A 1 129 GLY 129 135 135 GLY GLY B . n 
A 1 130 ILE 130 136 136 ILE ILE B . n 
A 1 131 PHE 131 137 137 PHE PHE B . n 
A 1 132 VAL 132 138 138 VAL VAL B . n 
A 1 133 ASP 133 139 139 ASP ASP B . n 
A 1 134 TYR 134 140 140 TYR TYR B . n 
A 1 135 GLU 135 141 141 GLU GLU B . n 
A 1 136 ALA 136 142 142 ALA ALA B . n 
A 1 137 GLY 137 143 143 GLY GLY B . n 
A 1 138 VAL 138 144 144 VAL VAL B . n 
A 1 139 VAL 139 145 145 VAL VAL B . n 
A 1 140 SER 140 146 146 SER SER B . n 
A 1 141 PHE 141 147 147 PHE PHE B . n 
A 1 142 TYR 142 148 148 TYR TYR B . n 
A 1 143 ASN 143 149 149 ASN ASN B . n 
A 1 144 ILE 144 150 150 ILE ILE B . n 
A 1 145 THR 145 151 151 THR THR B . n 
A 1 146 ASP 146 152 152 ASP ASP B . n 
A 1 147 HIS 147 153 153 HIS HIS B . n 
A 1 148 GLY 148 154 154 GLY GLY B . n 
A 1 149 SER 149 155 155 SER SER B . n 
A 1 150 LEU 150 156 156 LEU LEU B . n 
A 1 151 ILE 151 157 157 ILE ILE B . n 
A 1 152 TYR 152 158 158 TYR TYR B . n 
A 1 153 THR 153 159 159 THR THR B . n 
A 1 154 PHE 154 160 160 PHE PHE B . n 
A 1 155 SER 155 161 161 SER SER B . n 
A 1 156 GLU 156 162 162 GLU GLU B . n 
A 1 157 CYS 157 163 163 CYS CYS B . n 
A 1 158 VAL 158 164 164 VAL VAL B . n 
A 1 159 PHE 159 165 165 PHE PHE B . n 
A 1 160 ALA 160 166 166 ALA ALA B . n 
A 1 161 GLY 161 167 167 GLY GLY B . n 
A 1 162 PRO 162 168 168 PRO PRO B . n 
A 1 163 LEU 163 169 169 LEU LEU B . n 
A 1 164 ARG 164 170 170 ARG ARG B . n 
A 1 165 PRO 165 171 171 PRO PRO B . n 
A 1 166 PHE 166 172 172 PHE PHE B . n 
A 1 167 PHE 167 173 173 PHE PHE B . n 
A 1 168 ASN 168 174 174 ASN ASN B . n 
A 1 169 VAL 169 175 175 VAL VAL B . n 
A 1 170 GLY 170 176 176 GLY GLY B . n 
A 1 171 PHE 171 177 177 PHE PHE B . n 
A 1 172 ASN 172 178 178 ASN ASN B . n 
A 1 173 TYR 173 179 179 TYR TYR B . n 
A 1 174 SER 174 180 180 SER SER B . n 
A 1 175 GLY 175 181 181 GLY GLY B . n 
A 1 176 GLY 176 182 182 GLY GLY B . n 
A 1 177 ASN 177 183 183 ASN ASN B . n 
A 1 178 ALA 178 184 184 ALA ALA B . n 
A 1 179 ALA 179 185 185 ALA ALA B . n 
A 1 180 PRO 180 186 186 PRO PRO B . n 
A 1 181 LEU 181 187 187 LEU LEU B . n 
A 1 182 LYS 182 188 188 LYS LYS B . n 
A 1 183 LEU 183 189 189 LEU LEU B . n 
A 1 184 CYS 184 190 190 CYS CYS B . n 
A 1 185 PRO 185 191 191 PRO PRO B . n 
A 1 186 LEU 186 192 192 LEU LEU B . n 
A 1 187 LYS 187 193 ?   ?   ?   B . n 
A 1 188 MET 188 194 ?   ?   ?   B . n 
# 
_pdbx_entity_instance_feature.ordinal        1 
_pdbx_entity_instance_feature.comp_id        Q49 
_pdbx_entity_instance_feature.asym_id        ? 
_pdbx_entity_instance_feature.seq_num        ? 
_pdbx_entity_instance_feature.auth_comp_id   Q49 
_pdbx_entity_instance_feature.auth_asym_id   ? 
_pdbx_entity_instance_feature.auth_seq_num   ? 
_pdbx_entity_instance_feature.feature_type   'SUBJECT OF INVESTIGATION' 
_pdbx_entity_instance_feature.details        ? 
# 
loop_
_pdbx_nonpoly_scheme.asym_id 
_pdbx_nonpoly_scheme.entity_id 
_pdbx_nonpoly_scheme.mon_id 
_pdbx_nonpoly_scheme.ndb_seq_num 
_pdbx_nonpoly_scheme.pdb_seq_num 
_pdbx_nonpoly_scheme.auth_seq_num 
_pdbx_nonpoly_scheme.pdb_mon_id 
_pdbx_nonpoly_scheme.auth_mon_id 
_pdbx_nonpoly_scheme.pdb_strand_id 
_pdbx_nonpoly_scheme.pdb_ins_code 
B 2 Q49 1  201 302 Q49 LIG B . 
C 3 EDO 1  202 305 EDO EDO B . 
D 4 SO4 1  203 1   SO4 SO4 B . 
E 5 HOH 1  301 9   HOH HOH B . 
E 5 HOH 2  302 29  HOH HOH B . 
E 5 HOH 3  303 2   HOH HOH B . 
E 5 HOH 4  304 63  HOH HOH B . 
E 5 HOH 5  305 33  HOH HOH B . 
E 5 HOH 6  306 27  HOH HOH B . 
E 5 HOH 7  307 40  HOH HOH B . 
E 5 HOH 8  308 95  HOH HOH B . 
E 5 HOH 9  309 11  HOH HOH B . 
E 5 HOH 10 310 85  HOH HOH B . 
E 5 HOH 11 311 27  HOH HOH B . 
E 5 HOH 12 312 25  HOH HOH B . 
E 5 HOH 13 313 72  HOH HOH B . 
E 5 HOH 14 314 22  HOH HOH B . 
E 5 HOH 15 315 2   HOH HOH B . 
E 5 HOH 16 316 4   HOH HOH B . 
E 5 HOH 17 317 20  HOH HOH B . 
E 5 HOH 18 318 28  HOH HOH B . 
E 5 HOH 19 319 59  HOH HOH B . 
E 5 HOH 20 320 4   HOH HOH B . 
E 5 HOH 21 321 30  HOH HOH B . 
E 5 HOH 22 322 1   HOH HOH B . 
E 5 HOH 23 323 62  HOH HOH B . 
E 5 HOH 24 324 304 HOH HOH B . 
E 5 HOH 25 325 24  HOH HOH B . 
E 5 HOH 26 326 8   HOH HOH B . 
E 5 HOH 27 327 3   HOH HOH B . 
E 5 HOH 28 328 23  HOH HOH B . 
E 5 HOH 29 329 25  HOH HOH B . 
E 5 HOH 30 330 129 HOH HOH B . 
E 5 HOH 31 331 257 HOH HOH B . 
E 5 HOH 32 332 41  HOH HOH B . 
E 5 HOH 33 333 22  HOH HOH B . 
E 5 HOH 34 334 53  HOH HOH B . 
# 
loop_
_pdbx_unobs_or_zero_occ_atoms.id 
_pdbx_unobs_or_zero_occ_atoms.PDB_model_num 
_pdbx_unobs_or_zero_occ_atoms.polymer_flag 
_pdbx_unobs_or_zero_occ_atoms.occupancy_flag 
_pdbx_unobs_or_zero_occ_atoms.auth_asym_id 
_pdbx_unobs_or_zero_occ_atoms.auth_comp_id 
_pdbx_unobs_or_zero_occ_atoms.auth_seq_id 
_pdbx_unobs_or_zero_occ_atoms.PDB_ins_code 
_pdbx_unobs_or_zero_occ_atoms.auth_atom_id 
_pdbx_unobs_or_zero_occ_atoms.label_alt_id 
_pdbx_unobs_or_zero_occ_atoms.label_asym_id 
_pdbx_unobs_or_zero_occ_atoms.label_comp_id 
_pdbx_unobs_or_zero_occ_atoms.label_seq_id 
_pdbx_unobs_or_zero_occ_atoms.label_atom_id 
1 1 Y 1 B LEU 192 ? CG  ? A LEU 186 CG  
2 1 Y 1 B LEU 192 ? CD1 ? A LEU 186 CD1 
3 1 Y 1 B LEU 192 ? CD2 ? A LEU 186 CD2 
# 
loop_
_software.pdbx_ordinal 
_software.name 
_software.version 
_software.date 
_software.type 
_software.contact_author 
_software.contact_author_email 
_software.classification 
_software.location 
_software.language 
_software.citation_id 
1 REFMAC      5.8.0267 ?               program 'Garib N. Murshudov' garib@ysbl.york.ac.uk    refinement        
http://www.ccp4.ac.uk/dist/html/refmac5.html        Fortran_77 ? 
2 Aimless     0.7.7    23/04/21        program 'Phil Evans'         ?                        'data scaling'    
http://www.mrc-lmb.cam.ac.uk/harry/pre/aimless.html ?          ? 
3 PDB_EXTRACT 3.23     'SEP. 23, 2016' package PDB                  deposit@deposit.rcsb.org 'data extraction' 
http://sw-tools.pdb.org/apps/PDB_EXTRACT/           C++        ? 
4 XDS         .        ?               program ?                    ?                        'data reduction'  ? ?          ? 
5 REFMAC      .        ?               program ?                    ?                        phasing           ? ?          ? 
# 
_cell.entry_id           7HN0 
_cell.length_a           95.422 
_cell.length_b           95.422 
_cell.length_c           45.916 
_cell.angle_alpha        90.000 
_cell.angle_beta         90.000 
_cell.angle_gamma        90.000 
_cell.Z_PDB              8 
_cell.pdbx_unique_axis   ? 
# 
_symmetry.entry_id                         7HN0 
_symmetry.space_group_name_H-M             'I 4' 
_symmetry.pdbx_full_space_group_name_H-M   ? 
_symmetry.cell_setting                     ? 
_symmetry.Int_Tables_number                79 
# 
_exptl.crystals_number   1 
_exptl.entry_id          7HN0 
_exptl.method            'X-RAY DIFFRACTION' 
# 
_exptl_crystal.id                    1 
_exptl_crystal.pdbx_mosaicity        0.000 
_exptl_crystal.pdbx_mosaicity_esd    ? 
_exptl_crystal.density_Matthews      2.42 
_exptl_crystal.density_diffrn        ? 
_exptl_crystal.density_meas          ? 
_exptl_crystal.density_meas_temp     ? 
_exptl_crystal.density_percent_sol   49.17 
_exptl_crystal.size_max              ? 
_exptl_crystal.size_mid              ? 
_exptl_crystal.size_min              ? 
_exptl_crystal.size_rad              ? 
_exptl_crystal.description           ? 
# 
_exptl_crystal_grow.crystal_id      1 
_exptl_crystal_grow.method          'VAPOR DIFFUSION, SITTING DROP' 
_exptl_crystal_grow.pH              8 
_exptl_crystal_grow.temp            293 
_exptl_crystal_grow.pdbx_details    '4 % PEG 400, 2 M AmmSO4, 0.1 M HEPES pH 8' 
_exptl_crystal_grow.temp_details    ? 
_exptl_crystal_grow.pdbx_pH_range   ? 
# 
_diffrn.id                     1 
_diffrn.ambient_temp           100 
_diffrn.crystal_id             1 
_diffrn.ambient_temp_details   ? 
# 
_diffrn_detector.detector               PIXEL 
_diffrn_detector.type                   'DECTRIS EIGER2 XE 9M' 
_diffrn_detector.pdbx_collection_date   2024-05-24 
_diffrn_detector.diffrn_id              1 
_diffrn_detector.details                ? 
# 
_diffrn_radiation.diffrn_id                        1 
_diffrn_radiation.wavelength_id                    1 
_diffrn_radiation.pdbx_diffrn_protocol             'SINGLE WAVELENGTH' 
_diffrn_radiation.pdbx_monochromatic_or_laue_m_l   ? 
_diffrn_radiation.monochromator                    ? 
_diffrn_radiation.pdbx_scattering_type             x-ray 
# 
_diffrn_radiation_wavelength.id           1 
_diffrn_radiation_wavelength.wavelength   0.92124 
_diffrn_radiation_wavelength.wt           1.0 
# 
_diffrn_source.diffrn_id                   1 
_diffrn_source.source                      SYNCHROTRON 
_diffrn_source.type                        'DIAMOND BEAMLINE I04-1' 
_diffrn_source.pdbx_wavelength_list        0.92124 
_diffrn_source.pdbx_synchrotron_site       Diamond 
_diffrn_source.pdbx_synchrotron_beamline   I04-1 
_diffrn_source.pdbx_wavelength             ? 
# 
_reflns.entry_id                     7HN0 
_reflns.pdbx_diffrn_id               1 
_reflns.pdbx_ordinal                 1 
_reflns.observed_criterion_sigma_I   ? 
_reflns.observed_criterion_sigma_F   ? 
_reflns.d_resolution_low             41.370 
_reflns.d_resolution_high            1.330 
_reflns.number_obs                   46750 
_reflns.number_all                   ? 
_reflns.percent_possible_obs         98.400 
_reflns.pdbx_Rmerge_I_obs            0.084 
_reflns.pdbx_Rsym_value              ? 
_reflns.pdbx_netI_over_sigmaI        15.400 
_reflns.B_iso_Wilson_estimate        ? 
_reflns.pdbx_redundancy              11.800 
_reflns.pdbx_Rrim_I_all              0.087 
_reflns.pdbx_Rpim_I_all              0.024 
_reflns.pdbx_CC_half                 0.999 
_reflns.pdbx_netI_over_av_sigmaI     ? 
_reflns.pdbx_number_measured_all     552340 
_reflns.pdbx_scaling_rejects         0 
_reflns.pdbx_chi_squared             ? 
_reflns.Rmerge_F_all                 ? 
_reflns.Rmerge_F_obs                 ? 
_reflns.observed_criterion_F_max     ? 
_reflns.observed_criterion_F_min     ? 
_reflns.observed_criterion_I_max     ? 
_reflns.observed_criterion_I_min     ? 
_reflns.pdbx_d_res_high_opt          ? 
_reflns.pdbx_d_res_low_opt           ? 
_reflns.details                      ? 
# 
loop_
_reflns_shell.pdbx_diffrn_id 
_reflns_shell.pdbx_ordinal 
_reflns_shell.d_res_high 
_reflns_shell.d_res_low 
_reflns_shell.number_measured_obs 
_reflns_shell.number_measured_all 
_reflns_shell.number_unique_obs 
_reflns_shell.pdbx_rejects 
_reflns_shell.Rmerge_I_obs 
_reflns_shell.meanI_over_sigI_obs 
_reflns_shell.pdbx_Rsym_value 
_reflns_shell.pdbx_chi_squared 
_reflns_shell.pdbx_redundancy 
_reflns_shell.percent_possible_obs 
_reflns_shell.pdbx_netI_over_sigmaI_obs 
_reflns_shell.number_possible 
_reflns_shell.number_unique_all 
_reflns_shell.Rmerge_F_all 
_reflns_shell.Rmerge_F_obs 
_reflns_shell.Rmerge_I_all 
_reflns_shell.meanI_over_sigI_all 
_reflns_shell.percent_possible_all 
_reflns_shell.pdbx_Rrim_I_all 
_reflns_shell.pdbx_Rpim_I_all 
_reflns_shell.pdbx_CC_half 
1 1 1.330 1.350  ? 11436 1971 ? 1.620 ? ? ? 5.800  ? 0.500  ? ? ? ? ? ? 84.200 1.780 0.710 0.356 
1 2 7.280 41.370 ? 3855  316  ? 0.058 ? ? ? 12.200 ? 84.900 ? ? ? ? ? ? 99.600 0.061 0.018 0.991 
# 
_refine.entry_id                                 7HN0 
_refine.pdbx_refine_id                           'X-RAY DIFFRACTION' 
_refine.ls_d_res_high                            1.3300 
_refine.ls_d_res_low                             41.4100 
_refine.pdbx_ls_sigma_F                          0.000 
_refine.pdbx_data_cutoff_high_absF               ? 
_refine.pdbx_data_cutoff_low_absF                ? 
_refine.ls_percent_reflns_obs                    98.1300 
_refine.ls_number_reflns_obs                     44448 
_refine.ls_number_reflns_all                     ? 
_refine.pdbx_ls_cross_valid_method               THROUGHOUT 
_refine.ls_matrix_type                           ? 
_refine.pdbx_R_Free_selection_details            RANDOM 
_refine.details                                  
'HYDROGENS HAVE BEEN ADDED IN THE RIDING POSITIONS U VALUES      : REFINED INDIVIDUALLY' 
_refine.ls_R_factor_all                          ? 
_refine.ls_R_factor_obs                          0.1825 
_refine.ls_R_factor_R_work                       0.1814 
_refine.ls_wR_factor_R_work                      ? 
_refine.ls_R_factor_R_free                       0.2040 
_refine.ls_wR_factor_R_free                      ? 
_refine.ls_percent_reflns_R_free                 4.8000 
_refine.ls_number_reflns_R_free                  2252 
_refine.ls_number_reflns_R_work                  ? 
_refine.ls_R_factor_R_free_error                 ? 
_refine.B_iso_mean                               17.8420 
_refine.solvent_model_param_bsol                 ? 
_refine.solvent_model_param_ksol                 ? 
_refine.pdbx_isotropic_thermal_model             ? 
_refine.aniso_B[1][1]                            0.1600 
_refine.aniso_B[2][2]                            0.1600 
_refine.aniso_B[3][3]                            -0.3100 
_refine.aniso_B[1][2]                            0.0000 
_refine.aniso_B[1][3]                            0.0000 
_refine.aniso_B[2][3]                            -0.0000 
_refine.correlation_coeff_Fo_to_Fc               0.9680 
_refine.correlation_coeff_Fo_to_Fc_free          0.9590 
_refine.overall_SU_R_Cruickshank_DPI             ? 
_refine.pdbx_overall_SU_R_free_Cruickshank_DPI   ? 
_refine.pdbx_overall_SU_R_Blow_DPI               ? 
_refine.pdbx_overall_SU_R_free_Blow_DPI          ? 
_refine.overall_SU_R_free                        ? 
_refine.pdbx_overall_ESU_R                       0.0610 
_refine.pdbx_overall_ESU_R_Free                  0.0610 
_refine.overall_SU_ML                            0.0520 
_refine.overall_SU_B                             1.3630 
_refine.solvent_model_details                    MASK 
_refine.pdbx_solvent_vdw_probe_radii             1.2000 
_refine.pdbx_solvent_ion_probe_radii             0.8000 
_refine.pdbx_solvent_shrinkage_radii             0.8000 
_refine.ls_number_parameters                     ? 
_refine.ls_number_restraints                     ? 
_refine.pdbx_starting_model                      ? 
_refine.pdbx_method_to_determine_struct          'FOURIER SYNTHESIS' 
_refine.pdbx_stereochemistry_target_values       'MAXIMUM LIKELIHOOD' 
_refine.pdbx_stereochem_target_val_spec_case     ? 
_refine.overall_FOM_work_R_set                   ? 
_refine.B_iso_max                                82.370 
_refine.B_iso_min                                9.080 
_refine.pdbx_overall_phase_error                 ? 
_refine.occupancy_max                            ? 
_refine.occupancy_min                            ? 
_refine.pdbx_diffrn_id                           1 
_refine.pdbx_TLS_residual_ADP_flag               ? 
_refine.pdbx_ls_sigma_I                          ? 
_refine.pdbx_data_cutoff_high_rms_absF           ? 
_refine.ls_R_factor_R_free_error_details         ? 
# 
_refine_hist.cycle_id                         final 
_refine_hist.pdbx_refine_id                   'X-RAY DIFFRACTION' 
_refine_hist.d_res_high                       1.3300 
_refine_hist.d_res_low                        41.4100 
_refine_hist.pdbx_number_atoms_ligand         24 
_refine_hist.number_atoms_solvent             34 
_refine_hist.number_atoms_total               1551 
_refine_hist.pdbx_number_residues_total       185 
_refine_hist.pdbx_B_iso_mean_ligand           36.04 
_refine_hist.pdbx_B_iso_mean_solvent          25.42 
_refine_hist.pdbx_number_atoms_protein        1493 
_refine_hist.pdbx_number_atoms_nucleic_acid   0 
# 
loop_
_refine_ls_restr.pdbx_refine_id 
_refine_ls_restr.type 
_refine_ls_restr.number 
_refine_ls_restr.dev_ideal 
_refine_ls_restr.dev_ideal_target 
_refine_ls_restr.weight 
_refine_ls_restr.pdbx_restraint_function 
'X-RAY DIFFRACTION' r_bond_refined_d       2368 0.011  0.014  ? ? 
'X-RAY DIFFRACTION' r_bond_other_d         1732 0.001  0.015  ? ? 
'X-RAY DIFFRACTION' r_angle_refined_deg    2734 1.741  1.640  ? ? 
'X-RAY DIFFRACTION' r_angle_other_deg      3990 1.450  1.578  ? ? 
'X-RAY DIFFRACTION' r_dihedral_angle_1_deg 256  6.993  5.000  ? ? 
'X-RAY DIFFRACTION' r_dihedral_angle_2_deg 121  26.164 21.405 ? ? 
'X-RAY DIFFRACTION' r_dihedral_angle_3_deg 300  11.944 15.000 ? ? 
'X-RAY DIFFRACTION' r_dihedral_angle_4_deg 15   21.990 15.000 ? ? 
'X-RAY DIFFRACTION' r_chiral_restr         234  0.086  0.200  ? ? 
'X-RAY DIFFRACTION' r_gen_planes_refined   2460 0.010  0.020  ? ? 
'X-RAY DIFFRACTION' r_gen_planes_other     554  0.002  0.020  ? ? 
'X-RAY DIFFRACTION' r_mcbond_it            1181 1.354  1.691  ? ? 
'X-RAY DIFFRACTION' r_mcbond_other         1065 1.409  1.543  ? ? 
'X-RAY DIFFRACTION' r_mcangle_it           1228 2.274  2.337  ? ? 
# 
_refine_ls_shell.d_res_high                       1.3300 
_refine_ls_shell.d_res_low                        1.3650 
_refine_ls_shell.pdbx_total_number_of_bins_used   20 
_refine_ls_shell.percent_reflns_obs               83.8500 
_refine_ls_shell.number_reflns_R_work             2816 
_refine_ls_shell.R_factor_all                     ? 
_refine_ls_shell.R_factor_R_work                  0.3610 
_refine_ls_shell.R_factor_R_free                  0.3750 
_refine_ls_shell.percent_reflns_R_free            ? 
_refine_ls_shell.number_reflns_R_free             133 
_refine_ls_shell.R_factor_R_free_error            ? 
_refine_ls_shell.number_reflns_all                2949 
_refine_ls_shell.number_reflns_obs                ? 
_refine_ls_shell.pdbx_refine_id                   'X-RAY DIFFRACTION' 
# 
_struct.entry_id                  7HN0 
_struct.title                     'PanDDA analysis group deposition -- Crystal Structure of TRIM21 in complex with Z1217960891' 
_struct.pdbx_model_details        ? 
_struct.pdbx_CASP_flag            ? 
_struct.pdbx_model_type_details   ? 
# 
_struct_keywords.entry_id        7HN0 
_struct_keywords.text            'SGC - Diamond I04-1 fragment screening, PanDDA, XChemExplorer, TRIM21, LIGASE' 
_struct_keywords.pdbx_keywords   LIGASE 
# 
loop_
_struct_asym.id 
_struct_asym.pdbx_blank_PDB_chainid_flag 
_struct_asym.pdbx_modified 
_struct_asym.entity_id 
_struct_asym.details 
A N N 1 ? 
B N N 2 ? 
C N N 3 ? 
D N N 4 ? 
E N N 5 ? 
# 
_struct_ref.id                         1 
_struct_ref.db_name                    UNP 
_struct_ref.db_code                    RO52_MOUSE 
_struct_ref.pdbx_db_accession          Q62191 
_struct_ref.pdbx_db_isoform            ? 
_struct_ref.entity_id                  1 
_struct_ref.pdbx_seq_one_letter_code   
;VHITLDRNTANSWLIISKDRRQVRMGDTHQNVSDNKERFSNYPMVLGAQRFSSGKMYWEVDVTQKEAWDLGVCRDSVQRK
GQFSLSPENGFWTIWLWQDSYEAGTSPQTTLHIQVPPCQIGIFVDYEAGVVSFYNITDHGSLIYTFSECVFAGPLRPFFN
VGFNYSGGNAAPLKLCPLKM
;
_struct_ref.pdbx_align_begin           291 
# 
_struct_ref_seq.align_id                      1 
_struct_ref_seq.ref_id                        1 
_struct_ref_seq.pdbx_PDB_id_code              7HN0 
_struct_ref_seq.pdbx_strand_id                B 
_struct_ref_seq.seq_align_beg                 9 
_struct_ref_seq.pdbx_seq_align_beg_ins_code   ? 
_struct_ref_seq.seq_align_end                 188 
_struct_ref_seq.pdbx_seq_align_end_ins_code   ? 
_struct_ref_seq.pdbx_db_accession             Q62191 
_struct_ref_seq.db_align_beg                  291 
_struct_ref_seq.pdbx_db_align_beg_ins_code    ? 
_struct_ref_seq.db_align_end                  470 
_struct_ref_seq.pdbx_db_align_end_ins_code    ? 
_struct_ref_seq.pdbx_auth_seq_align_beg       15 
_struct_ref_seq.pdbx_auth_seq_align_end       194 
# 
loop_
_struct_ref_seq_dif.align_id 
_struct_ref_seq_dif.pdbx_pdb_id_code 
_struct_ref_seq_dif.mon_id 
_struct_ref_seq_dif.pdbx_pdb_strand_id 
_struct_ref_seq_dif.seq_num 
_struct_ref_seq_dif.pdbx_pdb_ins_code 
_struct_ref_seq_dif.pdbx_seq_db_name 
_struct_ref_seq_dif.pdbx_seq_db_accession_code 
_struct_ref_seq_dif.db_mon_id 
_struct_ref_seq_dif.pdbx_seq_db_seq_num 
_struct_ref_seq_dif.details 
_struct_ref_seq_dif.pdbx_auth_seq_num 
_struct_ref_seq_dif.pdbx_ordinal 
1 7HN0 MET B 1 ? UNP Q62191 ? ? 'initiating methionine' 7  1 
1 7HN0 HIS B 2 ? UNP Q62191 ? ? 'expression tag'        8  2 
1 7HN0 HIS B 3 ? UNP Q62191 ? ? 'expression tag'        9  3 
1 7HN0 HIS B 4 ? UNP Q62191 ? ? 'expression tag'        10 4 
1 7HN0 HIS B 5 ? UNP Q62191 ? ? 'expression tag'        11 5 
1 7HN0 HIS B 6 ? UNP Q62191 ? ? 'expression tag'        12 6 
1 7HN0 HIS B 7 ? UNP Q62191 ? ? 'expression tag'        13 7 
1 7HN0 MET B 8 ? UNP Q62191 ? ? 'expression tag'        14 8 
# 
_pdbx_struct_assembly.id                   1 
_pdbx_struct_assembly.details              author_defined_assembly 
_pdbx_struct_assembly.method_details       ? 
_pdbx_struct_assembly.oligomeric_details   monomeric 
_pdbx_struct_assembly.oligomeric_count     1 
# 
_pdbx_struct_assembly_gen.assembly_id       1 
_pdbx_struct_assembly_gen.oper_expression   1 
_pdbx_struct_assembly_gen.asym_id_list      A,B,C,D,E 
# 
_pdbx_struct_oper_list.id                   1 
_pdbx_struct_oper_list.type                 'identity operation' 
_pdbx_struct_oper_list.name                 1_555 
_pdbx_struct_oper_list.symmetry_operation   x,y,z 
_pdbx_struct_oper_list.matrix[1][1]         1.0000000000 
_pdbx_struct_oper_list.matrix[1][2]         0.0000000000 
_pdbx_struct_oper_list.matrix[1][3]         0.0000000000 
_pdbx_struct_oper_list.vector[1]            0.0000000000 
_pdbx_struct_oper_list.matrix[2][1]         0.0000000000 
_pdbx_struct_oper_list.matrix[2][2]         1.0000000000 
_pdbx_struct_oper_list.matrix[2][3]         0.0000000000 
_pdbx_struct_oper_list.vector[2]            0.0000000000 
_pdbx_struct_oper_list.matrix[3][1]         0.0000000000 
_pdbx_struct_oper_list.matrix[3][2]         0.0000000000 
_pdbx_struct_oper_list.matrix[3][3]         1.0000000000 
_pdbx_struct_oper_list.vector[3]            0.0000000000 
# 
loop_
_struct_conf.conf_type_id 
_struct_conf.id 
_struct_conf.pdbx_PDB_helix_id 
_struct_conf.beg_label_comp_id 
_struct_conf.beg_label_asym_id 
_struct_conf.beg_label_seq_id 
_struct_conf.pdbx_beg_PDB_ins_code 
_struct_conf.end_label_comp_id 
_struct_conf.end_label_asym_id 
_struct_conf.end_label_seq_id 
_struct_conf.pdbx_end_PDB_ins_code 
_struct_conf.beg_auth_comp_id 
_struct_conf.beg_auth_asym_id 
_struct_conf.beg_auth_seq_id 
_struct_conf.end_auth_comp_id 
_struct_conf.end_auth_asym_id 
_struct_conf.end_auth_seq_id 
_struct_conf.pdbx_PDB_helix_class 
_struct_conf.details 
_struct_conf.pdbx_PDB_helix_length 
HELX_P HELX_P1 AA1 HIS A 4  ? MET A 8  ? HIS B 10  MET B 14  5 ? 5 
HELX_P HELX_P2 AA2 ASP A 14 ? ALA A 18 ? ASP B 20  ALA B 24  5 ? 5 
HELX_P HELX_P3 AA3 SER A 94 ? ASN A 97 ? SER B 100 ASN B 103 5 ? 4 
# 
_struct_conf_type.id          HELX_P 
_struct_conf_type.criteria    ? 
_struct_conf_type.reference   ? 
# 
_struct_mon_prot_cis.pdbx_id                1 
_struct_mon_prot_cis.label_comp_id          SER 
_struct_mon_prot_cis.label_seq_id           114 
_struct_mon_prot_cis.label_asym_id          A 
_struct_mon_prot_cis.label_alt_id           . 
_struct_mon_prot_cis.pdbx_PDB_ins_code      ? 
_struct_mon_prot_cis.auth_comp_id           SER 
_struct_mon_prot_cis.auth_seq_id            120 
_struct_mon_prot_cis.auth_asym_id           B 
_struct_mon_prot_cis.pdbx_label_comp_id_2   PRO 
_struct_mon_prot_cis.pdbx_label_seq_id_2    115 
_struct_mon_prot_cis.pdbx_label_asym_id_2   A 
_struct_mon_prot_cis.pdbx_PDB_ins_code_2    ? 
_struct_mon_prot_cis.pdbx_auth_comp_id_2    PRO 
_struct_mon_prot_cis.pdbx_auth_seq_id_2     121 
_struct_mon_prot_cis.pdbx_auth_asym_id_2    B 
_struct_mon_prot_cis.pdbx_PDB_model_num     1 
_struct_mon_prot_cis.pdbx_omega_angle       -2.71 
# 
loop_
_struct_sheet.id 
_struct_sheet.type 
_struct_sheet.number_strands 
_struct_sheet.details 
AA1 ? 7 ? 
AA2 ? 6 ? 
# 
loop_
_struct_sheet_order.sheet_id 
_struct_sheet_order.range_id_1 
_struct_sheet_order.range_id_2 
_struct_sheet_order.offset 
_struct_sheet_order.sense 
AA1 1 2 ? anti-parallel 
AA1 2 3 ? anti-parallel 
AA1 3 4 ? anti-parallel 
AA1 4 5 ? anti-parallel 
AA1 5 6 ? anti-parallel 
AA1 6 7 ? anti-parallel 
AA2 1 2 ? anti-parallel 
AA2 2 3 ? anti-parallel 
AA2 3 4 ? anti-parallel 
AA2 4 5 ? anti-parallel 
AA2 5 6 ? anti-parallel 
# 
loop_
_struct_sheet_range.sheet_id 
_struct_sheet_range.id 
_struct_sheet_range.beg_label_comp_id 
_struct_sheet_range.beg_label_asym_id 
_struct_sheet_range.beg_label_seq_id 
_struct_sheet_range.pdbx_beg_PDB_ins_code 
_struct_sheet_range.end_label_comp_id 
_struct_sheet_range.end_label_asym_id 
_struct_sheet_range.end_label_seq_id 
_struct_sheet_range.pdbx_end_PDB_ins_code 
_struct_sheet_range.beg_auth_comp_id 
_struct_sheet_range.beg_auth_asym_id 
_struct_sheet_range.beg_auth_seq_id 
_struct_sheet_range.end_auth_comp_id 
_struct_sheet_range.end_auth_asym_id 
_struct_sheet_range.end_auth_seq_id 
AA1 1 LEU A 22  ? ILE A 24  ? LEU B 28  ILE B 30  
AA1 2 GLN A 30  ? MET A 33  ? GLN B 36  MET B 39  
AA1 3 LEU A 181 ? LEU A 183 ? LEU B 187 LEU B 189 
AA1 4 LYS A 63  ? ASP A 69  ? LYS B 69  ASP B 75  
AA1 5 GLN A 127 ? ASP A 133 ? GLN B 133 ASP B 139 
AA1 6 VAL A 138 ? ASN A 143 ? VAL B 144 ASN B 149 
AA1 7 SER A 149 ? PHE A 154 ? SER B 155 PHE B 160 
AA2 1 MET A 52  ? LEU A 54  ? MET B 58  LEU B 60  
AA2 2 LEU A 163 ? ASN A 168 ? LEU B 169 ASN B 174 
AA2 3 TRP A 76  ? ARG A 82  ? TRP B 82  ARG B 88  
AA2 4 PHE A 99  ? TRP A 105 ? PHE B 105 TRP B 111 
AA2 5 SER A 108 ? ALA A 111 ? SER B 114 ALA B 117 
AA2 6 THR A 117 ? THR A 118 ? THR B 123 THR B 124 
# 
loop_
_pdbx_struct_sheet_hbond.sheet_id 
_pdbx_struct_sheet_hbond.range_id_1 
_pdbx_struct_sheet_hbond.range_id_2 
_pdbx_struct_sheet_hbond.range_1_label_atom_id 
_pdbx_struct_sheet_hbond.range_1_label_comp_id 
_pdbx_struct_sheet_hbond.range_1_label_asym_id 
_pdbx_struct_sheet_hbond.range_1_label_seq_id 
_pdbx_struct_sheet_hbond.range_1_PDB_ins_code 
_pdbx_struct_sheet_hbond.range_1_auth_atom_id 
_pdbx_struct_sheet_hbond.range_1_auth_comp_id 
_pdbx_struct_sheet_hbond.range_1_auth_asym_id 
_pdbx_struct_sheet_hbond.range_1_auth_seq_id 
_pdbx_struct_sheet_hbond.range_2_label_atom_id 
_pdbx_struct_sheet_hbond.range_2_label_comp_id 
_pdbx_struct_sheet_hbond.range_2_label_asym_id 
_pdbx_struct_sheet_hbond.range_2_label_seq_id 
_pdbx_struct_sheet_hbond.range_2_PDB_ins_code 
_pdbx_struct_sheet_hbond.range_2_auth_atom_id 
_pdbx_struct_sheet_hbond.range_2_auth_comp_id 
_pdbx_struct_sheet_hbond.range_2_auth_asym_id 
_pdbx_struct_sheet_hbond.range_2_auth_seq_id 
AA1 1 2 N ILE A 23  ? N ILE B 29  O ARG A 32  ? O ARG B 38  
AA1 2 3 N VAL A 31  ? N VAL B 37  O LEU A 181 ? O LEU B 187 
AA1 3 4 O LYS A 182 ? O LYS B 188 N ASP A 69  ? N ASP B 75  
AA1 4 5 N TRP A 66  ? N TRP B 72  O ILE A 130 ? O ILE B 136 
AA1 5 6 N PHE A 131 ? N PHE B 137 O SER A 140 ? O SER B 146 
AA1 6 7 N PHE A 141 ? N PHE B 147 O ILE A 151 ? O ILE B 157 
AA2 1 2 N VAL A 53  ? N VAL B 59  O PHE A 167 ? O PHE B 173 
AA2 2 3 O ARG A 164 ? O ARG B 170 N CYS A 81  ? N CYS B 87  
AA2 3 4 N VAL A 80  ? N VAL B 86  O TRP A 100 ? O TRP B 106 
AA2 4 5 N TRP A 105 ? N TRP B 111 O SER A 108 ? O SER B 114 
AA2 5 6 N ALA A 111 ? N ALA B 117 O THR A 117 ? O THR B 123 
# 
_pdbx_entry_details.entry_id                   7HN0 
_pdbx_entry_details.compound_details           ? 
_pdbx_entry_details.source_details             ? 
_pdbx_entry_details.nonpolymer_details         ? 
_pdbx_entry_details.sequence_details           ? 
_pdbx_entry_details.has_ligand_of_interest     Y 
_pdbx_entry_details.has_protein_modification   N 
# 
_pdbx_validate_rmsd_angle.id                         1 
_pdbx_validate_rmsd_angle.PDB_model_num              1 
_pdbx_validate_rmsd_angle.auth_atom_id_1             CG 
_pdbx_validate_rmsd_angle.auth_asym_id_1             B 
_pdbx_validate_rmsd_angle.auth_comp_id_1             ARG 
_pdbx_validate_rmsd_angle.auth_seq_id_1              64 
_pdbx_validate_rmsd_angle.PDB_ins_code_1             ? 
_pdbx_validate_rmsd_angle.label_alt_id_1             ? 
_pdbx_validate_rmsd_angle.auth_atom_id_2             CD 
_pdbx_validate_rmsd_angle.auth_asym_id_2             B 
_pdbx_validate_rmsd_angle.auth_comp_id_2             ARG 
_pdbx_validate_rmsd_angle.auth_seq_id_2              64 
_pdbx_validate_rmsd_angle.PDB_ins_code_2             ? 
_pdbx_validate_rmsd_angle.label_alt_id_2             ? 
_pdbx_validate_rmsd_angle.auth_atom_id_3             NE 
_pdbx_validate_rmsd_angle.auth_asym_id_3             B 
_pdbx_validate_rmsd_angle.auth_comp_id_3             ARG 
_pdbx_validate_rmsd_angle.auth_seq_id_3              64 
_pdbx_validate_rmsd_angle.PDB_ins_code_3             ? 
_pdbx_validate_rmsd_angle.label_alt_id_3             ? 
_pdbx_validate_rmsd_angle.angle_value                126.90 
_pdbx_validate_rmsd_angle.angle_target_value         111.80 
_pdbx_validate_rmsd_angle.angle_deviation            15.10 
_pdbx_validate_rmsd_angle.angle_standard_deviation   2.10 
_pdbx_validate_rmsd_angle.linker_flag                N 
# 
loop_
_pdbx_validate_torsion.id 
_pdbx_validate_torsion.PDB_model_num 
_pdbx_validate_torsion.auth_comp_id 
_pdbx_validate_torsion.auth_asym_id 
_pdbx_validate_torsion.auth_seq_id 
_pdbx_validate_torsion.PDB_ins_code 
_pdbx_validate_torsion.label_alt_id 
_pdbx_validate_torsion.phi 
_pdbx_validate_torsion.psi 
1 1 GLN B 78  ? ? 59.06   13.91 
2 1 ASP B 152 ? ? -104.15 51.78 
# 
_phasing.method   MR 
# 
loop_
_pdbx_unobs_or_zero_occ_residues.id 
_pdbx_unobs_or_zero_occ_residues.PDB_model_num 
_pdbx_unobs_or_zero_occ_residues.polymer_flag 
_pdbx_unobs_or_zero_occ_residues.occupancy_flag 
_pdbx_unobs_or_zero_occ_residues.auth_asym_id 
_pdbx_unobs_or_zero_occ_residues.auth_comp_id 
_pdbx_unobs_or_zero_occ_residues.auth_seq_id 
_pdbx_unobs_or_zero_occ_residues.PDB_ins_code 
_pdbx_unobs_or_zero_occ_residues.label_asym_id 
_pdbx_unobs_or_zero_occ_residues.label_comp_id 
_pdbx_unobs_or_zero_occ_residues.label_seq_id 
1 1 Y 1 B MET 7   ? A MET 1   
2 1 Y 1 B LYS 193 ? A LYS 187 
3 1 Y 1 B MET 194 ? A MET 188 
# 
loop_
_chem_comp_atom.comp_id 
_chem_comp_atom.atom_id 
_chem_comp_atom.type_symbol 
_chem_comp_atom.pdbx_aromatic_flag 
_chem_comp_atom.pdbx_stereo_config 
_chem_comp_atom.pdbx_ordinal 
ALA N    N N N 1   
ALA CA   C N S 2   
ALA C    C N N 3   
ALA O    O N N 4   
ALA CB   C N N 5   
ALA OXT  O N N 6   
ALA H    H N N 7   
ALA H2   H N N 8   
ALA HA   H N N 9   
ALA HB1  H N N 10  
ALA HB2  H N N 11  
ALA HB3  H N N 12  
ALA HXT  H N N 13  
ARG N    N N N 14  
ARG CA   C N S 15  
ARG C    C N N 16  
ARG O    O N N 17  
ARG CB   C N N 18  
ARG CG   C N N 19  
ARG CD   C N N 20  
ARG NE   N N N 21  
ARG CZ   C N N 22  
ARG NH1  N N N 23  
ARG NH2  N N N 24  
ARG OXT  O N N 25  
ARG H    H N N 26  
ARG H2   H N N 27  
ARG HA   H N N 28  
ARG HB2  H N N 29  
ARG HB3  H N N 30  
ARG HG2  H N N 31  
ARG HG3  H N N 32  
ARG HD2  H N N 33  
ARG HD3  H N N 34  
ARG HE   H N N 35  
ARG HH11 H N N 36  
ARG HH12 H N N 37  
ARG HH21 H N N 38  
ARG HH22 H N N 39  
ARG HXT  H N N 40  
ASN N    N N N 41  
ASN CA   C N S 42  
ASN C    C N N 43  
ASN O    O N N 44  
ASN CB   C N N 45  
ASN CG   C N N 46  
ASN OD1  O N N 47  
ASN ND2  N N N 48  
ASN OXT  O N N 49  
ASN H    H N N 50  
ASN H2   H N N 51  
ASN HA   H N N 52  
ASN HB2  H N N 53  
ASN HB3  H N N 54  
ASN HD21 H N N 55  
ASN HD22 H N N 56  
ASN HXT  H N N 57  
ASP N    N N N 58  
ASP CA   C N S 59  
ASP C    C N N 60  
ASP O    O N N 61  
ASP CB   C N N 62  
ASP CG   C N N 63  
ASP OD1  O N N 64  
ASP OD2  O N N 65  
ASP OXT  O N N 66  
ASP H    H N N 67  
ASP H2   H N N 68  
ASP HA   H N N 69  
ASP HB2  H N N 70  
ASP HB3  H N N 71  
ASP HD2  H N N 72  
ASP HXT  H N N 73  
CYS N    N N N 74  
CYS CA   C N R 75  
CYS C    C N N 76  
CYS O    O N N 77  
CYS CB   C N N 78  
CYS SG   S N N 79  
CYS OXT  O N N 80  
CYS H    H N N 81  
CYS H2   H N N 82  
CYS HA   H N N 83  
CYS HB2  H N N 84  
CYS HB3  H N N 85  
CYS HG   H N N 86  
CYS HXT  H N N 87  
EDO C1   C N N 88  
EDO O1   O N N 89  
EDO C2   C N N 90  
EDO O2   O N N 91  
EDO H11  H N N 92  
EDO H12  H N N 93  
EDO HO1  H N N 94  
EDO H21  H N N 95  
EDO H22  H N N 96  
EDO HO2  H N N 97  
GLN N    N N N 98  
GLN CA   C N S 99  
GLN C    C N N 100 
GLN O    O N N 101 
GLN CB   C N N 102 
GLN CG   C N N 103 
GLN CD   C N N 104 
GLN OE1  O N N 105 
GLN NE2  N N N 106 
GLN OXT  O N N 107 
GLN H    H N N 108 
GLN H2   H N N 109 
GLN HA   H N N 110 
GLN HB2  H N N 111 
GLN HB3  H N N 112 
GLN HG2  H N N 113 
GLN HG3  H N N 114 
GLN HE21 H N N 115 
GLN HE22 H N N 116 
GLN HXT  H N N 117 
GLU N    N N N 118 
GLU CA   C N S 119 
GLU C    C N N 120 
GLU O    O N N 121 
GLU CB   C N N 122 
GLU CG   C N N 123 
GLU CD   C N N 124 
GLU OE1  O N N 125 
GLU OE2  O N N 126 
GLU OXT  O N N 127 
GLU H    H N N 128 
GLU H2   H N N 129 
GLU HA   H N N 130 
GLU HB2  H N N 131 
GLU HB3  H N N 132 
GLU HG2  H N N 133 
GLU HG3  H N N 134 
GLU HE2  H N N 135 
GLU HXT  H N N 136 
GLY N    N N N 137 
GLY CA   C N N 138 
GLY C    C N N 139 
GLY O    O N N 140 
GLY OXT  O N N 141 
GLY H    H N N 142 
GLY H2   H N N 143 
GLY HA2  H N N 144 
GLY HA3  H N N 145 
GLY HXT  H N N 146 
HIS N    N N N 147 
HIS CA   C N S 148 
HIS C    C N N 149 
HIS O    O N N 150 
HIS CB   C N N 151 
HIS CG   C Y N 152 
HIS ND1  N Y N 153 
HIS CD2  C Y N 154 
HIS CE1  C Y N 155 
HIS NE2  N Y N 156 
HIS OXT  O N N 157 
HIS H    H N N 158 
HIS H2   H N N 159 
HIS HA   H N N 160 
HIS HB2  H N N 161 
HIS HB3  H N N 162 
HIS HD1  H N N 163 
HIS HD2  H N N 164 
HIS HE1  H N N 165 
HIS HE2  H N N 166 
HIS HXT  H N N 167 
HOH O    O N N 168 
HOH H1   H N N 169 
HOH H2   H N N 170 
ILE N    N N N 171 
ILE CA   C N S 172 
ILE C    C N N 173 
ILE O    O N N 174 
ILE CB   C N S 175 
ILE CG1  C N N 176 
ILE CG2  C N N 177 
ILE CD1  C N N 178 
ILE OXT  O N N 179 
ILE H    H N N 180 
ILE H2   H N N 181 
ILE HA   H N N 182 
ILE HB   H N N 183 
ILE HG12 H N N 184 
ILE HG13 H N N 185 
ILE HG21 H N N 186 
ILE HG22 H N N 187 
ILE HG23 H N N 188 
ILE HD11 H N N 189 
ILE HD12 H N N 190 
ILE HD13 H N N 191 
ILE HXT  H N N 192 
LEU N    N N N 193 
LEU CA   C N S 194 
LEU C    C N N 195 
LEU O    O N N 196 
LEU CB   C N N 197 
LEU CG   C N N 198 
LEU CD1  C N N 199 
LEU CD2  C N N 200 
LEU OXT  O N N 201 
LEU H    H N N 202 
LEU H2   H N N 203 
LEU HA   H N N 204 
LEU HB2  H N N 205 
LEU HB3  H N N 206 
LEU HG   H N N 207 
LEU HD11 H N N 208 
LEU HD12 H N N 209 
LEU HD13 H N N 210 
LEU HD21 H N N 211 
LEU HD22 H N N 212 
LEU HD23 H N N 213 
LEU HXT  H N N 214 
LYS N    N N N 215 
LYS CA   C N S 216 
LYS C    C N N 217 
LYS O    O N N 218 
LYS CB   C N N 219 
LYS CG   C N N 220 
LYS CD   C N N 221 
LYS CE   C N N 222 
LYS NZ   N N N 223 
LYS OXT  O N N 224 
LYS H    H N N 225 
LYS H2   H N N 226 
LYS HA   H N N 227 
LYS HB2  H N N 228 
LYS HB3  H N N 229 
LYS HG2  H N N 230 
LYS HG3  H N N 231 
LYS HD2  H N N 232 
LYS HD3  H N N 233 
LYS HE2  H N N 234 
LYS HE3  H N N 235 
LYS HZ1  H N N 236 
LYS HZ2  H N N 237 
LYS HZ3  H N N 238 
LYS HXT  H N N 239 
MET N    N N N 240 
MET CA   C N S 241 
MET C    C N N 242 
MET O    O N N 243 
MET CB   C N N 244 
MET CG   C N N 245 
MET SD   S N N 246 
MET CE   C N N 247 
MET OXT  O N N 248 
MET H    H N N 249 
MET H2   H N N 250 
MET HA   H N N 251 
MET HB2  H N N 252 
MET HB3  H N N 253 
MET HG2  H N N 254 
MET HG3  H N N 255 
MET HE1  H N N 256 
MET HE2  H N N 257 
MET HE3  H N N 258 
MET HXT  H N N 259 
PHE N    N N N 260 
PHE CA   C N S 261 
PHE C    C N N 262 
PHE O    O N N 263 
PHE CB   C N N 264 
PHE CG   C Y N 265 
PHE CD1  C Y N 266 
PHE CD2  C Y N 267 
PHE CE1  C Y N 268 
PHE CE2  C Y N 269 
PHE CZ   C Y N 270 
PHE OXT  O N N 271 
PHE H    H N N 272 
PHE H2   H N N 273 
PHE HA   H N N 274 
PHE HB2  H N N 275 
PHE HB3  H N N 276 
PHE HD1  H N N 277 
PHE HD2  H N N 278 
PHE HE1  H N N 279 
PHE HE2  H N N 280 
PHE HZ   H N N 281 
PHE HXT  H N N 282 
PRO N    N N N 283 
PRO CA   C N S 284 
PRO C    C N N 285 
PRO O    O N N 286 
PRO CB   C N N 287 
PRO CG   C N N 288 
PRO CD   C N N 289 
PRO OXT  O N N 290 
PRO H    H N N 291 
PRO HA   H N N 292 
PRO HB2  H N N 293 
PRO HB3  H N N 294 
PRO HG2  H N N 295 
PRO HG3  H N N 296 
PRO HD2  H N N 297 
PRO HD3  H N N 298 
PRO HXT  H N N 299 
Q49 C4   C Y N 300 
Q49 C5   C Y N 301 
Q49 C6   C Y N 302 
Q49 C7   C Y N 303 
Q49 C8   C Y N 304 
Q49 C10  C N N 305 
Q49 N    N N N 306 
Q49 C    C N N 307 
Q49 O    O N N 308 
Q49 C1   C N N 309 
Q49 C2   C N N 310 
Q49 C3   C N S 311 
Q49 C9   C Y N 312 
Q49 F    F N N 313 
Q49 O1   O N N 314 
Q49 H8   H N N 315 
Q49 H9   H N N 316 
Q49 H10  H N N 317 
Q49 H1   H N N 318 
Q49 H    H N N 319 
Q49 H2   H N N 320 
Q49 H3   H N N 321 
Q49 H4   H N N 322 
Q49 H5   H N N 323 
Q49 H6   H N N 324 
Q49 H7   H N N 325 
Q49 H11  H N N 326 
SER N    N N N 327 
SER CA   C N S 328 
SER C    C N N 329 
SER O    O N N 330 
SER CB   C N N 331 
SER OG   O N N 332 
SER OXT  O N N 333 
SER H    H N N 334 
SER H2   H N N 335 
SER HA   H N N 336 
SER HB2  H N N 337 
SER HB3  H N N 338 
SER HG   H N N 339 
SER HXT  H N N 340 
SO4 S    S N N 341 
SO4 O1   O N N 342 
SO4 O2   O N N 343 
SO4 O3   O N N 344 
SO4 O4   O N N 345 
THR N    N N N 346 
THR CA   C N S 347 
THR C    C N N 348 
THR O    O N N 349 
THR CB   C N R 350 
THR OG1  O N N 351 
THR CG2  C N N 352 
THR OXT  O N N 353 
THR H    H N N 354 
THR H2   H N N 355 
THR HA   H N N 356 
THR HB   H N N 357 
THR HG1  H N N 358 
THR HG21 H N N 359 
THR HG22 H N N 360 
THR HG23 H N N 361 
THR HXT  H N N 362 
TRP N    N N N 363 
TRP CA   C N S 364 
TRP C    C N N 365 
TRP O    O N N 366 
TRP CB   C N N 367 
TRP CG   C Y N 368 
TRP CD1  C Y N 369 
TRP CD2  C Y N 370 
TRP NE1  N Y N 371 
TRP CE2  C Y N 372 
TRP CE3  C Y N 373 
TRP CZ2  C Y N 374 
TRP CZ3  C Y N 375 
TRP CH2  C Y N 376 
TRP OXT  O N N 377 
TRP H    H N N 378 
TRP H2   H N N 379 
TRP HA   H N N 380 
TRP HB2  H N N 381 
TRP HB3  H N N 382 
TRP HD1  H N N 383 
TRP HE1  H N N 384 
TRP HE3  H N N 385 
TRP HZ2  H N N 386 
TRP HZ3  H N N 387 
TRP HH2  H N N 388 
TRP HXT  H N N 389 
TYR N    N N N 390 
TYR CA   C N S 391 
TYR C    C N N 392 
TYR O    O N N 393 
TYR CB   C N N 394 
TYR CG   C Y N 395 
TYR CD1  C Y N 396 
TYR CD2  C Y N 397 
TYR CE1  C Y N 398 
TYR CE2  C Y N 399 
TYR CZ   C Y N 400 
TYR OH   O N N 401 
TYR OXT  O N N 402 
TYR H    H N N 403 
TYR H2   H N N 404 
TYR HA   H N N 405 
TYR HB2  H N N 406 
TYR HB3  H N N 407 
TYR HD1  H N N 408 
TYR HD2  H N N 409 
TYR HE1  H N N 410 
TYR HE2  H N N 411 
TYR HH   H N N 412 
TYR HXT  H N N 413 
VAL N    N N N 414 
VAL CA   C N S 415 
VAL C    C N N 416 
VAL O    O N N 417 
VAL CB   C N N 418 
VAL CG1  C N N 419 
VAL CG2  C N N 420 
VAL OXT  O N N 421 
VAL H    H N N 422 
VAL H2   H N N 423 
VAL HA   H N N 424 
VAL HB   H N N 425 
VAL HG11 H N N 426 
VAL HG12 H N N 427 
VAL HG13 H N N 428 
VAL HG21 H N N 429 
VAL HG22 H N N 430 
VAL HG23 H N N 431 
VAL HXT  H N N 432 
# 
loop_
_chem_comp_bond.comp_id 
_chem_comp_bond.atom_id_1 
_chem_comp_bond.atom_id_2 
_chem_comp_bond.value_order 
_chem_comp_bond.pdbx_aromatic_flag 
_chem_comp_bond.pdbx_stereo_config 
_chem_comp_bond.pdbx_ordinal 
ALA N   CA   sing N N 1   
ALA N   H    sing N N 2   
ALA N   H2   sing N N 3   
ALA CA  C    sing N N 4   
ALA CA  CB   sing N N 5   
ALA CA  HA   sing N N 6   
ALA C   O    doub N N 7   
ALA C   OXT  sing N N 8   
ALA CB  HB1  sing N N 9   
ALA CB  HB2  sing N N 10  
ALA CB  HB3  sing N N 11  
ALA OXT HXT  sing N N 12  
ARG N   CA   sing N N 13  
ARG N   H    sing N N 14  
ARG N   H2   sing N N 15  
ARG CA  C    sing N N 16  
ARG CA  CB   sing N N 17  
ARG CA  HA   sing N N 18  
ARG C   O    doub N N 19  
ARG C   OXT  sing N N 20  
ARG CB  CG   sing N N 21  
ARG CB  HB2  sing N N 22  
ARG CB  HB3  sing N N 23  
ARG CG  CD   sing N N 24  
ARG CG  HG2  sing N N 25  
ARG CG  HG3  sing N N 26  
ARG CD  NE   sing N N 27  
ARG CD  HD2  sing N N 28  
ARG CD  HD3  sing N N 29  
ARG NE  CZ   sing N N 30  
ARG NE  HE   sing N N 31  
ARG CZ  NH1  sing N N 32  
ARG CZ  NH2  doub N N 33  
ARG NH1 HH11 sing N N 34  
ARG NH1 HH12 sing N N 35  
ARG NH2 HH21 sing N N 36  
ARG NH2 HH22 sing N N 37  
ARG OXT HXT  sing N N 38  
ASN N   CA   sing N N 39  
ASN N   H    sing N N 40  
ASN N   H2   sing N N 41  
ASN CA  C    sing N N 42  
ASN CA  CB   sing N N 43  
ASN CA  HA   sing N N 44  
ASN C   O    doub N N 45  
ASN C   OXT  sing N N 46  
ASN CB  CG   sing N N 47  
ASN CB  HB2  sing N N 48  
ASN CB  HB3  sing N N 49  
ASN CG  OD1  doub N N 50  
ASN CG  ND2  sing N N 51  
ASN ND2 HD21 sing N N 52  
ASN ND2 HD22 sing N N 53  
ASN OXT HXT  sing N N 54  
ASP N   CA   sing N N 55  
ASP N   H    sing N N 56  
ASP N   H2   sing N N 57  
ASP CA  C    sing N N 58  
ASP CA  CB   sing N N 59  
ASP CA  HA   sing N N 60  
ASP C   O    doub N N 61  
ASP C   OXT  sing N N 62  
ASP CB  CG   sing N N 63  
ASP CB  HB2  sing N N 64  
ASP CB  HB3  sing N N 65  
ASP CG  OD1  doub N N 66  
ASP CG  OD2  sing N N 67  
ASP OD2 HD2  sing N N 68  
ASP OXT HXT  sing N N 69  
CYS N   CA   sing N N 70  
CYS N   H    sing N N 71  
CYS N   H2   sing N N 72  
CYS CA  C    sing N N 73  
CYS CA  CB   sing N N 74  
CYS CA  HA   sing N N 75  
CYS C   O    doub N N 76  
CYS C   OXT  sing N N 77  
CYS CB  SG   sing N N 78  
CYS CB  HB2  sing N N 79  
CYS CB  HB3  sing N N 80  
CYS SG  HG   sing N N 81  
CYS OXT HXT  sing N N 82  
EDO C1  O1   sing N N 83  
EDO C1  C2   sing N N 84  
EDO C1  H11  sing N N 85  
EDO C1  H12  sing N N 86  
EDO O1  HO1  sing N N 87  
EDO C2  O2   sing N N 88  
EDO C2  H21  sing N N 89  
EDO C2  H22  sing N N 90  
EDO O2  HO2  sing N N 91  
GLN N   CA   sing N N 92  
GLN N   H    sing N N 93  
GLN N   H2   sing N N 94  
GLN CA  C    sing N N 95  
GLN CA  CB   sing N N 96  
GLN CA  HA   sing N N 97  
GLN C   O    doub N N 98  
GLN C   OXT  sing N N 99  
GLN CB  CG   sing N N 100 
GLN CB  HB2  sing N N 101 
GLN CB  HB3  sing N N 102 
GLN CG  CD   sing N N 103 
GLN CG  HG2  sing N N 104 
GLN CG  HG3  sing N N 105 
GLN CD  OE1  doub N N 106 
GLN CD  NE2  sing N N 107 
GLN NE2 HE21 sing N N 108 
GLN NE2 HE22 sing N N 109 
GLN OXT HXT  sing N N 110 
GLU N   CA   sing N N 111 
GLU N   H    sing N N 112 
GLU N   H2   sing N N 113 
GLU CA  C    sing N N 114 
GLU CA  CB   sing N N 115 
GLU CA  HA   sing N N 116 
GLU C   O    doub N N 117 
GLU C   OXT  sing N N 118 
GLU CB  CG   sing N N 119 
GLU CB  HB2  sing N N 120 
GLU CB  HB3  sing N N 121 
GLU CG  CD   sing N N 122 
GLU CG  HG2  sing N N 123 
GLU CG  HG3  sing N N 124 
GLU CD  OE1  doub N N 125 
GLU CD  OE2  sing N N 126 
GLU OE2 HE2  sing N N 127 
GLU OXT HXT  sing N N 128 
GLY N   CA   sing N N 129 
GLY N   H    sing N N 130 
GLY N   H2   sing N N 131 
GLY CA  C    sing N N 132 
GLY CA  HA2  sing N N 133 
GLY CA  HA3  sing N N 134 
GLY C   O    doub N N 135 
GLY C   OXT  sing N N 136 
GLY OXT HXT  sing N N 137 
HIS N   CA   sing N N 138 
HIS N   H    sing N N 139 
HIS N   H2   sing N N 140 
HIS CA  C    sing N N 141 
HIS CA  CB   sing N N 142 
HIS CA  HA   sing N N 143 
HIS C   O    doub N N 144 
HIS C   OXT  sing N N 145 
HIS CB  CG   sing N N 146 
HIS CB  HB2  sing N N 147 
HIS CB  HB3  sing N N 148 
HIS CG  ND1  sing Y N 149 
HIS CG  CD2  doub Y N 150 
HIS ND1 CE1  doub Y N 151 
HIS ND1 HD1  sing N N 152 
HIS CD2 NE2  sing Y N 153 
HIS CD2 HD2  sing N N 154 
HIS CE1 NE2  sing Y N 155 
HIS CE1 HE1  sing N N 156 
HIS NE2 HE2  sing N N 157 
HIS OXT HXT  sing N N 158 
HOH O   H1   sing N N 159 
HOH O   H2   sing N N 160 
ILE N   CA   sing N N 161 
ILE N   H    sing N N 162 
ILE N   H2   sing N N 163 
ILE CA  C    sing N N 164 
ILE CA  CB   sing N N 165 
ILE CA  HA   sing N N 166 
ILE C   O    doub N N 167 
ILE C   OXT  sing N N 168 
ILE CB  CG1  sing N N 169 
ILE CB  CG2  sing N N 170 
ILE CB  HB   sing N N 171 
ILE CG1 CD1  sing N N 172 
ILE CG1 HG12 sing N N 173 
ILE CG1 HG13 sing N N 174 
ILE CG2 HG21 sing N N 175 
ILE CG2 HG22 sing N N 176 
ILE CG2 HG23 sing N N 177 
ILE CD1 HD11 sing N N 178 
ILE CD1 HD12 sing N N 179 
ILE CD1 HD13 sing N N 180 
ILE OXT HXT  sing N N 181 
LEU N   CA   sing N N 182 
LEU N   H    sing N N 183 
LEU N   H2   sing N N 184 
LEU CA  C    sing N N 185 
LEU CA  CB   sing N N 186 
LEU CA  HA   sing N N 187 
LEU C   O    doub N N 188 
LEU C   OXT  sing N N 189 
LEU CB  CG   sing N N 190 
LEU CB  HB2  sing N N 191 
LEU CB  HB3  sing N N 192 
LEU CG  CD1  sing N N 193 
LEU CG  CD2  sing N N 194 
LEU CG  HG   sing N N 195 
LEU CD1 HD11 sing N N 196 
LEU CD1 HD12 sing N N 197 
LEU CD1 HD13 sing N N 198 
LEU CD2 HD21 sing N N 199 
LEU CD2 HD22 sing N N 200 
LEU CD2 HD23 sing N N 201 
LEU OXT HXT  sing N N 202 
LYS N   CA   sing N N 203 
LYS N   H    sing N N 204 
LYS N   H2   sing N N 205 
LYS CA  C    sing N N 206 
LYS CA  CB   sing N N 207 
LYS CA  HA   sing N N 208 
LYS C   O    doub N N 209 
LYS C   OXT  sing N N 210 
LYS CB  CG   sing N N 211 
LYS CB  HB2  sing N N 212 
LYS CB  HB3  sing N N 213 
LYS CG  CD   sing N N 214 
LYS CG  HG2  sing N N 215 
LYS CG  HG3  sing N N 216 
LYS CD  CE   sing N N 217 
LYS CD  HD2  sing N N 218 
LYS CD  HD3  sing N N 219 
LYS CE  NZ   sing N N 220 
LYS CE  HE2  sing N N 221 
LYS CE  HE3  sing N N 222 
LYS NZ  HZ1  sing N N 223 
LYS NZ  HZ2  sing N N 224 
LYS NZ  HZ3  sing N N 225 
LYS OXT HXT  sing N N 226 
MET N   CA   sing N N 227 
MET N   H    sing N N 228 
MET N   H2   sing N N 229 
MET CA  C    sing N N 230 
MET CA  CB   sing N N 231 
MET CA  HA   sing N N 232 
MET C   O    doub N N 233 
MET C   OXT  sing N N 234 
MET CB  CG   sing N N 235 
MET CB  HB2  sing N N 236 
MET CB  HB3  sing N N 237 
MET CG  SD   sing N N 238 
MET CG  HG2  sing N N 239 
MET CG  HG3  sing N N 240 
MET SD  CE   sing N N 241 
MET CE  HE1  sing N N 242 
MET CE  HE2  sing N N 243 
MET CE  HE3  sing N N 244 
MET OXT HXT  sing N N 245 
PHE N   CA   sing N N 246 
PHE N   H    sing N N 247 
PHE N   H2   sing N N 248 
PHE CA  C    sing N N 249 
PHE CA  CB   sing N N 250 
PHE CA  HA   sing N N 251 
PHE C   O    doub N N 252 
PHE C   OXT  sing N N 253 
PHE CB  CG   sing N N 254 
PHE CB  HB2  sing N N 255 
PHE CB  HB3  sing N N 256 
PHE CG  CD1  doub Y N 257 
PHE CG  CD2  sing Y N 258 
PHE CD1 CE1  sing Y N 259 
PHE CD1 HD1  sing N N 260 
PHE CD2 CE2  doub Y N 261 
PHE CD2 HD2  sing N N 262 
PHE CE1 CZ   doub Y N 263 
PHE CE1 HE1  sing N N 264 
PHE CE2 CZ   sing Y N 265 
PHE CE2 HE2  sing N N 266 
PHE CZ  HZ   sing N N 267 
PHE OXT HXT  sing N N 268 
PRO N   CA   sing N N 269 
PRO N   CD   sing N N 270 
PRO N   H    sing N N 271 
PRO CA  C    sing N N 272 
PRO CA  CB   sing N N 273 
PRO CA  HA   sing N N 274 
PRO C   O    doub N N 275 
PRO C   OXT  sing N N 276 
PRO CB  CG   sing N N 277 
PRO CB  HB2  sing N N 278 
PRO CB  HB3  sing N N 279 
PRO CG  CD   sing N N 280 
PRO CG  HG2  sing N N 281 
PRO CG  HG3  sing N N 282 
PRO CD  HD2  sing N N 283 
PRO CD  HD3  sing N N 284 
PRO OXT HXT  sing N N 285 
Q49 C   N    sing N N 286 
Q49 N   C1   sing N N 287 
Q49 C1  C2   sing N N 288 
Q49 C2  C3   sing N N 289 
Q49 O   C3   sing N N 290 
Q49 C4  O    sing N N 291 
Q49 C4  C5   sing Y N 292 
Q49 C5  C6   doub Y N 293 
Q49 C6  C7   sing Y N 294 
Q49 C7  C8   doub Y N 295 
Q49 F   C8   sing N N 296 
Q49 C8  C9   sing Y N 297 
Q49 C9  C4   doub Y N 298 
Q49 C3  C10  sing N N 299 
Q49 N   C10  sing N N 300 
Q49 C10 O1   doub N N 301 
Q49 C5  H8   sing N N 302 
Q49 C6  H9   sing N N 303 
Q49 C7  H10  sing N N 304 
Q49 C   H1   sing N N 305 
Q49 C   H    sing N N 306 
Q49 C   H2   sing N N 307 
Q49 C1  H3   sing N N 308 
Q49 C1  H4   sing N N 309 
Q49 C2  H5   sing N N 310 
Q49 C2  H6   sing N N 311 
Q49 C3  H7   sing N N 312 
Q49 C9  H11  sing N N 313 
SER N   CA   sing N N 314 
SER N   H    sing N N 315 
SER N   H2   sing N N 316 
SER CA  C    sing N N 317 
SER CA  CB   sing N N 318 
SER CA  HA   sing N N 319 
SER C   O    doub N N 320 
SER C   OXT  sing N N 321 
SER CB  OG   sing N N 322 
SER CB  HB2  sing N N 323 
SER CB  HB3  sing N N 324 
SER OG  HG   sing N N 325 
SER OXT HXT  sing N N 326 
SO4 S   O1   doub N N 327 
SO4 S   O2   doub N N 328 
SO4 S   O3   sing N N 329 
SO4 S   O4   sing N N 330 
THR N   CA   sing N N 331 
THR N   H    sing N N 332 
THR N   H2   sing N N 333 
THR CA  C    sing N N 334 
THR CA  CB   sing N N 335 
THR CA  HA   sing N N 336 
THR C   O    doub N N 337 
THR C   OXT  sing N N 338 
THR CB  OG1  sing N N 339 
THR CB  CG2  sing N N 340 
THR CB  HB   sing N N 341 
THR OG1 HG1  sing N N 342 
THR CG2 HG21 sing N N 343 
THR CG2 HG22 sing N N 344 
THR CG2 HG23 sing N N 345 
THR OXT HXT  sing N N 346 
TRP N   CA   sing N N 347 
TRP N   H    sing N N 348 
TRP N   H2   sing N N 349 
TRP CA  C    sing N N 350 
TRP CA  CB   sing N N 351 
TRP CA  HA   sing N N 352 
TRP C   O    doub N N 353 
TRP C   OXT  sing N N 354 
TRP CB  CG   sing N N 355 
TRP CB  HB2  sing N N 356 
TRP CB  HB3  sing N N 357 
TRP CG  CD1  doub Y N 358 
TRP CG  CD2  sing Y N 359 
TRP CD1 NE1  sing Y N 360 
TRP CD1 HD1  sing N N 361 
TRP CD2 CE2  doub Y N 362 
TRP CD2 CE3  sing Y N 363 
TRP NE1 CE2  sing Y N 364 
TRP NE1 HE1  sing N N 365 
TRP CE2 CZ2  sing Y N 366 
TRP CE3 CZ3  doub Y N 367 
TRP CE3 HE3  sing N N 368 
TRP CZ2 CH2  doub Y N 369 
TRP CZ2 HZ2  sing N N 370 
TRP CZ3 CH2  sing Y N 371 
TRP CZ3 HZ3  sing N N 372 
TRP CH2 HH2  sing N N 373 
TRP OXT HXT  sing N N 374 
TYR N   CA   sing N N 375 
TYR N   H    sing N N 376 
TYR N   H2   sing N N 377 
TYR CA  C    sing N N 378 
TYR CA  CB   sing N N 379 
TYR CA  HA   sing N N 380 
TYR C   O    doub N N 381 
TYR C   OXT  sing N N 382 
TYR CB  CG   sing N N 383 
TYR CB  HB2  sing N N 384 
TYR CB  HB3  sing N N 385 
TYR CG  CD1  doub Y N 386 
TYR CG  CD2  sing Y N 387 
TYR CD1 CE1  sing Y N 388 
TYR CD1 HD1  sing N N 389 
TYR CD2 CE2  doub Y N 390 
TYR CD2 HD2  sing N N 391 
TYR CE1 CZ   doub Y N 392 
TYR CE1 HE1  sing N N 393 
TYR CE2 CZ   sing Y N 394 
TYR CE2 HE2  sing N N 395 
TYR CZ  OH   sing N N 396 
TYR OH  HH   sing N N 397 
TYR OXT HXT  sing N N 398 
VAL N   CA   sing N N 399 
VAL N   H    sing N N 400 
VAL N   H2   sing N N 401 
VAL CA  C    sing N N 402 
VAL CA  CB   sing N N 403 
VAL CA  HA   sing N N 404 
VAL C   O    doub N N 405 
VAL C   OXT  sing N N 406 
VAL CB  CG1  sing N N 407 
VAL CB  CG2  sing N N 408 
VAL CB  HB   sing N N 409 
VAL CG1 HG11 sing N N 410 
VAL CG1 HG12 sing N N 411 
VAL CG1 HG13 sing N N 412 
VAL CG2 HG21 sing N N 413 
VAL CG2 HG22 sing N N 414 
VAL CG2 HG23 sing N N 415 
VAL OXT HXT  sing N N 416 
# 
_pdbx_audit_support.ordinal                1 
_pdbx_audit_support.funding_organization   'European Union (EU)' 
_pdbx_audit_support.grant_number           875510 
_pdbx_audit_support.country                'European Union' 
# 
_pdbx_deposit_group.group_id            G_1002320 
_pdbx_deposit_group.group_description   
;PRYSPRY domain of murine TRIM21 screened against the DSI-poised Fragment Library by X-ray Crystallography at the XChem facility of Diamon Light Source
;
_pdbx_deposit_group.group_title         'PanDDA analysis group deposition' 
_pdbx_deposit_group.group_type          'changed state' 
# 
_pdbx_initial_refinement_model.id               1 
_pdbx_initial_refinement_model.entity_id_list   ? 
_pdbx_initial_refinement_model.type             'experimental model' 
_pdbx_initial_refinement_model.source_name      PDB 
_pdbx_initial_refinement_model.accession_code   2VOK 
_pdbx_initial_refinement_model.details          ? 
# 
_atom_sites.entry_id                    7HN0 
_atom_sites.fract_transf_matrix[1][1]   -0.00581541 
_atom_sites.fract_transf_matrix[1][2]   -0.00402356 
_atom_sites.fract_transf_matrix[1][3]   -0.00773449 
_atom_sites.fract_transf_matrix[2][1]   0.00822387 
_atom_sites.fract_transf_matrix[2][2]   0.00055533 
_atom_sites.fract_transf_matrix[2][3]   -0.00647225 
_atom_sites.fract_transf_matrix[3][1]   0.00601566 
_atom_sites.fract_transf_matrix[3][2]   -0.02007679 
_atom_sites.fract_transf_matrix[3][3]   0.00592109 
_atom_sites.fract_transf_vector[1]      -0.298940 
_atom_sites.fract_transf_vector[2]      -0.117474 
_atom_sites.fract_transf_vector[3]      -0.503385 
# 
loop_
_atom_type.symbol 
C 
F 
N 
O 
S 
# 
loop_
_atom_site.group_PDB 
_atom_site.id 
_atom_site.type_symbol 
_atom_site.label_atom_id 
_atom_site.label_alt_id 
_atom_site.label_comp_id 
_atom_site.label_asym_id 
_atom_site.label_entity_id 
_atom_site.label_seq_id 
_atom_site.pdbx_PDB_ins_code 
_atom_site.Cartn_x 
_atom_site.Cartn_y 
_atom_site.Cartn_z 
_atom_site.occupancy 
_atom_site.B_iso_or_equiv 
_atom_site.pdbx_formal_charge 
_atom_site.auth_seq_id 
_atom_site.auth_comp_id 
_atom_site.auth_asym_id 
_atom_site.auth_atom_id 
_atom_site.pdbx_PDB_model_num 
ATOM   1    N N   . HIS A 1 2   ? -5.936  -18.013 -6.872  1.00 60.67 ? 8   HIS B N   1 
ATOM   2    C CA  . HIS A 1 2   ? -7.124  -17.121 -7.113  1.00 56.90 ? 8   HIS B CA  1 
ATOM   3    C C   . HIS A 1 2   ? -7.286  -16.859 -8.616  1.00 57.13 ? 8   HIS B C   1 
ATOM   4    O O   . HIS A 1 2   ? -6.307  -17.071 -9.375  1.00 63.38 ? 8   HIS B O   1 
ATOM   5    C CB  . HIS A 1 2   ? -6.980  -15.805 -6.330  1.00 47.81 ? 8   HIS B CB  1 
ATOM   6    C CG  . HIS A 1 2   ? -5.859  -14.933 -6.795  1.00 45.78 ? 8   HIS B CG  1 
ATOM   7    N ND1 . HIS A 1 2   ? -5.965  -14.125 -7.916  1.00 45.35 ? 8   HIS B ND1 1 
ATOM   8    C CD2 . HIS A 1 2   ? -4.621  -14.717 -6.293  1.00 42.99 ? 8   HIS B CD2 1 
ATOM   9    C CE1 . HIS A 1 2   ? -4.833  -13.467 -8.095  1.00 45.41 ? 8   HIS B CE1 1 
ATOM   10   N NE2 . HIS A 1 2   ? -3.986  -13.805 -7.112  1.00 39.90 ? 8   HIS B NE2 1 
ATOM   11   N N   . HIS A 1 3   ? -8.456  -16.358 -9.015  1.00 50.34 ? 9   HIS B N   1 
ATOM   12   C CA  . HIS A 1 3   ? -8.810  -16.050 -10.425 1.00 53.40 ? 9   HIS B CA  1 
ATOM   13   C C   . HIS A 1 3   ? -9.209  -14.569 -10.547 1.00 46.84 ? 9   HIS B C   1 
ATOM   14   O O   . HIS A 1 3   ? -10.172 -14.283 -11.285 1.00 45.84 ? 9   HIS B O   1 
ATOM   15   C CB  . HIS A 1 3   ? -9.883  -17.050 -10.900 1.00 62.65 ? 9   HIS B CB  1 
ATOM   16   C CG  . HIS A 1 3   ? -9.469  -18.480 -10.725 1.00 74.60 ? 9   HIS B CG  1 
ATOM   17   N ND1 . HIS A 1 3   ? -8.472  -19.070 -11.495 1.00 77.20 ? 9   HIS B ND1 1 
ATOM   18   C CD2 . HIS A 1 3   ? -9.889  -19.437 -9.865  1.00 81.21 ? 9   HIS B CD2 1 
ATOM   19   C CE1 . HIS A 1 3   ? -8.306  -20.325 -11.121 1.00 78.67 ? 9   HIS B CE1 1 
ATOM   20   N NE2 . HIS A 1 3   ? -9.168  -20.576 -10.126 1.00 82.37 ? 9   HIS B NE2 1 
ATOM   21   N N   . HIS A 1 4   ? -8.473  -13.658 -9.879  1.00 37.05 ? 10  HIS B N   1 
ATOM   22   C CA  . HIS A 1 4   ? -8.763  -12.194 -9.829  1.00 32.01 ? 10  HIS B CA  1 
ATOM   23   C C   . HIS A 1 4   ? -7.948  -11.443 -10.882 1.00 31.13 ? 10  HIS B C   1 
ATOM   24   O O   . HIS A 1 4   ? -8.207  -10.239 -11.075 1.00 29.63 ? 10  HIS B O   1 
ATOM   25   C CB  . HIS A 1 4   ? -8.469  -11.605 -8.433  1.00 29.97 ? 10  HIS B CB  1 
ATOM   26   C CG  . HIS A 1 4   ? -9.329  -12.174 -7.352  1.00 30.39 ? 10  HIS B CG  1 
ATOM   27   N ND1 . HIS A 1 4   ? -10.712 -12.317 -7.494  1.00 30.68 ? 10  HIS B ND1 1 
ATOM   28   C CD2 . HIS A 1 4   ? -9.024  -12.627 -6.121  1.00 28.55 ? 10  HIS B CD2 1 
ATOM   29   C CE1 . HIS A 1 4   ? -11.208 -12.836 -6.385  1.00 36.13 ? 10  HIS B CE1 1 
ATOM   30   N NE2 . HIS A 1 4   ? -10.195 -13.037 -5.533  1.00 33.92 ? 10  HIS B NE2 1 
ATOM   31   N N   . HIS A 1 5   ? -6.975  -12.111 -11.509 1.00 32.75 ? 11  HIS B N   1 
ATOM   32   C CA  . HIS A 1 5   ? -5.973  -11.499 -12.425 1.00 34.09 ? 11  HIS B CA  1 
ATOM   33   C C   . HIS A 1 5   ? -6.661  -10.695 -13.540 1.00 32.04 ? 11  HIS B C   1 
ATOM   34   O O   . HIS A 1 5   ? -6.120  -9.637  -13.902 1.00 35.85 ? 11  HIS B O   1 
ATOM   35   C CB  . HIS A 1 5   ? -5.002  -12.556 -13.001 1.00 43.18 ? 11  HIS B CB  1 
ATOM   36   C CG  . HIS A 1 5   ? -4.311  -13.385 -11.965 1.00 54.22 ? 11  HIS B CG  1 
ATOM   37   N ND1 . HIS A 1 5   ? -4.806  -14.624 -11.546 1.00 61.98 ? 11  HIS B ND1 1 
ATOM   38   C CD2 . HIS A 1 5   ? -3.173  -13.174 -11.262 1.00 59.49 ? 11  HIS B CD2 1 
ATOM   39   C CE1 . HIS A 1 5   ? -4.001  -15.129 -10.628 1.00 63.91 ? 11  HIS B CE1 1 
ATOM   40   N NE2 . HIS A 1 5   ? -2.989  -14.256 -10.432 1.00 60.90 ? 11  HIS B NE2 1 
ATOM   41   N N   . HIS A 1 6   ? -7.833  -11.135 -14.026 1.00 30.94 ? 12  HIS B N   1 
ATOM   42   C CA  . HIS A 1 6   ? -8.612  -10.487 -15.119 1.00 31.66 ? 12  HIS B CA  1 
ATOM   43   C C   . HIS A 1 6   ? -9.187  -9.112  -14.731 1.00 30.97 ? 12  HIS B C   1 
ATOM   44   O O   . HIS A 1 6   ? -9.658  -8.393  -15.634 1.00 32.14 ? 12  HIS B O   1 
ATOM   45   C CB  . HIS A 1 6   ? -9.703  -11.444 -15.630 1.00 35.76 ? 12  HIS B CB  1 
ATOM   46   C CG  . HIS A 1 6   ? -10.733 -11.855 -14.636 1.00 34.92 ? 12  HIS B CG  1 
ATOM   47   N ND1 . HIS A 1 6   ? -12.054 -11.436 -14.719 1.00 42.87 ? 12  HIS B ND1 1 
ATOM   48   C CD2 . HIS A 1 6   ? -10.672 -12.698 -13.581 1.00 39.62 ? 12  HIS B CD2 1 
ATOM   49   C CE1 . HIS A 1 6   ? -12.754 -11.978 -13.748 1.00 39.10 ? 12  HIS B CE1 1 
ATOM   50   N NE2 . HIS A 1 6   ? -11.931 -12.754 -13.028 1.00 47.29 ? 12  HIS B NE2 1 
ATOM   51   N N   . HIS A 1 7   ? -9.220  -8.743  -13.441 1.00 25.44 ? 13  HIS B N   1 
ATOM   52   C CA  . HIS A 1 7   ? -9.621  -7.385  -12.966 1.00 23.04 ? 13  HIS B CA  1 
ATOM   53   C C   . HIS A 1 7   ? -8.402  -6.485  -12.841 1.00 20.84 ? 13  HIS B C   1 
ATOM   54   O O   . HIS A 1 7   ? -8.512  -5.465  -12.155 1.00 18.02 ? 13  HIS B O   1 
ATOM   55   C CB  . HIS A 1 7   ? -10.328 -7.475  -11.628 1.00 21.29 ? 13  HIS B CB  1 
ATOM   56   C CG  . HIS A 1 7   ? -11.562 -8.321  -11.695 1.00 22.68 ? 13  HIS B CG  1 
ATOM   57   N ND1 . HIS A 1 7   ? -12.627 -7.964  -12.508 1.00 23.68 ? 13  HIS B ND1 1 
ATOM   58   C CD2 . HIS A 1 7   ? -11.884 -9.472  -11.074 1.00 24.73 ? 13  HIS B CD2 1 
ATOM   59   C CE1 . HIS A 1 7   ? -13.568 -8.871  -12.373 1.00 22.70 ? 13  HIS B CE1 1 
ATOM   60   N NE2 . HIS A 1 7   ? -13.155 -9.811  -11.521 1.00 26.50 ? 13  HIS B NE2 1 
ATOM   61   N N   . MET A 1 8   ? -7.283  -6.848  -13.454 1.00 21.52 ? 14  MET B N   1 
ATOM   62   C CA  . MET A 1 8   ? -6.019  -6.073  -13.388 1.00 24.83 ? 14  MET B CA  1 
ATOM   63   C C   . MET A 1 8   ? -6.277  -4.621  -13.801 1.00 23.54 ? 14  MET B C   1 
ATOM   64   O O   . MET A 1 8   ? -6.960  -4.361  -14.832 1.00 25.39 ? 14  MET B O   1 
ATOM   65   C CB  . MET A 1 8   ? -4.949  -6.678  -14.304 1.00 29.57 ? 14  MET B CB  1 
ATOM   66   C CG  . MET A 1 8   ? -3.600  -5.944  -14.290 1.00 33.92 ? 14  MET B CG  1 
ATOM   67   S SD  . MET A 1 8   ? -2.604  -6.158  -12.756 1.00 45.72 ? 14  MET B SD  1 
ATOM   68   C CE  . MET A 1 8   ? -1.934  -7.797  -13.015 1.00 37.02 ? 14  MET B CE  1 
ATOM   69   N N   . VAL A 1 9   ? -5.713  -3.675  -13.051 1.00 19.81 ? 15  VAL B N   1 
ATOM   70   C CA  . VAL A 1 9   ? -5.768  -2.215  -13.330 1.00 19.69 ? 15  VAL B CA  1 
ATOM   71   C C   . VAL A 1 9   ? -4.321  -1.692  -13.344 1.00 21.16 ? 15  VAL B C   1 
ATOM   72   O O   . VAL A 1 9   ? -3.470  -2.225  -12.585 1.00 20.11 ? 15  VAL B O   1 
ATOM   73   C CB  . VAL A 1 9   ? -6.661  -1.439  -12.349 1.00 20.92 ? 15  VAL B CB  1 
ATOM   74   C CG1 . VAL A 1 9   ? -8.118  -1.794  -12.572 1.00 23.06 ? 15  VAL B CG1 1 
ATOM   75   C CG2 . VAL A 1 9   ? -6.296  -1.661  -10.901 1.00 20.59 ? 15  VAL B CG2 1 
ATOM   76   N N   . HIS A 1 10  ? -4.055  -0.701  -14.181 1.00 20.62 ? 16  HIS B N   1 
ATOM   77   C CA  . HIS A 1 10  ? -2.722  -0.076  -14.316 1.00 20.33 ? 16  HIS B CA  1 
ATOM   78   C C   . HIS A 1 10  ? -2.647  1.063   -13.300 1.00 20.24 ? 16  HIS B C   1 
ATOM   79   O O   . HIS A 1 10  ? -3.341  2.061   -13.448 1.00 23.90 ? 16  HIS B O   1 
ATOM   80   C CB  . HIS A 1 10  ? -2.520  0.441   -15.733 1.00 20.93 ? 16  HIS B CB  1 
ATOM   81   C CG  . HIS A 1 10  ? -1.158  1.003   -15.994 1.00 25.95 ? 16  HIS B CG  1 
ATOM   82   N ND1 . HIS A 1 10  ? -0.066  0.196   -16.259 1.00 30.29 ? 16  HIS B ND1 1 
ATOM   83   C CD2 . HIS A 1 10  ? -0.718  2.279   -16.042 1.00 29.05 ? 16  HIS B CD2 1 
ATOM   84   C CE1 . HIS A 1 10  ? 1.001   0.963   -16.456 1.00 27.58 ? 16  HIS B CE1 1 
ATOM   85   N NE2 . HIS A 1 10  ? 0.622   2.244   -16.312 1.00 31.93 ? 16  HIS B NE2 1 
ATOM   86   N N   . ILE A 1 11  ? -1.919  0.850   -12.218 1.00 16.05 ? 17  ILE B N   1 
ATOM   87   C CA  . ILE A 1 11  ? -1.804  1.871   -11.148 1.00 17.60 ? 17  ILE B CA  1 
ATOM   88   C C   . ILE A 1 11  ? -0.567  2.741   -11.410 1.00 17.74 ? 17  ILE B C   1 
ATOM   89   O O   . ILE A 1 11  ? 0.435   2.220   -11.840 1.00 17.10 ? 17  ILE B O   1 
ATOM   90   C CB  . ILE A 1 11  ? -1.700  1.178   -9.775  1.00 16.30 ? 17  ILE B CB  1 
ATOM   91   C CG1 . ILE A 1 11  ? -2.941  0.318   -9.481  1.00 17.69 ? 17  ILE B CG1 1 
ATOM   92   C CG2 . ILE A 1 11  ? -1.443  2.205   -8.686  1.00 15.80 ? 17  ILE B CG2 1 
ATOM   93   C CD1 . ILE A 1 11  ? -4.275  1.013   -9.620  1.00 17.95 ? 17  ILE B CD1 1 
ATOM   94   N N   . THR A 1 12  ? -0.706  4.024   -11.174 1.00 15.89 ? 18  THR B N   1 
ATOM   95   C CA  . THR A 1 12  ? 0.441   4.978   -11.180 1.00 16.46 ? 18  THR B CA  1 
ATOM   96   C C   . THR A 1 12  ? 0.438   5.783   -9.889  1.00 16.15 ? 18  THR B C   1 
ATOM   97   O O   . THR A 1 12  ? -0.610  5.954   -9.255  1.00 17.73 ? 18  THR B O   1 
ATOM   98   C CB  . THR A 1 12  ? 0.410   5.892   -12.405 1.00 19.10 ? 18  THR B CB  1 
ATOM   99   O OG1 . THR A 1 12  ? -0.777  6.656   -12.407 1.00 19.07 ? 18  THR B OG1 1 
ATOM   100  C CG2 . THR A 1 12  ? 0.545   5.148   -13.721 1.00 22.90 ? 18  THR B CG2 1 
ATOM   101  N N   . LEU A 1 13  ? 1.628   6.196   -9.448  1.00 14.88 ? 19  LEU B N   1 
ATOM   102  C CA  . LEU A 1 13  ? 1.770   6.925   -8.181  1.00 15.04 ? 19  LEU B CA  1 
ATOM   103  C C   . LEU A 1 13  ? 1.510   8.414   -8.378  1.00 15.54 ? 19  LEU B C   1 
ATOM   104  O O   . LEU A 1 13  ? 1.965   8.966   -9.419  1.00 17.39 ? 19  LEU B O   1 
ATOM   105  C CB  . LEU A 1 13  ? 3.166   6.651   -7.638  1.00 15.03 ? 19  LEU B CB  1 
ATOM   106  C CG  . LEU A 1 13  ? 3.433   5.176   -7.368  1.00 15.80 ? 19  LEU B CG  1 
ATOM   107  C CD1 . LEU A 1 13  ? 4.879   4.883   -7.005  1.00 16.80 ? 19  LEU B CD1 1 
ATOM   108  C CD2 . LEU A 1 13  ? 2.510   4.652   -6.259  1.00 17.94 ? 19  LEU B CD2 1 
ATOM   109  N N   . ASP A 1 14  ? 0.923   9.061   -7.405  1.00 14.68 ? 20  ASP B N   1 
ATOM   110  C CA  . ASP A 1 14  ? 0.608   10.511  -7.422  1.00 15.01 ? 20  ASP B CA  1 
ATOM   111  C C   . ASP A 1 14  ? 1.699   11.248  -6.603  1.00 16.34 ? 20  ASP B C   1 
ATOM   112  O O   . ASP A 1 14  ? 1.640   11.253  -5.377  1.00 14.36 ? 20  ASP B O   1 
ATOM   113  C CB  . ASP A 1 14  ? -0.807  10.775  -6.912  1.00 15.53 ? 20  ASP B CB  1 
ATOM   114  C CG  . ASP A 1 14  ? -1.225  12.229  -6.860  1.00 20.58 ? 20  ASP B CG  1 
ATOM   115  O OD1 . ASP A 1 14  ? -0.330  13.068  -7.096  1.00 18.97 ? 20  ASP B OD1 1 
ATOM   116  O OD2 . ASP A 1 14  ? -2.405  12.534  -6.551  1.00 19.05 ? 20  ASP B OD2 1 
ATOM   117  N N   A ARG A 1 15  ? 2.668   11.837  -7.321  0.25 16.87 ? 21  ARG B N   1 
ATOM   118  N N   B ARG A 1 15  ? 2.663   11.862  -7.298  0.25 17.57 ? 21  ARG B N   1 
ATOM   119  C CA  A ARG A 1 15  ? 3.797   12.665  -6.799  0.25 18.18 ? 21  ARG B CA  1 
ATOM   120  C CA  B ARG A 1 15  ? 3.830   12.555  -6.684  0.25 19.20 ? 21  ARG B CA  1 
ATOM   121  C C   A ARG A 1 15  ? 3.338   13.638  -5.717  0.25 16.94 ? 21  ARG B C   1 
ATOM   122  C C   B ARG A 1 15  ? 3.365   13.662  -5.724  0.25 17.56 ? 21  ARG B C   1 
ATOM   123  O O   A ARG A 1 15  ? 4.073   13.831  -4.737  0.25 16.93 ? 21  ARG B O   1 
ATOM   124  O O   B ARG A 1 15  ? 4.113   13.943  -4.780  0.25 17.42 ? 21  ARG B O   1 
ATOM   125  C CB  A ARG A 1 15  ? 4.377   13.529  -7.927  0.25 19.14 ? 21  ARG B CB  1 
ATOM   126  C CB  B ARG A 1 15  ? 4.745   13.128  -7.779  0.25 21.86 ? 21  ARG B CB  1 
ATOM   127  C CG  A ARG A 1 15  ? 4.907   12.725  -9.101  0.25 21.05 ? 21  ARG B CG  1 
ATOM   128  C CG  B ARG A 1 15  ? 5.336   12.093  -8.724  0.25 24.25 ? 21  ARG B CG  1 
ATOM   129  C CD  A ARG A 1 15  ? 5.739   13.529  -10.089 0.25 20.83 ? 21  ARG B CD  1 
ATOM   130  C CD  B ARG A 1 15  ? 4.664   12.075  -10.095 0.25 27.71 ? 21  ARG B CD  1 
ATOM   131  N NE  A ARG A 1 15  ? 6.458   12.590  -10.934 0.25 20.58 ? 21  ARG B NE  1 
ATOM   132  N NE  B ARG A 1 15  ? 5.168   13.091  -11.019 0.25 29.13 ? 21  ARG B NE  1 
ATOM   133  C CZ  A ARG A 1 15  ? 7.532   11.959  -10.512 0.25 19.16 ? 21  ARG B CZ  1 
ATOM   134  C CZ  B ARG A 1 15  ? 4.436   14.047  -11.597 0.25 30.67 ? 21  ARG B CZ  1 
ATOM   135  N NH1 A ARG A 1 15  ? 7.979   12.230  -9.303  0.25 20.99 ? 21  ARG B NH1 1 
ATOM   136  N NH1 B ARG A 1 15  ? 3.135   14.132  -11.384 0.25 31.74 ? 21  ARG B NH1 1 
ATOM   137  N NH2 A ARG A 1 15  ? 8.147   11.080  -11.269 0.25 20.83 ? 21  ARG B NH2 1 
ATOM   138  N NH2 B ARG A 1 15  ? 5.018   14.910  -12.410 0.25 32.22 ? 21  ARG B NH2 1 
ATOM   139  N N   . ASN A 1 16  ? 2.183   14.261  -5.937  1.00 16.88 ? 22  ASN B N   1 
ATOM   140  C CA  . ASN A 1 16  ? 1.703   15.380  -5.105  1.00 17.96 ? 22  ASN B CA  1 
ATOM   141  C C   . ASN A 1 16  ? 1.355   14.898  -3.704  1.00 16.23 ? 22  ASN B C   1 
ATOM   142  O O   . ASN A 1 16  ? 1.385   15.716  -2.795  1.00 16.12 ? 22  ASN B O   1 
ATOM   143  C CB  . ASN A 1 16  ? 0.569   16.139  -5.807  1.00 21.65 ? 22  ASN B CB  1 
ATOM   144  C CG  . ASN A 1 16  ? 1.071   16.993  -6.962  1.00 29.00 ? 22  ASN B CG  1 
ATOM   145  O OD1 . ASN A 1 16  ? 2.247   17.361  -7.036  1.00 37.53 ? 22  ASN B OD1 1 
ATOM   146  N ND2 . ASN A 1 16  ? 0.178   17.313  -7.880  1.00 40.59 ? 22  ASN B ND2 1 
ATOM   147  N N   . THR A 1 17  ? 1.046   13.600  -3.529  1.00 14.99 ? 23  THR B N   1 
ATOM   148  C CA  . THR A 1 17  ? 0.691   13.019  -2.226  1.00 14.61 ? 23  THR B CA  1 
ATOM   149  C C   . THR A 1 17  ? 1.929   12.524  -1.497  1.00 13.70 ? 23  THR B C   1 
ATOM   150  O O   . THR A 1 17  ? 1.814   12.152  -0.321  1.00 13.72 ? 23  THR B O   1 
ATOM   151  C CB  . THR A 1 17  ? -0.340  11.880  -2.341  1.00 14.14 ? 23  THR B CB  1 
ATOM   152  O OG1 . THR A 1 17  ? 0.285   10.756  -2.965  1.00 14.12 ? 23  THR B OG1 1 
ATOM   153  C CG2 . THR A 1 17  ? -1.599  12.375  -3.028  1.00 14.50 ? 23  THR B CG2 1 
ATOM   154  N N   . ALA A 1 18  ? 3.071   12.426  -2.167  1.00 14.38 ? 24  ALA B N   1 
ATOM   155  C CA  . ALA A 1 18  ? 4.236   11.730  -1.596  1.00 13.25 ? 24  ALA B CA  1 
ATOM   156  C C   . ALA A 1 18  ? 4.852   12.532  -0.453  1.00 14.20 ? 24  ALA B C   1 
ATOM   157  O O   . ALA A 1 18  ? 5.044   13.762  -0.576  1.00 15.08 ? 24  ALA B O   1 
ATOM   158  C CB  . ALA A 1 18  ? 5.247   11.506  -2.666  1.00 14.58 ? 24  ALA B CB  1 
ATOM   159  N N   . ASN A 1 19  ? 5.324   11.846  0.572   1.00 13.71 ? 25  ASN B N   1 
ATOM   160  C CA  . ASN A 1 19  ? 6.275   12.428  1.535   1.00 13.57 ? 25  ASN B CA  1 
ATOM   161  C C   . ASN A 1 19  ? 7.429   13.058  0.723   1.00 14.73 ? 25  ASN B C   1 
ATOM   162  O O   . ASN A 1 19  ? 7.894   12.470  -0.277  1.00 14.14 ? 25  ASN B O   1 
ATOM   163  C CB  . ASN A 1 19  ? 6.684   11.329  2.509   1.00 14.20 ? 25  ASN B CB  1 
ATOM   164  C CG  . ASN A 1 19  ? 7.719   11.822  3.472   1.00 17.22 ? 25  ASN B CG  1 
ATOM   165  O OD1 . ASN A 1 19  ? 8.893   11.845  3.150   1.00 17.08 ? 25  ASN B OD1 1 
ATOM   166  N ND2 . ASN A 1 19  ? 7.292   12.292  4.618   1.00 19.49 ? 25  ASN B ND2 1 
ATOM   167  N N   . SER A 1 20  ? 7.940   14.168  1.200   1.00 14.87 ? 26  SER B N   1 
ATOM   168  C CA  . SER A 1 20  ? 8.927   14.995  0.475   1.00 14.77 ? 26  SER B CA  1 
ATOM   169  C C   . SER A 1 20  ? 10.262  14.299  0.343   1.00 16.15 ? 26  SER B C   1 
ATOM   170  O O   . SER A 1 20  ? 11.090  14.856  -0.407  1.00 17.25 ? 26  SER B O   1 
ATOM   171  C CB  . SER A 1 20  ? 9.102   16.327  1.145   1.00 16.78 ? 26  SER B CB  1 
ATOM   172  O OG  . SER A 1 20  ? 9.525   16.108  2.484   1.00 20.48 ? 26  SER B OG  1 
ATOM   173  N N   . TRP A 1 21  ? 10.521  13.179  1.010   1.00 14.81 ? 27  TRP B N   1 
ATOM   174  C CA  . TRP A 1 21  ? 11.760  12.380  0.869   1.00 16.29 ? 27  TRP B CA  1 
ATOM   175  C C   . TRP A 1 21  ? 11.647  11.250  -0.140  1.00 15.78 ? 27  TRP B C   1 
ATOM   176  O O   . TRP A 1 21  ? 12.667  10.608  -0.383  1.00 15.29 ? 27  TRP B O   1 
ATOM   177  C CB  . TRP A 1 21  ? 12.170  11.841  2.206   1.00 18.14 ? 27  TRP B CB  1 
ATOM   178  C CG  . TRP A 1 21  ? 12.715  12.910  3.106   1.00 17.13 ? 27  TRP B CG  1 
ATOM   179  C CD1 . TRP A 1 21  ? 12.197  14.158  3.369   1.00 17.54 ? 27  TRP B CD1 1 
ATOM   180  C CD2 . TRP A 1 21  ? 13.922  12.801  3.876   1.00 20.39 ? 27  TRP B CD2 1 
ATOM   181  N NE1 . TRP A 1 21  ? 12.990  14.822  4.270   1.00 22.44 ? 27  TRP B NE1 1 
ATOM   182  C CE2 . TRP A 1 21  ? 14.038  14.004  4.608   1.00 18.87 ? 27  TRP B CE2 1 
ATOM   183  C CE3 . TRP A 1 21  ? 14.872  11.787  4.051   1.00 22.97 ? 27  TRP B CE3 1 
ATOM   184  C CZ2 . TRP A 1 21  ? 15.126  14.237  5.464   1.00 23.32 ? 27  TRP B CZ2 1 
ATOM   185  C CZ3 . TRP A 1 21  ? 15.945  12.012  4.918   1.00 23.78 ? 27  TRP B CZ3 1 
ATOM   186  C CH2 . TRP A 1 21  ? 16.031  13.207  5.631   1.00 26.92 ? 27  TRP B CH2 1 
ATOM   187  N N   . LEU A 1 22  ? 10.461  11.056  -0.741  1.00 14.54 ? 28  LEU B N   1 
ATOM   188  C CA  . LEU A 1 22  ? 10.320  9.933   -1.699  1.00 14.78 ? 28  LEU B CA  1 
ATOM   189  C C   . LEU A 1 22  ? 10.799  10.381  -3.085  1.00 14.18 ? 28  LEU B C   1 
ATOM   190  O O   . LEU A 1 22  ? 10.563  11.503  -3.504  1.00 14.66 ? 28  LEU B O   1 
ATOM   191  C CB  . LEU A 1 22  ? 8.863   9.464   -1.762  1.00 13.19 ? 28  LEU B CB  1 
ATOM   192  C CG  . LEU A 1 22  ? 8.325   8.877   -0.449  1.00 14.54 ? 28  LEU B CG  1 
ATOM   193  C CD1 . LEU A 1 22  ? 6.883   8.404   -0.608  1.00 14.07 ? 28  LEU B CD1 1 
ATOM   194  C CD2 . LEU A 1 22  ? 9.184   7.745   0.063   1.00 15.44 ? 28  LEU B CD2 1 
ATOM   195  N N   . ILE A 1 23  ? 11.277  9.377   -3.797  1.00 13.30 ? 29  ILE B N   1 
ATOM   196  C CA  . ILE A 1 23  ? 11.667  9.490   -5.231  1.00 14.09 ? 29  ILE B CA  1 
ATOM   197  C C   . ILE A 1 23  ? 10.778  8.539   -6.014  1.00 14.03 ? 29  ILE B C   1 
ATOM   198  O O   . ILE A 1 23  ? 10.906  7.316   -5.842  1.00 14.52 ? 29  ILE B O   1 
ATOM   199  C CB  . ILE A 1 23  ? 13.134  9.165   -5.454  1.00 15.06 ? 29  ILE B CB  1 
ATOM   200  C CG1 . ILE A 1 23  ? 14.072  10.090  -4.636  1.00 15.69 ? 29  ILE B CG1 1 
ATOM   201  C CG2 . ILE A 1 23  ? 13.461  9.291   -6.959  1.00 15.83 ? 29  ILE B CG2 1 
ATOM   202  C CD1 . ILE A 1 23  ? 15.489  9.709   -4.657  1.00 16.74 ? 29  ILE B CD1 1 
ATOM   203  N N   . ILE A 1 24  ? 9.933   9.127   -6.840  1.00 17.30 ? 30  ILE B N   1 
ATOM   204  C CA  . ILE A 1 24  ? 9.031   8.361   -7.734  1.00 17.82 ? 30  ILE B CA  1 
ATOM   205  C C   . ILE A 1 24  ? 9.655   8.348   -9.119  1.00 19.12 ? 30  ILE B C   1 
ATOM   206  O O   . ILE A 1 24  ? 10.054  9.444   -9.661  1.00 19.37 ? 30  ILE B O   1 
ATOM   207  C CB  . ILE A 1 24  ? 7.635   8.961   -7.707  1.00 18.12 ? 30  ILE B CB  1 
ATOM   208  C CG1 . ILE A 1 24  ? 6.962   8.670   -6.372  1.00 20.60 ? 30  ILE B CG1 1 
ATOM   209  C CG2 . ILE A 1 24  ? 6.778   8.391   -8.835  1.00 17.44 ? 30  ILE B CG2 1 
ATOM   210  C CD1 . ILE A 1 24  ? 5.789   9.446   -6.177  1.00 24.46 ? 30  ILE B CD1 1 
ATOM   211  N N   . SER A 1 25  ? 9.703   7.201   -9.742  1.00 16.77 ? 31  SER B N   1 
ATOM   212  C CA  . SER A 1 25  ? 10.324  7.035   -11.069 1.00 17.53 ? 31  SER B CA  1 
ATOM   213  C C   . SER A 1 25  ? 9.539   7.817   -12.139 1.00 16.47 ? 31  SER B C   1 
ATOM   214  O O   . SER A 1 25  ? 8.379   8.166   -11.955 1.00 17.56 ? 31  SER B O   1 
ATOM   215  C CB  . SER A 1 25  ? 10.412  5.584   -11.376 1.00 17.98 ? 31  SER B CB  1 
ATOM   216  O OG  . SER A 1 25  ? 9.099   5.040   -11.476 1.00 17.55 ? 31  SER B OG  1 
ATOM   217  N N   . LYS A 1 26  ? 10.210  8.102   -13.267 1.00 19.60 ? 32  LYS B N   1 
ATOM   218  C CA  . LYS A 1 26  ? 9.591   8.852   -14.395 1.00 20.34 ? 32  LYS B CA  1 
ATOM   219  C C   . LYS A 1 26  ? 8.265   8.216   -14.851 1.00 18.73 ? 32  LYS B C   1 
ATOM   220  O O   . LYS A 1 26  ? 7.328   8.962   -15.114 1.00 21.35 ? 32  LYS B O   1 
ATOM   221  C CB  . LYS A 1 26  ? 10.602  8.865   -15.545 1.00 24.33 ? 32  LYS B CB  1 
ATOM   222  C CG  . LYS A 1 26  ? 10.106  9.505   -16.816 1.00 28.57 ? 32  LYS B CG  1 
ATOM   223  C CD  . LYS A 1 26  ? 11.280  9.803   -17.720 1.00 28.57 ? 32  LYS B CD  1 
ATOM   224  C CE  . LYS A 1 26  ? 12.210  8.628   -17.901 1.00 33.55 ? 32  LYS B CE  1 
ATOM   225  N NZ  . LYS A 1 26  ? 13.237  8.967   -18.911 1.00 36.40 ? 32  LYS B NZ  1 
ATOM   226  N N   . ASP A 1 27  ? 8.207   6.885   -14.884 1.00 19.29 ? 33  ASP B N   1 
ATOM   227  C CA  . ASP A 1 27  ? 6.990   6.149   -15.330 1.00 19.16 ? 33  ASP B CA  1 
ATOM   228  C C   . ASP A 1 27  ? 5.922   6.123   -14.226 1.00 18.63 ? 33  ASP B C   1 
ATOM   229  O O   . ASP A 1 27  ? 4.820   5.570   -14.480 1.00 18.18 ? 33  ASP B O   1 
ATOM   230  C CB  . ASP A 1 27  ? 7.298   4.744   -15.844 1.00 19.28 ? 33  ASP B CB  1 
ATOM   231  C CG  . ASP A 1 27  ? 7.877   3.749   -14.855 1.00 19.49 ? 33  ASP B CG  1 
ATOM   232  O OD1 . ASP A 1 27  ? 7.965   4.085   -13.632 1.00 20.40 ? 33  ASP B OD1 1 
ATOM   233  O OD2 . ASP A 1 27  ? 8.185   2.640   -15.306 1.00 23.74 ? 33  ASP B OD2 1 
ATOM   234  N N   . ARG A 1 28  ? 6.232   6.628   -13.040 1.00 17.29 ? 34  ARG B N   1 
ATOM   235  C CA  . ARG A 1 28  ? 5.279   6.681   -11.903 1.00 16.72 ? 34  ARG B CA  1 
ATOM   236  C C   . ARG A 1 28  ? 4.894   5.243   -11.469 1.00 13.72 ? 34  ARG B C   1 
ATOM   237  O O   . ARG A 1 28  ? 3.846   5.087   -10.831 1.00 14.75 ? 34  ARG B O   1 
ATOM   238  C CB  . ARG A 1 28  ? 4.104   7.618   -12.215 1.00 19.62 ? 34  ARG B CB  1 
ATOM   239  C CG  . ARG A 1 28  ? 4.596   9.039   -12.485 1.00 24.01 ? 34  ARG B CG  1 
ATOM   240  C CD  . ARG A 1 28  ? 3.510   10.027  -12.787 1.00 32.09 ? 34  ARG B CD  1 
ATOM   241  N NE  . ARG A 1 28  ? 2.552   9.530   -13.746 1.00 42.34 ? 34  ARG B NE  1 
ATOM   242  C CZ  . ARG A 1 28  ? 1.324   9.071   -13.460 1.00 58.34 ? 34  ARG B CZ  1 
ATOM   243  N NH1 . ARG A 1 28  ? 0.861   9.043   -12.209 1.00 56.53 ? 34  ARG B NH1 1 
ATOM   244  N NH2 . ARG A 1 28  ? 0.554   8.647   -14.454 1.00 62.44 ? 34  ARG B NH2 1 
ATOM   245  N N   . ARG A 1 29  ? 5.762   4.280   -11.676 1.00 13.33 ? 35  ARG B N   1 
ATOM   246  C CA  . ARG A 1 29  ? 5.492   2.882   -11.276 1.00 15.12 ? 35  ARG B CA  1 
ATOM   247  C C   . ARG A 1 29  ? 6.401   2.395   -10.156 1.00 15.60 ? 35  ARG B C   1 
ATOM   248  O O   . ARG A 1 29  ? 6.168   1.275   -9.663  1.00 16.11 ? 35  ARG B O   1 
ATOM   249  C CB  . ARG A 1 29  ? 5.597   1.931   -12.467 1.00 16.26 ? 35  ARG B CB  1 
ATOM   250  C CG  . ARG A 1 29  ? 4.579   2.269   -13.544 1.00 17.29 ? 35  ARG B CG  1 
ATOM   251  C CD  . ARG A 1 29  ? 3.227   1.634   -13.353 1.00 19.23 ? 35  ARG B CD  1 
ATOM   252  N NE  . ARG A 1 29  ? 3.314   0.217   -13.727 1.00 21.34 ? 35  ARG B NE  1 
ATOM   253  C CZ  . ARG A 1 29  ? 2.342   -0.669  -13.519 1.00 20.10 ? 35  ARG B CZ  1 
ATOM   254  N NH1 . ARG A 1 29  ? 1.200   -0.260  -13.019 1.00 20.83 ? 35  ARG B NH1 1 
ATOM   255  N NH2 . ARG A 1 29  ? 2.506   -1.925  -13.890 1.00 21.60 ? 35  ARG B NH2 1 
ATOM   256  N N   . GLN A 1 30  ? 7.402   3.147   -9.739  1.00 14.17 ? 36  GLN B N   1 
ATOM   257  C CA  . GLN A 1 30  ? 8.330   2.770   -8.656  1.00 14.39 ? 36  GLN B CA  1 
ATOM   258  C C   . GLN A 1 30  ? 8.530   3.925   -7.695  1.00 14.41 ? 36  GLN B C   1 
ATOM   259  O O   . GLN A 1 30  ? 8.450   5.111   -8.080  1.00 14.53 ? 36  GLN B O   1 
ATOM   260  C CB  . GLN A 1 30  ? 9.709   2.341   -9.156  1.00 16.73 ? 36  GLN B CB  1 
ATOM   261  C CG  . GLN A 1 30  ? 9.677   1.338   -10.271 1.00 20.18 ? 36  GLN B CG  1 
ATOM   262  C CD  . GLN A 1 30  ? 11.071  0.827   -10.548 1.00 22.36 ? 36  GLN B CD  1 
ATOM   263  O OE1 . GLN A 1 30  ? 11.981  0.916   -9.726  1.00 25.60 ? 36  GLN B OE1 1 
ATOM   264  N NE2 . GLN A 1 30  ? 11.247  0.362   -11.761 1.00 26.41 ? 36  GLN B NE2 1 
ATOM   265  N N   . VAL A 1 31  ? 8.736   3.578   -6.434  1.00 13.20 ? 37  VAL B N   1 
ATOM   266  C CA  . VAL A 1 31  ? 8.993   4.598   -5.381  1.00 13.41 ? 37  VAL B CA  1 
ATOM   267  C C   . VAL A 1 31  ? 10.034  4.048   -4.419  1.00 13.87 ? 37  VAL B C   1 
ATOM   268  O O   . VAL A 1 31  ? 9.955   2.906   -4.005  1.00 13.25 ? 37  VAL B O   1 
ATOM   269  C CB  . VAL A 1 31  ? 7.695   5.064   -4.716  1.00 11.94 ? 37  VAL B CB  1 
ATOM   270  C CG1 . VAL A 1 31  ? 6.885   3.902   -4.091  1.00 11.74 ? 37  VAL B CG1 1 
ATOM   271  C CG2 . VAL A 1 31  ? 7.968   6.145   -3.669  1.00 14.08 ? 37  VAL B CG2 1 
ATOM   272  N N   . ARG A 1 32  ? 10.932  4.902   -3.971  1.00 13.79 ? 38  ARG B N   1 
ATOM   273  C CA  . ARG A 1 32  ? 11.910  4.548   -2.936  1.00 14.39 ? 38  ARG B CA  1 
ATOM   274  C C   . ARG A 1 32  ? 12.166  5.774   -2.055  1.00 15.23 ? 38  ARG B C   1 
ATOM   275  O O   . ARG A 1 32  ? 11.914  6.922   -2.438  1.00 13.47 ? 38  ARG B O   1 
ATOM   276  C CB  . ARG A 1 32  ? 13.239  4.052   -3.502  1.00 15.98 ? 38  ARG B CB  1 
ATOM   277  C CG  . ARG A 1 32  ? 14.000  5.130   -4.266  1.00 18.23 ? 38  ARG B CG  1 
ATOM   278  C CD  . ARG A 1 32  ? 15.168  4.457   -4.986  1.00 21.82 ? 38  ARG B CD  1 
ATOM   279  N NE  . ARG A 1 32  ? 15.953  5.451   -5.724  1.00 27.11 ? 38  ARG B NE  1 
ATOM   280  C CZ  . ARG A 1 32  ? 16.943  6.176   -5.238  1.00 24.33 ? 38  ARG B CZ  1 
ATOM   281  N NH1 . ARG A 1 32  ? 17.287  6.126   -3.971  1.00 28.16 ? 38  ARG B NH1 1 
ATOM   282  N NH2 . ARG A 1 32  ? 17.553  7.044   -6.045  1.00 29.88 ? 38  ARG B NH2 1 
ATOM   283  N N   A MET A 1 33  ? 12.706  5.478   -0.876  0.19 15.60 ? 39  MET B N   1 
ATOM   284  N N   B MET A 1 33  ? 12.651  5.540   -0.839  0.17 16.31 ? 39  MET B N   1 
ATOM   285  C CA  A MET A 1 33  ? 13.174  6.488   0.099   0.19 17.52 ? 39  MET B CA  1 
ATOM   286  C CA  B MET A 1 33  ? 12.953  6.655   0.095   0.17 18.36 ? 39  MET B CA  1 
ATOM   287  C C   A MET A 1 33  ? 14.438  7.147   -0.456  0.19 17.21 ? 39  MET B C   1 
ATOM   288  C C   B MET A 1 33  ? 14.363  7.176   -0.202  0.17 18.05 ? 39  MET B C   1 
ATOM   289  O O   A MET A 1 33  ? 15.361  6.424   -0.905  0.19 16.61 ? 39  MET B O   1 
ATOM   290  O O   B MET A 1 33  ? 15.315  6.377   -0.127  0.17 18.14 ? 39  MET B O   1 
ATOM   291  C CB  A MET A 1 33  ? 13.470  5.816   1.443   0.19 18.57 ? 39  MET B CB  1 
ATOM   292  C CB  B MET A 1 33  ? 12.861  6.219   1.561   0.17 20.55 ? 39  MET B CB  1 
ATOM   293  C CG  A MET A 1 33  ? 13.772  6.796   2.566   0.19 20.69 ? 39  MET B CG  1 
ATOM   294  C CG  B MET A 1 33  ? 13.341  7.308   2.509   0.17 23.19 ? 39  MET B CG  1 
ATOM   295  S SD  A MET A 1 33  ? 12.417  7.987   2.825   0.19 21.65 ? 39  MET B SD  1 
ATOM   296  S SD  B MET A 1 33  ? 12.590  7.231   4.141   0.17 26.00 ? 39  MET B SD  1 
ATOM   297  C CE  A MET A 1 33  ? 12.714  8.487   4.518   0.19 23.01 ? 39  MET B CE  1 
ATOM   298  C CE  B MET A 1 33  ? 12.710  8.972   4.553   0.17 26.10 ? 39  MET B CE  1 
ATOM   299  N N   . GLY A 1 34  ? 14.453  8.478   -0.498  1.00 17.77 ? 40  GLY B N   1 
ATOM   300  C CA  . GLY A 1 34  ? 15.701  9.209   -0.762  1.00 18.66 ? 40  GLY B CA  1 
ATOM   301  C C   . GLY A 1 34  ? 16.498  9.375   0.521   1.00 21.53 ? 40  GLY B C   1 
ATOM   302  O O   . GLY A 1 34  ? 15.955  9.162   1.614   1.00 20.95 ? 40  GLY B O   1 
ATOM   303  N N   . ASP A 1 35  ? 17.756  9.797   0.376   1.00 25.47 ? 41  ASP B N   1 
ATOM   304  C CA  . ASP A 1 35  ? 18.664  9.986   1.549   1.00 30.71 ? 41  ASP B CA  1 
ATOM   305  C C   . ASP A 1 35  ? 18.494  11.415  2.098   1.00 29.50 ? 41  ASP B C   1 
ATOM   306  O O   . ASP A 1 35  ? 19.110  11.739  3.152   1.00 29.79 ? 41  ASP B O   1 
ATOM   307  C CB  . ASP A 1 35  ? 20.108  9.620   1.172   1.00 36.36 ? 41  ASP B CB  1 
ATOM   308  C CG  . ASP A 1 35  ? 20.365  8.115   1.085   1.00 53.80 ? 41  ASP B CG  1 
ATOM   309  O OD1 . ASP A 1 35  ? 19.552  7.333   1.653   1.00 63.50 ? 41  ASP B OD1 1 
ATOM   310  O OD2 . ASP A 1 35  ? 21.382  7.714   0.459   1.00 64.00 ? 41  ASP B OD2 1 
ATOM   311  N N   . THR A 1 36  ? 17.619  12.225  1.505   1.00 22.44 ? 42  THR B N   1 
ATOM   312  C CA  . THR A 1 36  ? 17.404  13.646  1.909   1.00 21.54 ? 42  THR B CA  1 
ATOM   313  C C   . THR A 1 36  ? 16.032  14.148  1.422   1.00 19.27 ? 42  THR B C   1 
ATOM   314  O O   . THR A 1 36  ? 15.362  13.459  0.544   1.00 18.21 ? 42  THR B O   1 
ATOM   315  C CB  . THR A 1 36  ? 18.593  14.416  1.335   1.00 21.75 ? 42  THR B CB  1 
ATOM   316  O OG1 . THR A 1 36  ? 18.542  15.704  1.924   1.00 24.26 ? 42  THR B OG1 1 
ATOM   317  C CG2 . THR A 1 36  ? 18.508  14.550  -0.165  1.00 23.51 ? 42  THR B CG2 1 
ATOM   318  N N   . HIS A 1 37  ? 15.630  15.379  1.773   1.00 20.16 ? 43  HIS B N   1 
ATOM   319  C CA  . HIS A 1 37  ? 14.478  16.093  1.158   1.00 18.66 ? 43  HIS B CA  1 
ATOM   320  C C   . HIS A 1 37  ? 14.672  16.170  -0.351  1.00 20.31 ? 43  HIS B C   1 
ATOM   321  O O   . HIS A 1 37  ? 15.764  16.606  -0.799  1.00 20.44 ? 43  HIS B O   1 
ATOM   322  C CB  . HIS A 1 37  ? 14.287  17.467  1.843   1.00 17.93 ? 43  HIS B CB  1 
ATOM   323  C CG  . HIS A 1 37  ? 13.077  18.254  1.460   1.00 16.16 ? 43  HIS B CG  1 
ATOM   324  N ND1 . HIS A 1 37  ? 12.904  18.851  0.228   1.00 16.60 ? 43  HIS B ND1 1 
ATOM   325  C CD2 . HIS A 1 37  ? 12.026  18.639  2.204   1.00 17.50 ? 43  HIS B CD2 1 
ATOM   326  C CE1 . HIS A 1 37  ? 11.785  19.539  0.235   1.00 16.24 ? 43  HIS B CE1 1 
ATOM   327  N NE2 . HIS A 1 37  ? 11.202  19.410  1.469   1.00 17.10 ? 43  HIS B NE2 1 
ATOM   328  N N   . GLN A 1 38  ? 13.639  15.837  -1.139  1.00 17.68 ? 44  GLN B N   1 
ATOM   329  C CA  . GLN A 1 38  ? 13.736  15.789  -2.619  1.00 16.60 ? 44  GLN B CA  1 
ATOM   330  C C   . GLN A 1 38  ? 13.405  17.119  -3.326  1.00 19.66 ? 44  GLN B C   1 
ATOM   331  O O   . GLN A 1 38  ? 13.150  17.134  -4.553  1.00 19.79 ? 44  GLN B O   1 
ATOM   332  C CB  . GLN A 1 38  ? 12.889  14.628  -3.119  1.00 16.49 ? 44  GLN B CB  1 
ATOM   333  C CG  . GLN A 1 38  ? 13.471  13.308  -2.706  1.00 15.34 ? 44  GLN B CG  1 
ATOM   334  C CD  . GLN A 1 38  ? 14.928  13.115  -3.036  1.00 16.26 ? 44  GLN B CD  1 
ATOM   335  O OE1 . GLN A 1 38  ? 15.769  12.743  -2.193  1.00 18.88 ? 44  GLN B OE1 1 
ATOM   336  N NE2 . GLN A 1 38  ? 15.261  13.380  -4.287  1.00 15.21 ? 44  GLN B NE2 1 
ATOM   337  N N   . ASN A 1 39  ? 13.460  18.228  -2.629  1.00 17.97 ? 45  ASN B N   1 
ATOM   338  C CA  . ASN A 1 39  ? 13.492  19.572  -3.264  1.00 16.27 ? 45  ASN B CA  1 
ATOM   339  C C   . ASN A 1 39  ? 12.150  19.888  -3.906  1.00 17.18 ? 45  ASN B C   1 
ATOM   340  O O   . ASN A 1 39  ? 12.085  20.633  -4.915  1.00 18.82 ? 45  ASN B O   1 
ATOM   341  C CB  . ASN A 1 39  ? 14.753  19.773  -4.151  1.00 16.71 ? 45  ASN B CB  1 
ATOM   342  C CG  . ASN A 1 39  ? 15.017  21.261  -4.365  1.00 17.43 ? 45  ASN B CG  1 
ATOM   343  O OD1 . ASN A 1 39  ? 14.807  22.070  -3.475  1.00 16.04 ? 45  ASN B OD1 1 
ATOM   344  N ND2 . ASN A 1 39  ? 15.493  21.667  -5.551  1.00 16.93 ? 45  ASN B ND2 1 
ATOM   345  N N   . VAL A 1 40  ? 11.042  19.469  -3.265  1.00 18.56 ? 46  VAL B N   1 
ATOM   346  C CA  . VAL A 1 40  ? 9.651   19.785  -3.685  1.00 19.81 ? 46  VAL B CA  1 
ATOM   347  C C   . VAL A 1 40  ? 9.021   20.764  -2.677  1.00 17.58 ? 46  VAL B C   1 
ATOM   348  O O   . VAL A 1 40  ? 9.439   20.733  -1.525  1.00 19.70 ? 46  VAL B O   1 
ATOM   349  C CB  . VAL A 1 40  ? 8.839   18.483  -3.799  1.00 20.34 ? 46  VAL B CB  1 
ATOM   350  C CG1 . VAL A 1 40  ? 9.360   17.611  -4.932  1.00 23.39 ? 46  VAL B CG1 1 
ATOM   351  C CG2 . VAL A 1 40  ? 8.811   17.687  -2.495  1.00 21.97 ? 46  VAL B CG2 1 
ATOM   352  N N   . SER A 1 41  ? 8.026   21.536  -3.084  1.00 20.88 ? 47  SER B N   1 
ATOM   353  C CA  . SER A 1 41  ? 7.229   22.399  -2.179  1.00 21.07 ? 47  SER B CA  1 
ATOM   354  C C   . SER A 1 41  ? 6.297   21.535  -1.321  1.00 21.70 ? 47  SER B C   1 
ATOM   355  O O   . SER A 1 41  ? 5.952   20.428  -1.739  1.00 18.84 ? 47  SER B O   1 
ATOM   356  C CB  . SER A 1 41  ? 6.457   23.450  -2.916  1.00 24.60 ? 47  SER B CB  1 
ATOM   357  O OG  . SER A 1 41  ? 5.549   22.870  -3.826  1.00 26.97 ? 47  SER B OG  1 
ATOM   358  N N   . ASP A 1 42  ? 5.918   22.030  -0.144  1.00 20.40 ? 48  ASP B N   1 
ATOM   359  C CA  . ASP A 1 42  ? 4.950   21.373  0.759   1.00 18.91 ? 48  ASP B CA  1 
ATOM   360  C C   . ASP A 1 42  ? 3.573   21.668  0.219   1.00 21.84 ? 48  ASP B C   1 
ATOM   361  O O   . ASP A 1 42  ? 3.385   22.650  -0.523  1.00 22.20 ? 48  ASP B O   1 
ATOM   362  C CB  . ASP A 1 42  ? 5.096   21.793  2.231   1.00 22.87 ? 48  ASP B CB  1 
ATOM   363  C CG  . ASP A 1 42  ? 4.683   20.690  3.229   1.00 26.47 ? 48  ASP B CG  1 
ATOM   364  O OD1 . ASP A 1 42  ? 4.209   19.609  2.768   1.00 20.67 ? 48  ASP B OD1 1 
ATOM   365  O OD2 . ASP A 1 42  ? 4.978   20.803  4.481   1.00 30.50 ? 48  ASP B OD2 1 
ATOM   366  N N   . ASN A 1 43  ? 2.623   20.792  0.564   1.00 18.74 ? 49  ASN B N   1 
ATOM   367  C CA  . ASN A 1 43  ? 1.212   20.981  0.204   1.00 19.98 ? 49  ASN B CA  1 
ATOM   368  C C   . ASN A 1 43  ? 0.387   20.148  1.191   1.00 20.55 ? 49  ASN B C   1 
ATOM   369  O O   . ASN A 1 43  ? 0.969   19.337  1.949   1.00 19.98 ? 49  ASN B O   1 
ATOM   370  C CB  . ASN A 1 43  ? 0.953   20.713  -1.263  1.00 18.60 ? 49  ASN B CB  1 
ATOM   371  C CG  . ASN A 1 43  ? 1.067   19.241  -1.609  1.00 19.35 ? 49  ASN B CG  1 
ATOM   372  O OD1 . ASN A 1 43  ? 0.426   18.420  -0.962  1.00 21.56 ? 49  ASN B OD1 1 
ATOM   373  N ND2 . ASN A 1 43  ? 1.906   18.889  -2.536  1.00 18.88 ? 49  ASN B ND2 1 
ATOM   374  N N   . LYS A 1 44  ? -0.909  20.389  1.234   1.00 21.65 ? 50  LYS B N   1 
ATOM   375  C CA  . LYS A 1 44  ? -1.773  19.753  2.256   1.00 22.02 ? 50  LYS B CA  1 
ATOM   376  C C   . LYS A 1 44  ? -1.967  18.258  1.943   1.00 19.41 ? 50  LYS B C   1 
ATOM   377  O O   . LYS A 1 44  ? -2.388  17.553  2.879   1.00 20.91 ? 50  LYS B O   1 
ATOM   378  C CB  . LYS A 1 44  ? -3.142  20.447  2.300   1.00 25.04 ? 50  LYS B CB  1 
ATOM   379  C CG  . LYS A 1 44  ? -3.916  20.375  0.997   1.00 29.60 ? 50  LYS B CG  1 
ATOM   380  C CD  . LYS A 1 44  ? -5.306  20.986  1.079   1.00 39.84 ? 50  LYS B CD  1 
ATOM   381  C CE  . LYS A 1 44  ? -6.219  20.494  -0.019  1.00 44.34 ? 50  LYS B CE  1 
ATOM   382  N NZ  . LYS A 1 44  ? -7.507  21.223  0.026   1.00 49.21 ? 50  LYS B NZ  1 
ATOM   383  N N   . GLU A 1 45  ? -1.659  17.803  0.729   1.00 18.84 ? 51  GLU B N   1 
ATOM   384  C CA  . GLU A 1 45  ? -1.852  16.367  0.357   1.00 18.67 ? 51  GLU B CA  1 
ATOM   385  C C   . GLU A 1 45  ? -0.692  15.523  0.892   1.00 17.89 ? 51  GLU B C   1 
ATOM   386  O O   . GLU A 1 45  ? -0.857  14.279  1.038   1.00 17.87 ? 51  GLU B O   1 
ATOM   387  C CB  . GLU A 1 45  ? -1.922  16.198  -1.145  1.00 21.76 ? 51  GLU B CB  1 
ATOM   388  C CG  . GLU A 1 45  ? -3.068  16.936  -1.821  1.00 26.01 ? 51  GLU B CG  1 
ATOM   389  C CD  . GLU A 1 45  ? -3.080  16.684  -3.320  1.00 35.42 ? 51  GLU B CD  1 
ATOM   390  O OE1 . GLU A 1 45  ? -3.029  17.680  -4.082  1.00 52.33 ? 51  GLU B OE1 1 
ATOM   391  O OE2 . GLU A 1 45  ? -3.105  15.514  -3.740  1.00 43.62 ? 51  GLU B OE2 1 
ATOM   392  N N   . ARG A 1 46  ? 0.502   16.079  1.091   1.00 15.86 ? 52  ARG B N   1 
ATOM   393  C CA  . ARG A 1 46  ? 1.674   15.215  1.370   1.00 14.98 ? 52  ARG B CA  1 
ATOM   394  C C   . ARG A 1 46  ? 1.615   14.541  2.735   1.00 15.11 ? 52  ARG B C   1 
ATOM   395  O O   . ARG A 1 46  ? 1.355   15.188  3.784   1.00 16.16 ? 52  ARG B O   1 
ATOM   396  C CB  . ARG A 1 46  ? 2.991   16.003  1.310   1.00 15.32 ? 52  ARG B CB  1 
ATOM   397  C CG  . ARG A 1 46  ? 3.327   16.590  -0.045  1.00 16.67 ? 52  ARG B CG  1 
ATOM   398  C CD  . ARG A 1 46  ? 4.829   16.927  -0.101  1.00 15.30 ? 52  ARG B CD  1 
ATOM   399  N NE  . ARG A 1 46  ? 5.087   17.624  -1.332  1.00 16.97 ? 52  ARG B NE  1 
ATOM   400  C CZ  . ARG A 1 46  ? 5.123   17.044  -2.527  1.00 17.12 ? 52  ARG B CZ  1 
ATOM   401  N NH1 . ARG A 1 46  ? 5.072   15.722  -2.674  1.00 15.60 ? 52  ARG B NH1 1 
ATOM   402  N NH2 . ARG A 1 46  ? 5.226   17.793  -3.614  1.00 19.84 ? 52  ARG B NH2 1 
ATOM   403  N N   . PHE A 1 47  ? 1.882   13.240  2.801   1.00 13.39 ? 53  PHE B N   1 
ATOM   404  C CA  . PHE A 1 47  ? 2.043   12.581  4.109   1.00 14.02 ? 53  PHE B CA  1 
ATOM   405  C C   . PHE A 1 47  ? 3.291   13.156  4.802   1.00 16.84 ? 53  PHE B C   1 
ATOM   406  O O   . PHE A 1 47  ? 4.380   13.052  4.223   1.00 16.26 ? 53  PHE B O   1 
ATOM   407  C CB  . PHE A 1 47  ? 2.148   11.074  3.968   1.00 13.74 ? 53  PHE B CB  1 
ATOM   408  C CG  . PHE A 1 47  ? 0.840   10.430  3.600   1.00 13.49 ? 53  PHE B CG  1 
ATOM   409  C CD1 . PHE A 1 47  ? -0.078  10.137  4.594   1.00 13.70 ? 53  PHE B CD1 1 
ATOM   410  C CD2 . PHE A 1 47  ? 0.569   10.048  2.292   1.00 14.42 ? 53  PHE B CD2 1 
ATOM   411  C CE1 . PHE A 1 47  ? -1.301  9.545   4.295   1.00 14.49 ? 53  PHE B CE1 1 
ATOM   412  C CE2 . PHE A 1 47  ? -0.643  9.424   2.007   1.00 14.61 ? 53  PHE B CE2 1 
ATOM   413  C CZ  . PHE A 1 47  ? -1.578  9.205   3.004   1.00 13.02 ? 53  PHE B CZ  1 
ATOM   414  N N   . SER A 1 48  ? 3.169   13.694  6.008   1.00 17.06 ? 54  SER B N   1 
ATOM   415  C CA  . SER A 1 48  ? 4.315   14.406  6.658   1.00 18.22 ? 54  SER B CA  1 
ATOM   416  C C   . SER A 1 48  ? 5.159   13.473  7.506   1.00 16.71 ? 54  SER B C   1 
ATOM   417  O O   . SER A 1 48  ? 6.409   13.632  7.516   1.00 19.76 ? 54  SER B O   1 
ATOM   418  C CB  . SER A 1 48  ? 3.782   15.574  7.464   1.00 18.08 ? 54  SER B CB  1 
ATOM   419  O OG  . SER A 1 48  ? 2.932   15.138  8.484   1.00 18.30 ? 54  SER B OG  1 
ATOM   420  N N   . ASN A 1 49  ? 4.593   12.529  8.217   1.00 16.17 ? 55  ASN B N   1 
ATOM   421  C CA  . ASN A 1 49  ? 5.306   11.806  9.290   1.00 17.11 ? 55  ASN B CA  1 
ATOM   422  C C   . ASN A 1 49  ? 5.920   10.488  8.822   1.00 16.92 ? 55  ASN B C   1 
ATOM   423  O O   . ASN A 1 49  ? 6.685   9.873   9.584   1.00 18.72 ? 55  ASN B O   1 
ATOM   424  C CB  . ASN A 1 49  ? 4.438   11.577  10.521  1.00 18.31 ? 55  ASN B CB  1 
ATOM   425  C CG  . ASN A 1 49  ? 4.170   12.840  11.330  1.00 20.48 ? 55  ASN B CG  1 
ATOM   426  O OD1 . ASN A 1 49  ? 3.857   13.895  10.785  1.00 23.11 ? 55  ASN B OD1 1 
ATOM   427  N ND2 . ASN A 1 49  ? 4.150   12.663  12.648  1.00 24.52 ? 55  ASN B ND2 1 
ATOM   428  N N   . TYR A 1 50  ? 5.469   9.973   7.673   1.00 14.99 ? 56  TYR B N   1 
ATOM   429  C CA  . TYR A 1 50  ? 5.848   8.616   7.252   1.00 13.82 ? 56  TYR B CA  1 
ATOM   430  C C   . TYR A 1 50  ? 6.160   8.646   5.762   1.00 12.69 ? 56  TYR B C   1 
ATOM   431  O O   . TYR A 1 50  ? 5.577   9.453   5.034   1.00 13.83 ? 56  TYR B O   1 
ATOM   432  C CB  . TYR A 1 50  ? 4.697   7.647   7.511   1.00 14.12 ? 56  TYR B CB  1 
ATOM   433  C CG  . TYR A 1 50  ? 4.071   7.734   8.880   1.00 14.96 ? 56  TYR B CG  1 
ATOM   434  C CD1 . TYR A 1 50  ? 4.720   7.188   9.973   1.00 17.83 ? 56  TYR B CD1 1 
ATOM   435  C CD2 . TYR A 1 50  ? 2.864   8.362   9.095   1.00 16.43 ? 56  TYR B CD2 1 
ATOM   436  C CE1 . TYR A 1 50  ? 4.183   7.278   11.260  1.00 20.31 ? 56  TYR B CE1 1 
ATOM   437  C CE2 . TYR A 1 50  ? 2.333   8.499   10.369  1.00 17.95 ? 56  TYR B CE2 1 
ATOM   438  C CZ  . TYR A 1 50  ? 2.966   7.908   11.442  1.00 18.77 ? 56  TYR B CZ  1 
ATOM   439  O OH  . TYR A 1 50  ? 2.365   8.058   12.680  1.00 19.30 ? 56  TYR B OH  1 
ATOM   440  N N   . PRO A 1 51  ? 6.920   7.661   5.248   1.00 12.57 ? 57  PRO B N   1 
ATOM   441  C CA  . PRO A 1 51  ? 7.285   7.647   3.818   1.00 12.83 ? 57  PRO B CA  1 
ATOM   442  C C   . PRO A 1 51  ? 6.208   7.001   2.914   1.00 12.14 ? 57  PRO B C   1 
ATOM   443  O O   . PRO A 1 51  ? 6.434   6.008   2.257   1.00 12.99 ? 57  PRO B O   1 
ATOM   444  C CB  . PRO A 1 51  ? 8.591   6.809   3.775   1.00 14.79 ? 57  PRO B CB  1 
ATOM   445  C CG  . PRO A 1 51  ? 8.890   6.417   5.198   1.00 16.38 ? 57  PRO B CG  1 
ATOM   446  C CD  . PRO A 1 51  ? 7.685   6.695   6.018   1.00 13.81 ? 57  PRO B CD  1 
ATOM   447  N N   . MET A 1 52  ? 5.040   7.657   2.920   1.00 12.52 ? 58  MET B N   1 
ATOM   448  C CA  . MET A 1 52  ? 3.795   7.180   2.264   1.00 11.87 ? 58  MET B CA  1 
ATOM   449  C C   . MET A 1 52  ? 3.489   7.970   0.995   1.00 11.92 ? 58  MET B C   1 
ATOM   450  O O   . MET A 1 52  ? 3.895   9.148   0.806   1.00 12.08 ? 58  MET B O   1 
ATOM   451  C CB  . MET A 1 52  ? 2.629   7.296   3.237   1.00 12.28 ? 58  MET B CB  1 
ATOM   452  C CG  . MET A 1 52  ? 2.738   6.368   4.382   1.00 11.69 ? 58  MET B CG  1 
ATOM   453  S SD  . MET A 1 52  ? 1.560   6.850   5.709   1.00 13.53 ? 58  MET B SD  1 
ATOM   454  C CE  . MET A 1 52  ? 1.839   5.590   6.942   1.00 14.31 ? 58  MET B CE  1 
ATOM   455  N N   . VAL A 1 53  ? 2.769   7.325   0.084   1.00 11.46 ? 59  VAL B N   1 
ATOM   456  C CA  . VAL A 1 53  ? 2.292   7.937   -1.182  1.00 11.85 ? 59  VAL B CA  1 
ATOM   457  C C   . VAL A 1 53  ? 1.019   7.194   -1.598  1.00 12.26 ? 59  VAL B C   1 
ATOM   458  O O   . VAL A 1 53  ? 0.862   5.986   -1.251  1.00 11.77 ? 59  VAL B O   1 
ATOM   459  C CB  . VAL A 1 53  ? 3.407   7.900   -2.263  1.00 12.05 ? 59  VAL B CB  1 
ATOM   460  C CG1 . VAL A 1 53  ? 3.857   6.498   -2.600  1.00 12.56 ? 59  VAL B CG1 1 
ATOM   461  C CG2 . VAL A 1 53  ? 2.997   8.619   -3.531  1.00 12.28 ? 59  VAL B CG2 1 
ATOM   462  N N   . LEU A 1 54  ? 0.141   7.863   -2.318  1.00 11.85 ? 60  LEU B N   1 
ATOM   463  C CA  . LEU A 1 54  ? -1.097  7.277   -2.897  1.00 11.78 ? 60  LEU B CA  1 
ATOM   464  C C   . LEU A 1 54  ? -0.959  7.025   -4.381  1.00 12.69 ? 60  LEU B C   1 
ATOM   465  O O   . LEU A 1 54  ? -0.231  7.767   -5.128  1.00 13.18 ? 60  LEU B O   1 
ATOM   466  C CB  . LEU A 1 54  ? -2.327  8.147   -2.661  1.00 11.55 ? 60  LEU B CB  1 
ATOM   467  C CG  . LEU A 1 54  ? -2.560  8.540   -1.221  1.00 12.76 ? 60  LEU B CG  1 
ATOM   468  C CD1 . LEU A 1 54  ? -3.872  9.289   -1.000  1.00 14.04 ? 60  LEU B CD1 1 
ATOM   469  C CD2 . LEU A 1 54  ? -2.514  7.320   -0.280  1.00 13.63 ? 60  LEU B CD2 1 
ATOM   470  N N   . GLY A 1 55  ? -1.669  6.012   -4.871  1.00 12.18 ? 61  GLY B N   1 
ATOM   471  C CA  . GLY A 1 55  ? -1.908  5.909   -6.325  1.00 12.29 ? 61  GLY B CA  1 
ATOM   472  C C   . GLY A 1 55  ? -2.795  7.057   -6.805  1.00 12.80 ? 61  GLY B C   1 
ATOM   473  O O   . GLY A 1 55  ? -3.596  7.590   -6.038  1.00 13.37 ? 61  GLY B O   1 
ATOM   474  N N   . ALA A 1 56  ? -2.704  7.382   -8.083  1.00 14.75 ? 62  ALA B N   1 
ATOM   475  C CA  . ALA A 1 56  ? -3.537  8.433   -8.689  1.00 16.77 ? 62  ALA B CA  1 
ATOM   476  C C   . ALA A 1 56  ? -4.983  7.984   -8.864  1.00 16.81 ? 62  ALA B C   1 
ATOM   477  O O   . ALA A 1 56  ? -5.889  8.838   -8.822  1.00 19.48 ? 62  ALA B O   1 
ATOM   478  C CB  . ALA A 1 56  ? -2.928  8.817   -10.004 1.00 17.56 ? 62  ALA B CB  1 
ATOM   479  N N   . GLN A 1 57  ? -5.186  6.706   -9.105  1.00 16.06 ? 63  GLN B N   1 
ATOM   480  C CA  . GLN A 1 57  ? -6.529  6.199   -9.451  1.00 15.53 ? 63  GLN B CA  1 
ATOM   481  C C   . GLN A 1 57  ? -7.440  6.253   -8.218  1.00 16.81 ? 63  GLN B C   1 
ATOM   482  O O   . GLN A 1 57  ? -6.998  6.012   -7.065  1.00 16.18 ? 63  GLN B O   1 
ATOM   483  C CB  . GLN A 1 57  ? -6.390  4.765   -9.976  1.00 17.95 ? 63  GLN B CB  1 
ATOM   484  C CG  . GLN A 1 57  ? -5.715  4.643   -11.332 1.00 20.12 ? 63  GLN B CG  1 
ATOM   485  C CD  . GLN A 1 57  ? -4.231  4.970   -11.290 1.00 19.35 ? 63  GLN B CD  1 
ATOM   486  O OE1 . GLN A 1 57  ? -3.519  4.601   -10.352 1.00 17.82 ? 63  GLN B OE1 1 
ATOM   487  N NE2 . GLN A 1 57  ? -3.714  5.563   -12.345 1.00 21.64 ? 63  GLN B NE2 1 
ATOM   488  N N   . ARG A 1 58  ? -8.716  6.605   -8.412  1.00 16.93 ? 64  ARG B N   1 
ATOM   489  C CA  . ARG A 1 58  ? -9.775  6.566   -7.401  1.00 17.22 ? 64  ARG B CA  1 
ATOM   490  C C   . ARG A 1 58  ? -10.808 5.510   -7.801  1.00 16.24 ? 64  ARG B C   1 
ATOM   491  O O   . ARG A 1 58  ? -11.180 5.446   -8.983  1.00 19.09 ? 64  ARG B O   1 
ATOM   492  C CB  . ARG A 1 58  ? -10.541 7.898   -7.326  1.00 20.46 ? 64  ARG B CB  1 
ATOM   493  C CG  . ARG A 1 58  ? -9.865  9.060   -6.607  1.00 30.38 ? 64  ARG B CG  1 
ATOM   494  C CD  . ARG A 1 58  ? -8.427  9.197   -7.022  1.00 30.72 ? 64  ARG B CD  1 
ATOM   495  N NE  . ARG A 1 58  ? -7.635  10.423  -7.047  1.00 37.48 ? 64  ARG B NE  1 
ATOM   496  C CZ  . ARG A 1 58  ? -7.924  11.604  -6.532  1.00 34.23 ? 64  ARG B CZ  1 
ATOM   497  N NH1 . ARG A 1 58  ? -7.042  12.576  -6.673  1.00 38.86 ? 64  ARG B NH1 1 
ATOM   498  N NH2 . ARG A 1 58  ? -9.053  11.835  -5.900  1.00 37.44 ? 64  ARG B NH2 1 
ATOM   499  N N   . PHE A 1 59  ? -11.218 4.676   -6.861  1.00 15.16 ? 65  PHE B N   1 
ATOM   500  C CA  . PHE A 1 59  ? -12.181 3.579   -7.151  1.00 14.95 ? 65  PHE B CA  1 
ATOM   501  C C   . PHE A 1 59  ? -13.416 3.790   -6.291  1.00 14.09 ? 65  PHE B C   1 
ATOM   502  O O   . PHE A 1 59  ? -13.290 3.935   -5.063  1.00 13.82 ? 65  PHE B O   1 
ATOM   503  C CB  . PHE A 1 59  ? -11.519 2.217   -6.843  1.00 17.15 ? 65  PHE B CB  1 
ATOM   504  C CG  . PHE A 1 59  ? -10.275 1.965   -7.670  1.00 18.24 ? 65  PHE B CG  1 
ATOM   505  C CD1 . PHE A 1 59  ? -10.336 2.060   -9.048  1.00 20.82 ? 65  PHE B CD1 1 
ATOM   506  C CD2 . PHE A 1 59  ? -9.070  1.681   -7.083  1.00 26.35 ? 65  PHE B CD2 1 
ATOM   507  C CE1 . PHE A 1 59  ? -9.220  1.864   -9.847  1.00 24.91 ? 65  PHE B CE1 1 
ATOM   508  C CE2 . PHE A 1 59  ? -7.962  1.434   -7.886  1.00 20.13 ? 65  PHE B CE2 1 
ATOM   509  C CZ  . PHE A 1 59  ? -8.036  1.582   -9.242  1.00 21.32 ? 65  PHE B CZ  1 
ATOM   510  N N   A SER A 1 60  ? -14.610 3.795   -6.902  0.25 14.30 ? 66  SER B N   1 
ATOM   511  N N   B SER A 1 60  ? -14.611 3.802   -6.899  0.25 14.49 ? 66  SER B N   1 
ATOM   512  C CA  A SER A 1 60  ? -15.894 3.951   -6.171  0.25 14.95 ? 66  SER B CA  1 
ATOM   513  C CA  B SER A 1 60  ? -15.906 3.926   -6.179  0.25 15.33 ? 66  SER B CA  1 
ATOM   514  C C   A SER A 1 60  ? -16.882 2.820   -6.512  0.25 14.77 ? 66  SER B C   1 
ATOM   515  C C   B SER A 1 60  ? -16.875 2.813   -6.577  0.25 15.52 ? 66  SER B C   1 
ATOM   516  O O   A SER A 1 60  ? -17.986 2.810   -5.923  0.25 15.55 ? 66  SER B O   1 
ATOM   517  O O   B SER A 1 60  ? -18.066 2.934   -6.245  0.25 15.92 ? 66  SER B O   1 
ATOM   518  C CB  A SER A 1 60  ? -16.468 5.339   -6.395  0.25 15.35 ? 66  SER B CB  1 
ATOM   519  C CB  B SER A 1 60  ? -16.545 5.247   -6.449  0.25 15.44 ? 66  SER B CB  1 
ATOM   520  O OG  A SER A 1 60  ? -15.732 6.307   -5.625  0.25 15.87 ? 66  SER B OG  1 
ATOM   521  O OG  B SER A 1 60  ? -16.627 5.440   -7.837  0.25 16.20 ? 66  SER B OG  1 
ATOM   522  N N   A SER A 1 61  ? -16.477 1.865   -7.356  0.25 14.24 ? 67  SER B N   1 
ATOM   523  N N   B SER A 1 61  ? -16.397 1.797   -7.288  0.25 15.73 ? 67  SER B N   1 
ATOM   524  C CA  A SER A 1 61  ? -17.285 0.684   -7.742  0.25 14.97 ? 67  SER B CA  1 
ATOM   525  C CA  B SER A 1 61  ? -17.247 0.699   -7.788  0.25 17.06 ? 67  SER B CA  1 
ATOM   526  C C   A SER A 1 61  ? -16.360 -0.399  -8.294  0.25 15.38 ? 67  SER B C   1 
ATOM   527  C C   B SER A 1 61  ? -16.376 -0.373  -8.432  0.25 16.57 ? 67  SER B C   1 
ATOM   528  O O   A SER A 1 61  ? -15.175 -0.106  -8.484  0.25 15.38 ? 67  SER B O   1 
ATOM   529  O O   B SER A 1 61  ? -15.260 -0.037  -8.876  0.25 16.32 ? 67  SER B O   1 
ATOM   530  C CB  A SER A 1 61  ? -18.318 1.071   -8.782  0.25 15.23 ? 67  SER B CB  1 
ATOM   531  C CB  B SER A 1 61  ? -18.239 1.246   -8.781  0.25 18.45 ? 67  SER B CB  1 
ATOM   532  O OG  A SER A 1 61  ? -17.692 1.299   -10.031 0.25 15.04 ? 67  SER B OG  1 
ATOM   533  O OG  B SER A 1 61  ? -18.952 0.182   -9.375  0.25 21.20 ? 67  SER B OG  1 
ATOM   534  N N   . GLY A 1 62  ? -16.897 -1.597  -8.539  1.00 17.34 ? 68  GLY B N   1 
ATOM   535  C CA  . GLY A 1 62  ? -16.196 -2.612  -9.334  1.00 17.45 ? 68  GLY B CA  1 
ATOM   536  C C   . GLY A 1 62  ? -15.193 -3.435  -8.549  1.00 14.67 ? 68  GLY B C   1 
ATOM   537  O O   . GLY A 1 62  ? -15.098 -3.326  -7.303  1.00 16.00 ? 68  GLY B O   1 
ATOM   538  N N   . LYS A 1 63  ? -14.528 -4.256  -9.324  1.00 15.33 ? 69  LYS B N   1 
ATOM   539  C CA  . LYS A 1 63  ? -13.490 -5.159  -8.851  1.00 15.77 ? 69  LYS B CA  1 
ATOM   540  C C   . LYS A 1 63  ? -12.191 -4.677  -9.475  1.00 15.55 ? 69  LYS B C   1 
ATOM   541  O O   . LYS A 1 63  ? -12.122 -4.491  -10.682 1.00 16.92 ? 69  LYS B O   1 
ATOM   542  C CB  . LYS A 1 63  ? -13.859 -6.591  -9.209  1.00 16.31 ? 69  LYS B CB  1 
ATOM   543  C CG  . LYS A 1 63  ? -15.106 -7.152  -8.524  1.00 18.05 ? 69  LYS B CG  1 
ATOM   544  C CD  . LYS A 1 63  ? -15.478 -8.591  -9.004  1.00 21.16 ? 69  LYS B CD  1 
ATOM   545  C CE  . LYS A 1 63  ? -16.725 -9.137  -8.347  1.00 24.94 ? 69  LYS B CE  1 
ATOM   546  N NZ  . LYS A 1 63  ? -17.045 -10.481 -8.884  1.00 29.60 ? 69  LYS B NZ  1 
ATOM   547  N N   . MET A 1 64  ? -11.129 -4.615  -8.679  1.00 14.52 ? 70  MET B N   1 
ATOM   548  C CA  . MET A 1 64  ? -9.802  -4.105  -9.089  1.00 13.98 ? 70  MET B CA  1 
ATOM   549  C C   . MET A 1 64  ? -8.710  -5.006  -8.529  1.00 13.30 ? 70  MET B C   1 
ATOM   550  O O   . MET A 1 64  ? -8.858  -5.491  -7.400  1.00 14.47 ? 70  MET B O   1 
ATOM   551  C CB  . MET A 1 64  ? -9.532  -2.734  -8.494  1.00 14.46 ? 70  MET B CB  1 
ATOM   552  C CG  . MET A 1 64  ? -10.304 -1.589  -9.085  1.00 15.28 ? 70  MET B CG  1 
ATOM   553  S SD  . MET A 1 64  ? -12.096 -1.472  -8.830  1.00 18.01 ? 70  MET B SD  1 
ATOM   554  C CE  . MET A 1 64  ? -12.263 -1.500  -7.066  1.00 16.26 ? 70  MET B CE  1 
ATOM   555  N N   . TYR A 1 65  ? -7.653  -5.226  -9.271  1.00 13.20 ? 71  TYR B N   1 
ATOM   556  C CA  . TYR A 1 65  ? -6.524  -6.097  -8.844  1.00 13.79 ? 71  TYR B CA  1 
ATOM   557  C C   . TYR A 1 65  ? -5.241  -5.440  -9.305  1.00 14.72 ? 71  TYR B C   1 
ATOM   558  O O   . TYR A 1 65  ? -5.176  -4.961  -10.488 1.00 15.92 ? 71  TYR B O   1 
ATOM   559  C CB  . TYR A 1 65  ? -6.652  -7.506  -9.435  1.00 15.79 ? 71  TYR B CB  1 
ATOM   560  C CG  . TYR A 1 65  ? -5.541  -8.460  -9.082  1.00 14.75 ? 71  TYR B CG  1 
ATOM   561  C CD1 . TYR A 1 65  ? -5.465  -9.022  -7.815  1.00 15.44 ? 71  TYR B CD1 1 
ATOM   562  C CD2 . TYR A 1 65  ? -4.505  -8.706  -9.974  1.00 15.98 ? 71  TYR B CD2 1 
ATOM   563  C CE1 . TYR A 1 65  ? -4.428  -9.880  -7.464  1.00 15.96 ? 71  TYR B CE1 1 
ATOM   564  C CE2 . TYR A 1 65  ? -3.458  -9.549  -9.634  1.00 15.08 ? 71  TYR B CE2 1 
ATOM   565  C CZ  . TYR A 1 65  ? -3.428  -10.131 -8.394  1.00 14.86 ? 71  TYR B CZ  1 
ATOM   566  O OH  . TYR A 1 65  ? -2.362  -10.937 -8.122  1.00 17.28 ? 71  TYR B OH  1 
ATOM   567  N N   . TRP A 1 66  ? -4.237  -5.417  -8.446  1.00 12.98 ? 72  TRP B N   1 
ATOM   568  C CA  . TRP A 1 66  ? -2.880  -5.019  -8.873  1.00 13.38 ? 72  TRP B CA  1 
ATOM   569  C C   . TRP A 1 66  ? -1.822  -5.765  -8.049  1.00 13.27 ? 72  TRP B C   1 
ATOM   570  O O   . TRP A 1 66  ? -2.158  -6.403  -7.037  1.00 13.52 ? 72  TRP B O   1 
ATOM   571  C CB  . TRP A 1 66  ? -2.672  -3.489  -8.819  1.00 12.86 ? 72  TRP B CB  1 
ATOM   572  C CG  . TRP A 1 66  ? -2.790  -2.847  -7.477  1.00 13.43 ? 72  TRP B CG  1 
ATOM   573  C CD1 . TRP A 1 66  ? -1.761  -2.521  -6.616  1.00 12.84 ? 72  TRP B CD1 1 
ATOM   574  C CD2 . TRP A 1 66  ? -3.981  -2.389  -6.831  1.00 13.57 ? 72  TRP B CD2 1 
ATOM   575  N NE1 . TRP A 1 66  ? -2.265  -1.887  -5.500  1.00 13.39 ? 72  TRP B NE1 1 
ATOM   576  C CE2 . TRP A 1 66  ? -3.629  -1.839  -5.579  1.00 13.99 ? 72  TRP B CE2 1 
ATOM   577  C CE3 . TRP A 1 66  ? -5.336  -2.432  -7.165  1.00 15.98 ? 72  TRP B CE3 1 
ATOM   578  C CZ2 . TRP A 1 66  ? -4.551  -1.287  -4.708  1.00 14.98 ? 72  TRP B CZ2 1 
ATOM   579  C CZ3 . TRP A 1 66  ? -6.261  -1.912  -6.300  1.00 18.72 ? 72  TRP B CZ3 1 
ATOM   580  C CH2 . TRP A 1 66  ? -5.882  -1.376  -5.074  1.00 16.21 ? 72  TRP B CH2 1 
ATOM   581  N N   . GLU A 1 67  ? -0.551  -5.692  -8.475  1.00 13.46 ? 73  GLU B N   1 
ATOM   582  C CA  . GLU A 1 67  ? 0.566   -6.418  -7.836  1.00 13.00 ? 73  GLU B CA  1 
ATOM   583  C C   . GLU A 1 67  ? 1.692   -5.449  -7.530  1.00 13.05 ? 73  GLU B C   1 
ATOM   584  O O   . GLU A 1 67  ? 1.938   -4.547  -8.331  1.00 14.02 ? 73  GLU B O   1 
ATOM   585  C CB  . GLU A 1 67  ? 1.052   -7.581  -8.699  1.00 14.75 ? 73  GLU B CB  1 
ATOM   586  C CG  . GLU A 1 67  ? -0.025  -8.662  -8.806  1.00 16.63 ? 73  GLU B CG  1 
ATOM   587  C CD  . GLU A 1 67  ? 0.359   -9.870  -9.638  1.00 20.72 ? 73  GLU B CD  1 
ATOM   588  O OE1 . GLU A 1 67  ? 1.476   -9.804  -10.265 1.00 25.75 ? 73  GLU B OE1 1 
ATOM   589  O OE2 . GLU A 1 67  ? -0.410  -10.913 -9.636  1.00 19.34 ? 73  GLU B OE2 1 
ATOM   590  N N   . VAL A 1 68  ? 2.327   -5.669  -6.392  1.00 13.28 ? 74  VAL B N   1 
ATOM   591  C CA  . VAL A 1 68  ? 3.462   -4.844  -5.949  1.00 12.02 ? 74  VAL B CA  1 
ATOM   592  C C   . VAL A 1 68  ? 4.663   -5.736  -5.638  1.00 12.77 ? 74  VAL B C   1 
ATOM   593  O O   . VAL A 1 68  ? 4.526   -6.706  -4.864  1.00 13.50 ? 74  VAL B O   1 
ATOM   594  C CB  . VAL A 1 68  ? 3.087   -4.003  -4.711  1.00 12.12 ? 74  VAL B CB  1 
ATOM   595  C CG1 . VAL A 1 68  ? 4.200   -3.038  -4.385  1.00 13.22 ? 74  VAL B CG1 1 
ATOM   596  C CG2 . VAL A 1 68  ? 1.749   -3.304  -4.901  1.00 13.17 ? 74  VAL B CG2 1 
ATOM   597  N N   . ASP A 1 69  ? 5.846   -5.331  -6.097  1.00 12.66 ? 75  ASP B N   1 
ATOM   598  C CA  . ASP A 1 69  ? 7.128   -6.024  -5.824  1.00 14.32 ? 75  ASP B CA  1 
ATOM   599  C C   . ASP A 1 69  ? 7.718   -5.429  -4.558  1.00 12.28 ? 75  ASP B C   1 
ATOM   600  O O   . ASP A 1 69  ? 7.836   -4.131  -4.465  1.00 13.59 ? 75  ASP B O   1 
ATOM   601  C CB  . ASP A 1 69  ? 8.101   -5.883  -7.005  1.00 16.18 ? 75  ASP B CB  1 
ATOM   602  C CG  . ASP A 1 69  ? 9.292   -6.832  -6.911  1.00 18.25 ? 75  ASP B CG  1 
ATOM   603  O OD1 . ASP A 1 69  ? 10.024  -6.738  -5.964  1.00 18.57 ? 75  ASP B OD1 1 
ATOM   604  O OD2 . ASP A 1 69  ? 9.353   -7.765  -7.720  1.00 23.69 ? 75  ASP B OD2 1 
ATOM   605  N N   . VAL A 1 70  ? 8.042   -6.280  -3.578  1.00 13.49 ? 76  VAL B N   1 
ATOM   606  C CA  . VAL A 1 70  ? 8.610   -5.897  -2.265  1.00 13.92 ? 76  VAL B CA  1 
ATOM   607  C C   . VAL A 1 70  ? 9.995   -6.543  -2.038  1.00 13.98 ? 76  VAL B C   1 
ATOM   608  O O   . VAL A 1 70  ? 10.463  -6.611  -0.894  1.00 14.54 ? 76  VAL B O   1 
ATOM   609  C CB  . VAL A 1 70  ? 7.612   -6.218  -1.124  1.00 13.73 ? 76  VAL B CB  1 
ATOM   610  C CG1 . VAL A 1 70  ? 6.262   -5.478  -1.284  1.00 13.29 ? 76  VAL B CG1 1 
ATOM   611  C CG2 . VAL A 1 70  ? 7.333   -7.694  -0.954  1.00 14.34 ? 76  VAL B CG2 1 
ATOM   612  N N   . THR A 1 71  ? 10.605  -7.068  -3.100  1.00 14.82 ? 77  THR B N   1 
ATOM   613  C CA  . THR A 1 71  ? 11.885  -7.805  -2.998  1.00 16.04 ? 77  THR B CA  1 
ATOM   614  C C   . THR A 1 71  ? 12.895  -7.024  -2.140  1.00 16.68 ? 77  THR B C   1 
ATOM   615  O O   . THR A 1 71  ? 13.124  -5.840  -2.359  1.00 16.51 ? 77  THR B O   1 
ATOM   616  C CB  . THR A 1 71  ? 12.445  -8.058  -4.392  1.00 16.65 ? 77  THR B CB  1 
ATOM   617  O OG1 . THR A 1 71  ? 11.539  -8.829  -5.177  1.00 19.13 ? 77  THR B OG1 1 
ATOM   618  C CG2 . THR A 1 71  ? 13.763  -8.787  -4.251  1.00 18.29 ? 77  THR B CG2 1 
ATOM   619  N N   . GLN A 1 72  ? 13.502  -7.767  -1.217  1.00 20.51 ? 78  GLN B N   1 
ATOM   620  C CA  . GLN A 1 72  ? 14.597  -7.410  -0.279  1.00 23.70 ? 78  GLN B CA  1 
ATOM   621  C C   . GLN A 1 72  ? 14.231  -6.242  0.645   1.00 25.46 ? 78  GLN B C   1 
ATOM   622  O O   . GLN A 1 72  ? 15.115  -5.763  1.373   1.00 27.36 ? 78  GLN B O   1 
ATOM   623  C CB  . GLN A 1 72  ? 15.892  -7.206  -1.055  1.00 32.08 ? 78  GLN B CB  1 
ATOM   624  C CG  . GLN A 1 72  ? 15.927  -5.967  -1.936  1.00 39.72 ? 78  GLN B CG  1 
ATOM   625  C CD  . GLN A 1 72  ? 17.250  -5.238  -1.867  1.00 43.95 ? 78  GLN B CD  1 
ATOM   626  O OE1 . GLN A 1 72  ? 17.741  -4.707  -2.867  1.00 47.55 ? 78  GLN B OE1 1 
ATOM   627  N NE2 . GLN A 1 72  ? 17.796  -5.144  -0.660  1.00 47.96 ? 78  GLN B NE2 1 
ATOM   628  N N   . LYS A 1 73  ? 12.972  -5.836  0.759   1.00 15.81 ? 79  LYS B N   1 
ATOM   629  C CA  . LYS A 1 73  ? 12.670  -4.844  1.804   1.00 14.79 ? 79  LYS B CA  1 
ATOM   630  C C   . LYS A 1 73  ? 12.481  -5.462  3.190   1.00 13.44 ? 79  LYS B C   1 
ATOM   631  O O   . LYS A 1 73  ? 11.973  -6.616  3.293   1.00 15.73 ? 79  LYS B O   1 
ATOM   632  C CB  . LYS A 1 73  ? 11.398  -4.103  1.398   1.00 14.79 ? 79  LYS B CB  1 
ATOM   633  C CG  . LYS A 1 73  ? 11.622  -3.206  0.161   1.00 15.60 ? 79  LYS B CG  1 
ATOM   634  C CD  . LYS A 1 73  ? 10.476  -2.285  -0.177  1.00 16.36 ? 79  LYS B CD  1 
ATOM   635  C CE  . LYS A 1 73  ? 10.278  -1.212  0.866   1.00 16.02 ? 79  LYS B CE  1 
ATOM   636  N NZ  . LYS A 1 73  ? 11.508  -0.387  1.125   1.00 14.42 ? 79  LYS B NZ  1 
ATOM   637  N N   . GLU A 1 74  ? 12.829  -4.712  4.215   1.00 13.06 ? 80  GLU B N   1 
ATOM   638  C CA  . GLU A 1 74  ? 12.683  -5.100  5.633   1.00 13.14 ? 80  GLU B CA  1 
ATOM   639  C C   . GLU A 1 74  ? 11.376  -4.575  6.221   1.00 13.95 ? 80  GLU B C   1 
ATOM   640  O O   . GLU A 1 74  ? 10.955  -5.038  7.286   1.00 13.69 ? 80  GLU B O   1 
ATOM   641  C CB  . GLU A 1 74  ? 13.828  -4.540  6.493   1.00 14.51 ? 80  GLU B CB  1 
ATOM   642  C CG  . GLU A 1 74  ? 15.174  -5.098  6.142   1.00 16.82 ? 80  GLU B CG  1 
ATOM   643  C CD  . GLU A 1 74  ? 16.295  -4.400  6.931   1.00 16.23 ? 80  GLU B CD  1 
ATOM   644  O OE1 . GLU A 1 74  ? 17.411  -4.969  6.943   1.00 19.82 ? 80  GLU B OE1 1 
ATOM   645  O OE2 . GLU A 1 74  ? 16.029  -3.335  7.593   1.00 19.68 ? 80  GLU B OE2 1 
ATOM   646  N N   . ALA A 1 75  ? 10.796  -3.549  5.622   1.00 12.92 ? 81  ALA B N   1 
ATOM   647  C CA  . ALA A 1 75  ? 9.609   -2.900  6.216   1.00 12.59 ? 81  ALA B CA  1 
ATOM   648  C C   . ALA A 1 75  ? 8.820   -2.242  5.099   1.00 14.00 ? 81  ALA B C   1 
ATOM   649  O O   . ALA A 1 75  ? 9.429   -1.574  4.228   1.00 13.64 ? 81  ALA B O   1 
ATOM   650  C CB  . ALA A 1 75  ? 9.951   -1.890  7.289   1.00 13.65 ? 81  ALA B CB  1 
ATOM   651  N N   . TRP A 1 76  ? 7.491   -2.305  5.176   1.00 11.71 ? 82  TRP B N   1 
ATOM   652  C CA  . TRP A 1 76  ? 6.585   -1.640  4.196   1.00 12.40 ? 82  TRP B CA  1 
ATOM   653  C C   . TRP A 1 76  ? 5.160   -1.828  4.668   1.00 12.35 ? 82  TRP B C   1 
ATOM   654  O O   . TRP A 1 76  ? 4.899   -2.727  5.477   1.00 12.49 ? 82  TRP B O   1 
ATOM   655  C CB  . TRP A 1 76  ? 6.745   -2.201  2.781   1.00 12.71 ? 82  TRP B CB  1 
ATOM   656  C CG  . TRP A 1 76  ? 6.723   -3.695  2.637   1.00 12.25 ? 82  TRP B CG  1 
ATOM   657  C CD1 . TRP A 1 76  ? 7.798   -4.517  2.564   1.00 13.43 ? 82  TRP B CD1 1 
ATOM   658  C CD2 . TRP A 1 76  ? 5.598   -4.606  2.692   1.00 12.54 ? 82  TRP B CD2 1 
ATOM   659  N NE1 . TRP A 1 76  ? 7.438   -5.827  2.463   1.00 12.89 ? 82  TRP B NE1 1 
ATOM   660  C CE2 . TRP A 1 76  ? 6.070   -5.915  2.550   1.00 13.32 ? 82  TRP B CE2 1 
ATOM   661  C CE3 . TRP A 1 76  ? 4.207   -4.421  2.781   1.00 13.51 ? 82  TRP B CE3 1 
ATOM   662  C CZ2 . TRP A 1 76  ? 5.270   -7.046  2.540   1.00 13.17 ? 82  TRP B CZ2 1 
ATOM   663  C CZ3 . TRP A 1 76  ? 3.394   -5.535  2.776   1.00 13.00 ? 82  TRP B CZ3 1 
ATOM   664  C CH2 . TRP A 1 76  ? 3.921   -6.822  2.629   1.00 15.11 ? 82  TRP B CH2 1 
ATOM   665  N N   . ASP A 1 77  ? 4.267   -0.982  4.178   1.00 12.09 ? 83  ASP B N   1 
ATOM   666  C CA  . ASP A 1 77  ? 2.793   -1.141  4.354   1.00 11.72 ? 83  ASP B CA  1 
ATOM   667  C C   . ASP A 1 77  ? 2.182   -1.107  2.942   1.00 11.56 ? 83  ASP B C   1 
ATOM   668  O O   . ASP A 1 77  ? 2.625   -0.245  2.132   1.00 11.39 ? 83  ASP B O   1 
ATOM   669  C CB  . ASP A 1 77  ? 2.160   -0.040  5.197   1.00 13.76 ? 83  ASP B CB  1 
ATOM   670  C CG  . ASP A 1 77  ? 2.876   0.394   6.461   1.00 17.09 ? 83  ASP B CG  1 
ATOM   671  O OD1 . ASP A 1 77  ? 3.436   -0.436  7.084   1.00 21.44 ? 83  ASP B OD1 1 
ATOM   672  O OD2 . ASP A 1 77  ? 2.806   1.584   6.802   1.00 18.78 ? 83  ASP B OD2 1 
ATOM   673  N N   . LEU A 1 78  ? 1.156   -1.893  2.654   1.00 10.19 ? 84  LEU B N   1 
ATOM   674  C CA  . LEU A 1 78  ? 0.454   -1.881  1.349   1.00 10.57 ? 84  LEU B CA  1 
ATOM   675  C C   . LEU A 1 78  ? -1.031  -2.059  1.597   1.00 10.93 ? 84  LEU B C   1 
ATOM   676  O O   . LEU A 1 78  ? -1.446  -2.831  2.461   1.00 10.60 ? 84  LEU B O   1 
ATOM   677  C CB  . LEU A 1 78  ? 0.911   -3.024  0.448   1.00 11.22 ? 84  LEU B CB  1 
ATOM   678  C CG  . LEU A 1 78  ? 2.325   -2.928  -0.103  1.00 12.86 ? 84  LEU B CG  1 
ATOM   679  C CD1 . LEU A 1 78  ? 2.674   -4.240  -0.777  1.00 13.59 ? 84  LEU B CD1 1 
ATOM   680  C CD2 . LEU A 1 78  ? 2.420   -1.759  -1.048  1.00 13.43 ? 84  LEU B CD2 1 
ATOM   681  N N   . GLY A 1 79  ? -1.815  -1.447  0.734   1.00 10.20 ? 85  GLY B N   1 
ATOM   682  C CA  . GLY A 1 79  ? -3.246  -1.756  0.679   1.00 11.32 ? 85  GLY B CA  1 
ATOM   683  C C   . GLY A 1 79  ? -3.994  -0.662  -0.056  1.00 10.31 ? 85  GLY B C   1 
ATOM   684  O O   . GLY A 1 79  ? -3.570  -0.204  -1.121  1.00 10.33 ? 85  GLY B O   1 
ATOM   685  N N   A VAL A 1 80  ? -5.161  -0.291  0.485   0.25 10.11 ? 86  VAL B N   1 
ATOM   686  N N   B VAL A 1 80  ? -5.069  -0.190  0.560   0.25 10.77 ? 86  VAL B N   1 
ATOM   687  C CA  A VAL A 1 80  ? -6.002  0.839   -0.006  0.25 10.11 ? 86  VAL B CA  1 
ATOM   688  C CA  B VAL A 1 80  ? -5.977  0.802   -0.062  0.25 11.23 ? 86  VAL B CA  1 
ATOM   689  C C   A VAL A 1 80  ? -6.351  1.747   1.166   0.25 10.17 ? 86  VAL B C   1 
ATOM   690  C C   B VAL A 1 80  ? -6.523  1.668   1.082   0.25 10.91 ? 86  VAL B C   1 
ATOM   691  O O   A VAL A 1 80  ? -6.289  1.340   2.347   0.25 10.30 ? 86  VAL B O   1 
ATOM   692  O O   B VAL A 1 80  ? -6.642  1.174   2.202   0.25 11.29 ? 86  VAL B O   1 
ATOM   693  C CB  A VAL A 1 80  ? -7.314  0.403   -0.681  0.25 10.00 ? 86  VAL B CB  1 
ATOM   694  C CB  B VAL A 1 80  ? -7.045  0.061   -0.894  0.25 12.29 ? 86  VAL B CB  1 
ATOM   695  C CG1 A VAL A 1 80  ? -7.043  -0.247  -2.023  0.25 9.58  ? 86  VAL B CG1 1 
ATOM   696  C CG1 B VAL A 1 80  ? -8.027  -0.691  -0.017  0.25 12.33 ? 86  VAL B CG1 1 
ATOM   697  C CG2 A VAL A 1 80  ? -8.130  -0.510  0.219   0.25 10.18 ? 86  VAL B CG2 1 
ATOM   698  C CG2 B VAL A 1 80  ? -7.764  0.971   -1.866  0.25 12.73 ? 86  VAL B CG2 1 
ATOM   699  N N   . CYS A 1 81  ? -6.783  2.952   0.841   1.00 10.24 ? 87  CYS B N   1 
ATOM   700  C CA  . CYS A 1 81  ? -7.314  3.848   1.870   1.00 11.49 ? 87  CYS B CA  1 
ATOM   701  C C   . CYS A 1 81  ? -8.368  4.763   1.267   1.00 11.20 ? 87  CYS B C   1 
ATOM   702  O O   . CYS A 1 81  ? -8.439  4.945   0.021   1.00 11.71 ? 87  CYS B O   1 
ATOM   703  C CB  . CYS A 1 81  ? -6.195  4.661   2.496   1.00 12.14 ? 87  CYS B CB  1 
ATOM   704  S SG  . CYS A 1 81  ? -5.344  5.814   1.381   1.00 13.21 ? 87  CYS B SG  1 
ATOM   705  N N   A ARG A 1 82  ? -9.164  5.354   2.139   0.25 12.35 ? 88  ARG B N   1 
ATOM   706  N N   B ARG A 1 82  ? -9.172  5.349   2.132   0.25 10.99 ? 88  ARG B N   1 
ATOM   707  C CA  A ARG A 1 82  ? -10.105 6.426   1.743   0.25 13.52 ? 88  ARG B CA  1 
ATOM   708  C CA  B ARG A 1 82  ? -10.162 6.372   1.721   0.25 11.16 ? 88  ARG B CA  1 
ATOM   709  C C   A ARG A 1 82  ? -9.325  7.579   1.118   0.25 12.59 ? 88  ARG B C   1 
ATOM   710  C C   B ARG A 1 82  ? -9.413  7.617   1.209   0.25 11.42 ? 88  ARG B C   1 
ATOM   711  O O   A ARG A 1 82  ? -8.205  7.869   1.540   0.25 12.53 ? 88  ARG B O   1 
ATOM   712  O O   B ARG A 1 82  ? -8.387  8.004   1.809   0.25 11.81 ? 88  ARG B O   1 
ATOM   713  C CB  A ARG A 1 82  ? -10.857 6.976   2.952   0.25 15.17 ? 88  ARG B CB  1 
ATOM   714  C CB  B ARG A 1 82  ? -11.068 6.710   2.909   0.25 10.88 ? 88  ARG B CB  1 
ATOM   715  C CG  A ARG A 1 82  ? -11.740 5.935   3.609   0.25 17.11 ? 88  ARG B CG  1 
ATOM   716  C CG  B ARG A 1 82  ? -12.309 7.502   2.531   0.25 10.46 ? 88  ARG B CG  1 
ATOM   717  C CD  A ARG A 1 82  ? -12.789 6.537   4.520   0.25 19.07 ? 88  ARG B CD  1 
ATOM   718  C CD  B ARG A 1 82  ? -13.136 7.889   3.730   0.25 9.97  ? 88  ARG B CD  1 
ATOM   719  N NE  A ARG A 1 82  ? -13.488 5.480   5.233   0.25 19.31 ? 88  ARG B NE  1 
ATOM   720  N NE  B ARG A 1 82  ? -13.549 6.711   4.461   0.25 9.72  ? 88  ARG B NE  1 
ATOM   721  C CZ  A ARG A 1 82  ? -13.583 5.405   6.547   0.25 19.60 ? 88  ARG B CZ  1 
ATOM   722  C CZ  B ARG A 1 82  ? -13.268 6.458   5.745   0.25 9.35  ? 88  ARG B CZ  1 
ATOM   723  N NH1 A ARG A 1 82  ? -13.038 6.340   7.305   0.25 19.18 ? 88  ARG B NH1 1 
ATOM   724  N NH1 B ARG A 1 82  ? -12.668 7.347   6.494   0.25 10.54 ? 88  ARG B NH1 1 
ATOM   725  N NH2 A ARG A 1 82  ? -14.249 4.408   7.095   0.25 22.56 ? 88  ARG B NH2 1 
ATOM   726  N NH2 B ARG A 1 82  ? -13.634 5.305   6.278   0.25 9.08  ? 88  ARG B NH2 1 
ATOM   727  N N   . ASP A 1 83  ? -9.929  8.256   0.155   1.00 12.53 ? 89  ASP B N   1 
ATOM   728  C CA  . ASP A 1 83  ? -9.262  9.453   -0.415  1.00 13.56 ? 89  ASP B CA  1 
ATOM   729  C C   . ASP A 1 83  ? -9.085  10.493  0.680   1.00 15.01 ? 89  ASP B C   1 
ATOM   730  O O   . ASP A 1 83  ? -8.130  11.308  0.550   1.00 17.91 ? 89  ASP B O   1 
ATOM   731  C CB  . ASP A 1 83  ? -10.110 9.956   -1.578  1.00 15.10 ? 89  ASP B CB  1 
ATOM   732  C CG  . ASP A 1 83  ? -11.510 10.430  -1.270  1.00 17.12 ? 89  ASP B CG  1 
ATOM   733  O OD1 . ASP A 1 83  ? -12.049 10.194  -0.166  1.00 20.17 ? 89  ASP B OD1 1 
ATOM   734  O OD2 . ASP A 1 83  ? -12.069 11.044  -2.236  1.00 20.79 ? 89  ASP B OD2 1 
ATOM   735  N N   . SER A 1 84  ? -9.916  10.548  1.718   1.00 13.06 ? 90  SER B N   1 
ATOM   736  C CA  . SER A 1 84  ? -9.877  11.624  2.724   1.00 15.35 ? 90  SER B CA  1 
ATOM   737  C C   . SER A 1 84  ? -9.090  11.275  3.993   1.00 14.20 ? 90  SER B C   1 
ATOM   738  O O   . SER A 1 84  ? -9.269  11.944  5.008   1.00 15.40 ? 90  SER B O   1 
ATOM   739  C CB  . SER A 1 84  ? -11.268 12.031  3.040   1.00 16.71 ? 90  SER B CB  1 
ATOM   740  O OG  . SER A 1 84  ? -12.025 10.959  3.492   1.00 17.15 ? 90  SER B OG  1 
ATOM   741  N N   . VAL A 1 85  ? -8.222  10.263  3.958   1.00 13.24 ? 91  VAL B N   1 
ATOM   742  C CA  . VAL A 1 85  ? -7.425  9.950   5.168   1.00 14.12 ? 91  VAL B CA  1 
ATOM   743  C C   . VAL A 1 85  ? -6.591  11.179  5.558   1.00 13.53 ? 91  VAL B C   1 
ATOM   744  O O   . VAL A 1 85  ? -6.128  11.952  4.684   1.00 14.67 ? 91  VAL B O   1 
ATOM   745  C CB  . VAL A 1 85  ? -6.537  8.701   5.003   1.00 13.42 ? 91  VAL B CB  1 
ATOM   746  C CG1 . VAL A 1 85  ? -7.387  7.451   4.904   1.00 13.30 ? 91  VAL B CG1 1 
ATOM   747  C CG2 . VAL A 1 85  ? -5.532  8.795   3.882   1.00 13.21 ? 91  VAL B CG2 1 
ATOM   748  N N   . GLN A 1 86  ? -6.362  11.267  6.849   1.00 15.54 ? 92  GLN B N   1 
ATOM   749  C CA  . GLN A 1 86  ? -5.417  12.260  7.453   1.00 16.74 ? 92  GLN B CA  1 
ATOM   750  C C   . GLN A 1 86  ? -4.034  12.131  6.796   1.00 16.16 ? 92  GLN B C   1 
ATOM   751  O O   . GLN A 1 86  ? -3.561  11.037  6.581   1.00 16.23 ? 92  GLN B O   1 
ATOM   752  C CB  . GLN A 1 86  ? -5.351  11.945  8.953   1.00 19.82 ? 92  GLN B CB  1 
ATOM   753  C CG  . GLN A 1 86  ? -4.374  12.752  9.803   1.00 23.53 ? 92  GLN B CG  1 
ATOM   754  C CD  . GLN A 1 86  ? -4.281  12.222  11.225  1.00 24.94 ? 92  GLN B CD  1 
ATOM   755  O OE1 . GLN A 1 86  ? -5.097  11.400  11.693  1.00 28.66 ? 92  GLN B OE1 1 
ATOM   756  N NE2 . GLN A 1 86  ? -3.267  12.660  11.973  1.00 26.90 ? 92  GLN B NE2 1 
ATOM   757  N N   . ARG A 1 87  ? -3.377  13.256  6.529   1.00 14.47 ? 93  ARG B N   1 
ATOM   758  C CA  . ARG A 1 87  ? -2.047  13.325  5.866   1.00 15.00 ? 93  ARG B CA  1 
ATOM   759  C C   . ARG A 1 87  ? -0.995  13.785  6.880   1.00 15.97 ? 93  ARG B C   1 
ATOM   760  O O   . ARG A 1 87  ? 0.149   13.388  6.709   1.00 15.98 ? 93  ARG B O   1 
ATOM   761  C CB  . ARG A 1 87  ? -2.046  14.249  4.651   1.00 15.79 ? 93  ARG B CB  1 
ATOM   762  C CG  . ARG A 1 87  ? -3.106  13.947  3.594   1.00 15.14 ? 93  ARG B CG  1 
ATOM   763  C CD  . ARG A 1 87  ? -3.107  12.490  3.141   1.00 16.21 ? 93  ARG B CD  1 
ATOM   764  N NE  . ARG A 1 87  ? -4.302  12.260  2.304   1.00 16.89 ? 93  ARG B NE  1 
ATOM   765  C CZ  . ARG A 1 87  ? -4.416  12.557  1.017   1.00 16.82 ? 93  ARG B CZ  1 
ATOM   766  N NH1 . ARG A 1 87  ? -3.397  13.064  0.350   1.00 17.33 ? 93  ARG B NH1 1 
ATOM   767  N NH2 . ARG A 1 87  ? -5.566  12.373  0.403   1.00 17.96 ? 93  ARG B NH2 1 
ATOM   768  N N   . LYS A 1 88  ? -1.367  14.600  7.874   1.00 16.12 ? 94  LYS B N   1 
ATOM   769  C CA  . LYS A 1 88  ? -0.384  15.278  8.754   1.00 16.36 ? 94  LYS B CA  1 
ATOM   770  C C   . LYS A 1 88  ? -0.412  14.679  10.145  1.00 17.77 ? 94  LYS B C   1 
ATOM   771  O O   . LYS A 1 88  ? -1.506  14.347  10.630  1.00 20.33 ? 94  LYS B O   1 
ATOM   772  C CB  . LYS A 1 88  ? -0.660  16.777  8.834   1.00 17.17 ? 94  LYS B CB  1 
ATOM   773  C CG  . LYS A 1 88  ? -0.788  17.481  7.506   1.00 18.85 ? 94  LYS B CG  1 
ATOM   774  C CD  . LYS A 1 88  ? 0.409   17.287  6.570   1.00 18.88 ? 94  LYS B CD  1 
ATOM   775  C CE  . LYS A 1 88  ? 0.202   18.068  5.302   1.00 19.57 ? 94  LYS B CE  1 
ATOM   776  N NZ  . LYS A 1 88  ? 1.347   17.948  4.368   1.00 21.53 ? 94  LYS B NZ  1 
ATOM   777  N N   . GLY A 1 89  ? 0.744   14.595  10.776  1.00 17.73 ? 95  GLY B N   1 
ATOM   778  C CA  . GLY A 1 89  ? 0.865   14.107  12.145  1.00 19.12 ? 95  GLY B CA  1 
ATOM   779  C C   . GLY A 1 89  ? 0.825   12.614  12.266  1.00 19.40 ? 95  GLY B C   1 
ATOM   780  O O   . GLY A 1 89  ? 0.988   11.906  11.214  1.00 19.31 ? 95  GLY B O   1 
ATOM   781  N N   . GLN A 1 90  ? 0.697   12.150  13.504  1.00 19.41 ? 96  GLN B N   1 
ATOM   782  C CA  . GLN A 1 90  ? 0.763   10.717  13.819  1.00 22.60 ? 96  GLN B CA  1 
ATOM   783  C C   . GLN A 1 90  ? -0.625  10.089  13.721  1.00 20.88 ? 96  GLN B C   1 
ATOM   784  O O   . GLN A 1 90  ? -1.607  10.762  13.985  1.00 21.75 ? 96  GLN B O   1 
ATOM   785  C CB  . GLN A 1 90  ? 1.336   10.519  15.226  1.00 27.90 ? 96  GLN B CB  1 
ATOM   786  C CG  . GLN A 1 90  ? 2.813   10.845  15.282  1.00 36.28 ? 96  GLN B CG  1 
ATOM   787  C CD  . GLN A 1 90  ? 3.259   11.095  16.695  1.00 47.89 ? 96  GLN B CD  1 
ATOM   788  O OE1 . GLN A 1 90  ? 3.897   10.241  17.310  1.00 56.33 ? 96  GLN B OE1 1 
ATOM   789  N NE2 . GLN A 1 90  ? 2.894   12.266  17.210  1.00 53.46 ? 96  GLN B NE2 1 
ATOM   790  N N   . PHE A 1 91  ? -0.693  8.846   13.238  1.00 17.22 ? 97  PHE B N   1 
ATOM   791  C CA  . PHE A 1 91  ? -1.952  8.075   13.138  1.00 17.29 ? 97  PHE B CA  1 
ATOM   792  C C   . PHE A 1 91  ? -1.619  6.593   12.974  1.00 17.29 ? 97  PHE B C   1 
ATOM   793  O O   . PHE A 1 91  ? -0.526  6.225   12.527  1.00 18.28 ? 97  PHE B O   1 
ATOM   794  C CB  . PHE A 1 91  ? -2.824  8.565   11.978  1.00 17.20 ? 97  PHE B CB  1 
ATOM   795  C CG  . PHE A 1 91  ? -2.144  8.536   10.641  1.00 16.62 ? 97  PHE B CG  1 
ATOM   796  C CD1 . PHE A 1 91  ? -2.150  7.376   9.890   1.00 18.76 ? 97  PHE B CD1 1 
ATOM   797  C CD2 . PHE A 1 91  ? -1.547  9.665   10.112  1.00 17.37 ? 97  PHE B CD2 1 
ATOM   798  C CE1 . PHE A 1 91  ? -1.549  7.337   8.646   1.00 16.49 ? 97  PHE B CE1 1 
ATOM   799  C CE2 . PHE A 1 91  ? -0.981  9.642   8.839   1.00 16.90 ? 97  PHE B CE2 1 
ATOM   800  C CZ  . PHE A 1 91  ? -0.979  8.470   8.122   1.00 16.91 ? 97  PHE B CZ  1 
ATOM   801  N N   A SER A 1 92  ? -2.543  5.722   13.372  0.25 18.14 ? 98  SER B N   1 
ATOM   802  N N   B SER A 1 92  ? -2.585  5.754   13.349  0.25 17.20 ? 98  SER B N   1 
ATOM   803  C CA  A SER A 1 92  ? -2.424  4.260   13.153  0.25 18.51 ? 98  SER B CA  1 
ATOM   804  C CA  B SER A 1 92  ? -2.553  4.282   13.182  0.25 16.94 ? 98  SER B CA  1 
ATOM   805  C C   A SER A 1 92  ? -3.168  3.872   11.873  0.25 16.69 ? 98  SER B C   1 
ATOM   806  C C   B SER A 1 92  ? -3.182  3.897   11.840  0.25 15.80 ? 98  SER B C   1 
ATOM   807  O O   A SER A 1 92  ? -4.183  4.519   11.522  0.25 16.79 ? 98  SER B O   1 
ATOM   808  O O   B SER A 1 92  ? -4.137  4.594   11.394  0.25 15.68 ? 98  SER B O   1 
ATOM   809  C CB  A SER A 1 92  ? -2.933  3.469   14.320  0.25 20.85 ? 98  SER B CB  1 
ATOM   810  C CB  B SER A 1 92  ? -3.256  3.594   14.323  0.25 17.82 ? 98  SER B CB  1 
ATOM   811  O OG  A SER A 1 92  ? -4.093  4.085   14.845  0.25 24.06 ? 98  SER B OG  1 
ATOM   812  O OG  B SER A 1 92  ? -2.532  3.785   15.533  0.25 18.77 ? 98  SER B OG  1 
ATOM   813  N N   . LEU A 1 93  ? -2.658  2.845   11.209  1.00 15.39 ? 99  LEU B N   1 
ATOM   814  C CA  . LEU A 1 93  ? -3.302  2.247   10.032  1.00 15.30 ? 99  LEU B CA  1 
ATOM   815  C C   . LEU A 1 93  ? -4.394  1.303   10.530  1.00 15.20 ? 99  LEU B C   1 
ATOM   816  O O   . LEU A 1 93  ? -4.111  0.208   11.022  1.00 18.08 ? 99  LEU B O   1 
ATOM   817  C CB  . LEU A 1 93  ? -2.274  1.508   9.180   1.00 16.18 ? 99  LEU B CB  1 
ATOM   818  C CG  . LEU A 1 93  ? -1.191  2.373   8.549   1.00 17.69 ? 99  LEU B CG  1 
ATOM   819  C CD1 . LEU A 1 93  ? -0.203  1.502   7.783   1.00 18.24 ? 99  LEU B CD1 1 
ATOM   820  C CD2 . LEU A 1 93  ? -1.738  3.435   7.631   1.00 18.50 ? 99  LEU B CD2 1 
ATOM   821  N N   . SER A 1 94  ? -5.665  1.694   10.418  1.00 14.82 ? 100 SER B N   1 
ATOM   822  C CA  . SER A 1 94  ? -6.809  0.890   10.874  1.00 14.48 ? 100 SER B CA  1 
ATOM   823  C C   . SER A 1 94  ? -7.997  1.236   10.006  1.00 12.73 ? 100 SER B C   1 
ATOM   824  O O   . SER A 1 94  ? -8.065  2.343   9.464   1.00 12.85 ? 100 SER B O   1 
ATOM   825  C CB  . SER A 1 94  ? -7.194  1.151   12.303  1.00 15.65 ? 100 SER B CB  1 
ATOM   826  O OG  . SER A 1 94  ? -7.592  2.506   12.450  1.00 20.26 ? 100 SER B OG  1 
ATOM   827  N N   . PRO A 1 95  ? -8.965  0.338   9.903   1.00 12.99 ? 101 PRO B N   1 
ATOM   828  C CA  . PRO A 1 95  ? -10.203 0.672   9.196   1.00 13.37 ? 101 PRO B CA  1 
ATOM   829  C C   . PRO A 1 95  ? -10.941 1.884   9.785   1.00 13.40 ? 101 PRO B C   1 
ATOM   830  O O   . PRO A 1 95  ? -11.502 2.692   9.011   1.00 14.39 ? 101 PRO B O   1 
ATOM   831  C CB  . PRO A 1 95  ? -11.016 -0.634  9.274   1.00 14.57 ? 101 PRO B CB  1 
ATOM   832  C CG  . PRO A 1 95  ? -9.933  -1.718  9.373   1.00 15.78 ? 101 PRO B CG  1 
ATOM   833  C CD  . PRO A 1 95  ? -8.900  -1.088  10.261  1.00 14.87 ? 101 PRO B CD  1 
ATOM   834  N N   . GLU A 1 96  ? -10.867 2.059   11.093  1.00 15.18 ? 102 GLU B N   1 
ATOM   835  C CA  . GLU A 1 96  ? -11.505 3.234   11.757  1.00 17.27 ? 102 GLU B CA  1 
ATOM   836  C C   . GLU A 1 96  ? -10.903 4.517   11.183  1.00 16.66 ? 102 GLU B C   1 
ATOM   837  O O   . GLU A 1 96  ? -11.604 5.554   11.103  1.00 18.65 ? 102 GLU B O   1 
ATOM   838  C CB  . GLU A 1 96  ? -11.353 3.148   13.274  1.00 21.56 ? 102 GLU B CB  1 
ATOM   839  C CG  . GLU A 1 96  ? -11.855 1.831   13.821  1.00 31.75 ? 102 GLU B CG  1 
ATOM   840  C CD  . GLU A 1 96  ? -10.794 0.770   14.122  1.00 37.32 ? 102 GLU B CD  1 
ATOM   841  O OE1 . GLU A 1 96  ? -10.475 -0.105  13.211  1.00 25.50 ? 102 GLU B OE1 1 
ATOM   842  O OE2 . GLU A 1 96  ? -10.327 0.770   15.318  1.00 46.92 ? 102 GLU B OE2 1 
ATOM   843  N N   . ASN A 1 97  ? -9.614  4.534   10.843  1.00 15.35 ? 103 ASN B N   1 
ATOM   844  C CA  . ASN A 1 97  ? -8.943  5.719   10.260  1.00 14.80 ? 103 ASN B CA  1 
ATOM   845  C C   . ASN A 1 97  ? -8.988  5.705   8.728   1.00 13.91 ? 103 ASN B C   1 
ATOM   846  O O   . ASN A 1 97  ? -8.436  6.611   8.126   1.00 15.15 ? 103 ASN B O   1 
ATOM   847  C CB  . ASN A 1 97  ? -7.484  5.829   10.741  1.00 16.29 ? 103 ASN B CB  1 
ATOM   848  C CG  . ASN A 1 97  ? -7.364  6.255   12.184  1.00 18.81 ? 103 ASN B CG  1 
ATOM   849  O OD1 . ASN A 1 97  ? -8.315  6.837   12.749  1.00 20.62 ? 103 ASN B OD1 1 
ATOM   850  N ND2 . ASN A 1 97  ? -6.253  5.908   12.823  1.00 20.50 ? 103 ASN B ND2 1 
ATOM   851  N N   . GLY A 1 98  ? -9.666  4.747   8.090   1.00 12.88 ? 104 GLY B N   1 
ATOM   852  C CA  . GLY A 1 98  ? -9.800  4.737   6.629   1.00 11.84 ? 104 GLY B CA  1 
ATOM   853  C C   . GLY A 1 98  ? -8.732  3.956   5.888   1.00 11.50 ? 104 GLY B C   1 
ATOM   854  O O   . GLY A 1 98  ? -8.542  4.225   4.706   1.00 11.56 ? 104 GLY B O   1 
ATOM   855  N N   . PHE A 1 99  ? -8.082  2.966   6.528   1.00 12.64 ? 105 PHE B N   1 
ATOM   856  C CA  . PHE A 1 99  ? -7.013  2.173   5.869   1.00 11.13 ? 105 PHE B CA  1 
ATOM   857  C C   . PHE A 1 99  ? -7.332  0.681   5.917   1.00 10.45 ? 105 PHE B C   1 
ATOM   858  O O   . PHE A 1 99  ? -7.677  0.218   7.044   1.00 12.02 ? 105 PHE B O   1 
ATOM   859  C CB  . PHE A 1 99  ? -5.643  2.395   6.527   1.00 11.32 ? 105 PHE B CB  1 
ATOM   860  C CG  . PHE A 1 99  ? -5.126  3.815   6.493   1.00 10.89 ? 105 PHE B CG  1 
ATOM   861  C CD1 . PHE A 1 99  ? -5.471  4.702   7.506   1.00 11.50 ? 105 PHE B CD1 1 
ATOM   862  C CD2 . PHE A 1 99  ? -4.310  4.246   5.469   1.00 11.78 ? 105 PHE B CD2 1 
ATOM   863  C CE1 . PHE A 1 99  ? -5.019  6.004   7.477   1.00 13.02 ? 105 PHE B CE1 1 
ATOM   864  C CE2 . PHE A 1 99  ? -3.849  5.553   5.443   1.00 12.55 ? 105 PHE B CE2 1 
ATOM   865  C CZ  . PHE A 1 99  ? -4.183  6.402   6.463   1.00 11.81 ? 105 PHE B CZ  1 
ATOM   866  N N   . TRP A 1 100 ? -7.074  -0.033  4.836   1.00 10.10 ? 106 TRP B N   1 
ATOM   867  C CA  . TRP A 1 100 ? -7.175  -1.513  4.725   1.00 10.30 ? 106 TRP B CA  1 
ATOM   868  C C   . TRP A 1 100 ? -5.842  -2.027  4.202   1.00 9.46  ? 106 TRP B C   1 
ATOM   869  O O   . TRP A 1 100 ? -5.591  -1.947  2.975   1.00 10.38 ? 106 TRP B O   1 
ATOM   870  C CB  . TRP A 1 100 ? -8.385  -1.945  3.884   1.00 10.44 ? 106 TRP B CB  1 
ATOM   871  C CG  . TRP A 1 100 ? -9.665  -1.483  4.524   1.00 10.64 ? 106 TRP B CG  1 
ATOM   872  C CD1 . TRP A 1 100 ? -10.486 -2.198  5.346   1.00 11.57 ? 106 TRP B CD1 1 
ATOM   873  C CD2 . TRP A 1 100 ? -10.307 -0.185  4.360   1.00 11.27 ? 106 TRP B CD2 1 
ATOM   874  N NE1 . TRP A 1 100 ? -11.547 -1.400  5.779   1.00 12.34 ? 106 TRP B NE1 1 
ATOM   875  C CE2 . TRP A 1 100 ? -11.445 -0.177  5.183   1.00 12.27 ? 106 TRP B CE2 1 
ATOM   876  C CE3 . TRP A 1 100 ? -9.980  0.947   3.624   1.00 11.32 ? 106 TRP B CE3 1 
ATOM   877  C CZ2 . TRP A 1 100 ? -12.281 0.946   5.280   1.00 12.83 ? 106 TRP B CZ2 1 
ATOM   878  C CZ3 . TRP A 1 100 ? -10.813 2.052   3.725   1.00 13.01 ? 106 TRP B CZ3 1 
ATOM   879  C CH2 . TRP A 1 100 ? -11.912 2.048   4.546   1.00 12.67 ? 106 TRP B CH2 1 
ATOM   880  N N   . THR A 1 101 ? -4.980  -2.454  5.135   1.00 10.23 ? 107 THR B N   1 
ATOM   881  C CA  . THR A 1 101 ? -3.539  -2.621  4.836   1.00 10.21 ? 107 THR B CA  1 
ATOM   882  C C   . THR A 1 101 ? -2.980  -3.867  5.532   1.00 10.41 ? 107 THR B C   1 
ATOM   883  O O   . THR A 1 101 ? -3.537  -4.334  6.517   1.00 10.58 ? 107 THR B O   1 
ATOM   884  C CB  . THR A 1 101 ? -2.701  -1.423  5.281   1.00 11.17 ? 107 THR B CB  1 
ATOM   885  O OG1 . THR A 1 101 ? -2.781  -1.251  6.687   1.00 11.37 ? 107 THR B OG1 1 
ATOM   886  C CG2 . THR A 1 101 ? -3.113  -0.166  4.540   1.00 11.65 ? 107 THR B CG2 1 
ATOM   887  N N   . ILE A 1 102 ? -1.872  -4.345  4.982   1.00 10.48 ? 108 ILE B N   1 
ATOM   888  C CA  . ILE A 1 102 ? -0.969  -5.304  5.684   1.00 10.44 ? 108 ILE B CA  1 
ATOM   889  C C   . ILE A 1 102 ? 0.417   -4.675  5.696   1.00 10.32 ? 108 ILE B C   1 
ATOM   890  O O   . ILE A 1 102 ? 0.701   -3.770  4.891   1.00 10.72 ? 108 ILE B O   1 
ATOM   891  C CB  . ILE A 1 102 ? -0.980  -6.708  5.043   1.00 11.45 ? 108 ILE B CB  1 
ATOM   892  C CG1 . ILE A 1 102 ? -0.356  -6.733  3.647   1.00 11.95 ? 108 ILE B CG1 1 
ATOM   893  C CG2 . ILE A 1 102 ? -2.407  -7.232  5.023   1.00 12.48 ? 108 ILE B CG2 1 
ATOM   894  C CD1 . ILE A 1 102 ? -0.113  -8.125  3.048   1.00 12.74 ? 108 ILE B CD1 1 
ATOM   895  N N   . TRP A 1 103 ? 1.288   -5.283  6.490   1.00 10.85 ? 109 TRP B N   1 
ATOM   896  C CA  . TRP A 1 103 ? 2.666   -4.775  6.566   1.00 11.40 ? 109 TRP B CA  1 
ATOM   897  C C   . TRP A 1 103 ? 3.643   -5.844  6.975   1.00 12.10 ? 109 TRP B C   1 
ATOM   898  O O   . TRP A 1 103 ? 3.281   -6.884  7.537   1.00 12.46 ? 109 TRP B O   1 
ATOM   899  C CB  . TRP A 1 103 ? 2.755   -3.577  7.450   1.00 14.40 ? 109 TRP B CB  1 
ATOM   900  C CG  . TRP A 1 103 ? 2.460   -3.803  8.879   1.00 17.00 ? 109 TRP B CG  1 
ATOM   901  C CD1 . TRP A 1 103 ? 3.261   -4.396  9.814   1.00 17.43 ? 109 TRP B CD1 1 
ATOM   902  C CD2 . TRP A 1 103 ? 1.353   -3.229  9.575   1.00 18.03 ? 109 TRP B CD2 1 
ATOM   903  N NE1 . TRP A 1 103 ? 2.726   -4.234  11.051  1.00 21.36 ? 109 TRP B NE1 1 
ATOM   904  C CE2 . TRP A 1 103 ? 1.547   -3.543  10.946  1.00 18.78 ? 109 TRP B CE2 1 
ATOM   905  C CE3 . TRP A 1 103 ? 0.245   -2.485  9.173   1.00 20.05 ? 109 TRP B CE3 1 
ATOM   906  C CZ2 . TRP A 1 103 ? 0.639   -3.158  11.923  1.00 21.79 ? 109 TRP B CZ2 1 
ATOM   907  C CZ3 . TRP A 1 103 ? -0.624  -2.084  10.152  1.00 22.59 ? 109 TRP B CZ3 1 
ATOM   908  C CH2 . TRP A 1 103 ? -0.427  -2.402  11.488  1.00 21.03 ? 109 TRP B CH2 1 
ATOM   909  N N   . LEU A 1 104 ? 4.915   -5.523  6.676   1.00 12.46 ? 110 LEU B N   1 
ATOM   910  C CA  . LEU A 1 104 ? 6.086   -6.241  7.210   1.00 12.04 ? 110 LEU B CA  1 
ATOM   911  C C   . LEU A 1 104 ? 6.800   -5.307  8.167   1.00 11.56 ? 110 LEU B C   1 
ATOM   912  O O   . LEU A 1 104 ? 7.062   -4.163  7.826   1.00 12.24 ? 110 LEU B O   1 
ATOM   913  C CB  . LEU A 1 104 ? 7.005   -6.651  6.074   1.00 12.44 ? 110 LEU B CB  1 
ATOM   914  C CG  . LEU A 1 104 ? 8.373   -7.228  6.472   1.00 12.84 ? 110 LEU B CG  1 
ATOM   915  C CD1 . LEU A 1 104 ? 8.229   -8.521  7.244   1.00 14.08 ? 110 LEU B CD1 1 
ATOM   916  C CD2 . LEU A 1 104 ? 9.238   -7.419  5.252   1.00 14.33 ? 110 LEU B CD2 1 
ATOM   917  N N   . TRP A 1 105 ? 7.198   -5.837  9.332   1.00 13.16 ? 111 TRP B N   1 
ATOM   918  C CA  . TRP A 1 105 ? 7.957   -5.068  10.326  1.00 14.28 ? 111 TRP B CA  1 
ATOM   919  C C   . TRP A 1 105 ? 8.691   -6.048  11.232  1.00 15.21 ? 111 TRP B C   1 
ATOM   920  O O   . TRP A 1 105 ? 8.034   -6.965  11.781  1.00 15.15 ? 111 TRP B O   1 
ATOM   921  C CB  . TRP A 1 105 ? 6.982   -4.210  11.126  1.00 17.90 ? 111 TRP B CB  1 
ATOM   922  C CG  . TRP A 1 105 ? 7.593   -3.529  12.280  1.00 22.41 ? 111 TRP B CG  1 
ATOM   923  C CD1 . TRP A 1 105 ? 7.438   -3.813  13.612  1.00 23.39 ? 111 TRP B CD1 1 
ATOM   924  C CD2 . TRP A 1 105 ? 8.464   -2.419  12.173  1.00 22.54 ? 111 TRP B CD2 1 
ATOM   925  N NE1 . TRP A 1 105 ? 8.132   -2.906  14.336  1.00 25.03 ? 111 TRP B NE1 1 
ATOM   926  C CE2 . TRP A 1 105 ? 8.782   -2.053  13.496  1.00 21.99 ? 111 TRP B CE2 1 
ATOM   927  C CE3 . TRP A 1 105 ? 8.956   -1.679  11.107  1.00 21.20 ? 111 TRP B CE3 1 
ATOM   928  C CZ2 . TRP A 1 105 ? 9.595   -0.976  13.777  1.00 28.11 ? 111 TRP B CZ2 1 
ATOM   929  C CZ3 . TRP A 1 105 ? 9.808   -0.644  11.385  1.00 26.96 ? 111 TRP B CZ3 1 
ATOM   930  C CH2 . TRP A 1 105 ? 10.135  -0.316  12.700  1.00 27.77 ? 111 TRP B CH2 1 
ATOM   931  N N   . GLN A 1 106 ? 10.021  -5.909  11.327  1.00 14.82 ? 112 GLN B N   1 
ATOM   932  C CA  . GLN A 1 106 ? 10.811  -6.747  12.281  1.00 15.70 ? 112 GLN B CA  1 
ATOM   933  C C   . GLN A 1 106 ? 10.507  -8.210  12.076  1.00 16.37 ? 112 GLN B C   1 
ATOM   934  O O   . GLN A 1 106 ? 10.292  -8.958  13.108  1.00 18.43 ? 112 GLN B O   1 
ATOM   935  C CB  . GLN A 1 106 ? 10.589  -6.218  13.696  1.00 17.56 ? 112 GLN B CB  1 
ATOM   936  C CG  . GLN A 1 106 ? 11.106  -4.797  13.884  1.00 18.16 ? 112 GLN B CG  1 
ATOM   937  C CD  . GLN A 1 106 ? 11.136  -4.285  15.304  1.00 20.63 ? 112 GLN B CD  1 
ATOM   938  O OE1 . GLN A 1 106 ? 11.757  -3.235  15.588  1.00 22.74 ? 112 GLN B OE1 1 
ATOM   939  N NE2 . GLN A 1 106 ? 10.516  -5.024  16.204  1.00 18.87 ? 112 GLN B NE2 1 
ATOM   940  N N   . ASP A 1 107 ? 10.595  -8.670  10.848  1.00 17.30 ? 113 ASP B N   1 
ATOM   941  C CA  . ASP A 1 107 ? 10.529  -10.099 10.507  1.00 21.86 ? 113 ASP B CA  1 
ATOM   942  C C   . ASP A 1 107 ? 9.146   -10.706 10.780  1.00 22.07 ? 113 ASP B C   1 
ATOM   943  O O   . ASP A 1 107 ? 9.040   -11.956 10.719  1.00 28.49 ? 113 ASP B O   1 
ATOM   944  C CB  . ASP A 1 107 ? 11.504  -10.868 11.411  1.00 27.85 ? 113 ASP B CB  1 
ATOM   945  C CG  . ASP A 1 107 ? 12.334  -11.895 10.703  1.00 39.12 ? 113 ASP B CG  1 
ATOM   946  O OD1 . ASP A 1 107 ? 12.060  -12.179 9.519   1.00 44.82 ? 113 ASP B OD1 1 
ATOM   947  O OD2 . ASP A 1 107 ? 13.293  -12.384 11.363  1.00 58.05 ? 113 ASP B OD2 1 
ATOM   948  N N   . SER A 1 108 ? 8.111   -9.907  11.008  1.00 17.29 ? 114 SER B N   1 
ATOM   949  C CA  . SER A 1 108 ? 6.721   -10.437 11.120  1.00 18.07 ? 114 SER B CA  1 
ATOM   950  C C   . SER A 1 108 ? 5.785   -9.681  10.173  1.00 16.29 ? 114 SER B C   1 
ATOM   951  O O   . SER A 1 108 ? 5.961   -8.444  9.931   1.00 15.19 ? 114 SER B O   1 
ATOM   952  C CB  . SER A 1 108 ? 6.280   -10.470 12.566  1.00 24.18 ? 114 SER B CB  1 
ATOM   953  O OG  . SER A 1 108 ? 5.804   -9.227  12.996  1.00 34.98 ? 114 SER B OG  1 
ATOM   954  N N   . TYR A 1 109 ? 4.784   -10.385 9.704   1.00 14.08 ? 115 TYR B N   1 
ATOM   955  C CA  . TYR A 1 109 ? 3.732   -9.803  8.818   1.00 12.88 ? 115 TYR B CA  1 
ATOM   956  C C   . TYR A 1 109 ? 2.466   -9.664  9.641   1.00 12.95 ? 115 TYR B C   1 
ATOM   957  O O   . TYR A 1 109 ? 2.110   -10.600 10.395  1.00 13.83 ? 115 TYR B O   1 
ATOM   958  C CB  . TYR A 1 109 ? 3.511   -10.692 7.609   1.00 12.83 ? 115 TYR B CB  1 
ATOM   959  C CG  . TYR A 1 109 ? 4.720   -10.848 6.700   1.00 13.59 ? 115 TYR B CG  1 
ATOM   960  C CD1 . TYR A 1 109 ? 5.638   -11.854 6.909   1.00 14.43 ? 115 TYR B CD1 1 
ATOM   961  C CD2 . TYR A 1 109 ? 4.919   -10.024 5.608   1.00 13.20 ? 115 TYR B CD2 1 
ATOM   962  C CE1 . TYR A 1 109 ? 6.731   -12.034 6.071   1.00 15.26 ? 115 TYR B CE1 1 
ATOM   963  C CE2 . TYR A 1 109 ? 6.029   -10.156 4.783   1.00 14.16 ? 115 TYR B CE2 1 
ATOM   964  C CZ  . TYR A 1 109 ? 6.925   -11.186 5.005   1.00 15.15 ? 115 TYR B CZ  1 
ATOM   965  O OH  . TYR A 1 109 ? 8.036   -11.325 4.221   1.00 15.96 ? 115 TYR B OH  1 
ATOM   966  N N   A GLU A 1 110 ? 1.778   -8.525  9.521   0.25 13.34 ? 116 GLU B N   1 
ATOM   967  N N   B GLU A 1 110 ? 1.815   -8.497  9.551   0.25 12.62 ? 116 GLU B N   1 
ATOM   968  C CA  A GLU A 1 110 ? 0.544   -8.251  10.300  0.25 13.66 ? 116 GLU B CA  1 
ATOM   969  C CA  B GLU A 1 110 ? 0.582   -8.156  10.310  0.25 12.45 ? 116 GLU B CA  1 
ATOM   970  C C   A GLU A 1 110 ? -0.479  -7.492  9.457   0.25 12.05 ? 116 GLU B C   1 
ATOM   971  C C   B GLU A 1 110 ? -0.480  -7.598  9.347   0.25 11.31 ? 116 GLU B C   1 
ATOM   972  O O   A GLU A 1 110 ? -0.084  -6.623  8.671   0.25 11.91 ? 116 GLU B O   1 
ATOM   973  O O   B GLU A 1 110 ? -0.116  -7.038  8.291   0.25 10.72 ? 116 GLU B O   1 
ATOM   974  C CB  A GLU A 1 110 ? 0.842   -7.443  11.556  0.25 15.52 ? 116 GLU B CB  1 
ATOM   975  C CB  B GLU A 1 110 ? 0.872   -7.148  11.425  0.25 13.38 ? 116 GLU B CB  1 
ATOM   976  C CG  A GLU A 1 110 ? 1.818   -8.152  12.480  0.25 17.77 ? 116 GLU B CG  1 
ATOM   977  C CG  B GLU A 1 110 ? 1.903   -7.627  12.449  0.25 14.94 ? 116 GLU B CG  1 
ATOM   978  C CD  A GLU A 1 110 ? 2.170   -7.356  13.713  0.25 20.85 ? 116 GLU B CD  1 
ATOM   979  C CD  B GLU A 1 110 ? 1.361   -8.584  13.504  0.25 15.94 ? 116 GLU B CD  1 
ATOM   980  O OE1 A GLU A 1 110 ? 2.208   -6.110  13.618  0.25 24.19 ? 116 GLU B OE1 1 
ATOM   981  O OE1 B GLU A 1 110 ? 0.149   -8.532  13.803  0.25 19.94 ? 116 GLU B OE1 1 
ATOM   982  O OE2 A GLU A 1 110 ? 2.399   -7.988  14.767  0.25 21.66 ? 116 GLU B OE2 1 
ATOM   983  O OE2 B GLU A 1 110 ? 2.161   -9.345  14.058  0.25 20.99 ? 116 GLU B OE2 1 
ATOM   984  N N   . ALA A 1 111 ? -1.758  -7.788  9.684   1.00 11.99 ? 117 ALA B N   1 
ATOM   985  C CA  . ALA A 1 111 ? -2.852  -7.024  9.073   1.00 11.56 ? 117 ALA B CA  1 
ATOM   986  C C   . ALA A 1 111 ? -3.189  -5.840  9.960   1.00 12.23 ? 117 ALA B C   1 
ATOM   987  O O   . ALA A 1 111 ? -3.217  -5.948  11.200  1.00 12.46 ? 117 ALA B O   1 
ATOM   988  C CB  . ALA A 1 111 ? -4.094  -7.874  8.894   1.00 12.06 ? 117 ALA B CB  1 
ATOM   989  N N   . GLY A 1 112 ? -3.437  -4.688  9.321   1.00 12.07 ? 118 GLY B N   1 
ATOM   990  C CA  . GLY A 1 112 ? -3.752  -3.404  9.970   1.00 12.80 ? 118 GLY B CA  1 
ATOM   991  C C   . GLY A 1 112 ? -5.154  -3.347  10.519  1.00 13.46 ? 118 GLY B C   1 
ATOM   992  O O   . GLY A 1 112 ? -5.889  -2.446  10.227  1.00 15.12 ? 118 GLY B O   1 
ATOM   993  N N   . THR A 1 113 ? -5.576  -4.312  11.310  1.00 14.73 ? 119 THR B N   1 
ATOM   994  C CA  . THR A 1 113 ? -6.776  -4.229  12.159  1.00 16.72 ? 119 THR B CA  1 
ATOM   995  C C   . THR A 1 113 ? -6.419  -3.468  13.447  1.00 17.07 ? 119 THR B C   1 
ATOM   996  O O   . THR A 1 113 ? -5.225  -3.209  13.680  1.00 18.79 ? 119 THR B O   1 
ATOM   997  C CB  . THR A 1 113 ? -7.288  -5.647  12.378  1.00 13.94 ? 119 THR B CB  1 
ATOM   998  O OG1 . THR A 1 113 ? -6.204  -6.404  12.947  1.00 14.70 ? 119 THR B OG1 1 
ATOM   999  C CG2 . THR A 1 113 ? -7.765  -6.359  11.152  1.00 15.73 ? 119 THR B CG2 1 
ATOM   1000 N N   . SER A 1 114 ? -7.415  -3.147  14.277  1.00 20.84 ? 120 SER B N   1 
ATOM   1001 C CA  . SER A 1 114 ? -7.146  -2.515  15.585  1.00 23.10 ? 120 SER B CA  1 
ATOM   1002 C C   . SER A 1 114 ? -7.723  -3.395  16.693  1.00 24.18 ? 120 SER B C   1 
ATOM   1003 O O   . SER A 1 114 ? -8.937  -3.561  16.807  1.00 26.00 ? 120 SER B O   1 
ATOM   1004 C CB  . SER A 1 114 ? -7.695  -1.100  15.635  1.00 29.63 ? 120 SER B CB  1 
ATOM   1005 O OG  . SER A 1 114 ? -7.265  -0.469  16.854  1.00 32.27 ? 120 SER B OG  1 
ATOM   1006 N N   . PRO A 1 115 ? -6.876  -4.097  17.463  1.00 22.63 ? 121 PRO B N   1 
ATOM   1007 C CA  . PRO A 1 115 ? -5.439  -4.121  17.276  1.00 23.09 ? 121 PRO B CA  1 
ATOM   1008 C C   . PRO A 1 115 ? -5.023  -5.039  16.116  1.00 18.58 ? 121 PRO B C   1 
ATOM   1009 O O   . PRO A 1 115 ? -5.845  -5.752  15.566  1.00 17.43 ? 121 PRO B O   1 
ATOM   1010 C CB  . PRO A 1 115 ? -4.926  -4.728  18.575  1.00 25.78 ? 121 PRO B CB  1 
ATOM   1011 C CG  . PRO A 1 115 ? -6.021  -5.698  18.954  1.00 24.64 ? 121 PRO B CG  1 
ATOM   1012 C CD  . PRO A 1 115 ? -7.319  -5.039  18.520  1.00 25.16 ? 121 PRO B CD  1 
ATOM   1013 N N   . GLN A 1 116 ? -3.751  -4.984  15.764  1.00 18.91 ? 122 GLN B N   1 
ATOM   1014 C CA  . GLN A 1 116 ? -3.215  -5.664  14.567  1.00 17.58 ? 122 GLN B CA  1 
ATOM   1015 C C   . GLN A 1 116 ? -3.321  -7.190  14.718  1.00 15.32 ? 122 GLN B C   1 
ATOM   1016 O O   . GLN A 1 116 ? -3.299  -7.710  15.860  1.00 16.64 ? 122 GLN B O   1 
ATOM   1017 C CB  . GLN A 1 116 ? -1.794  -5.201  14.250  1.00 22.09 ? 122 GLN B CB  1 
ATOM   1018 C CG  . GLN A 1 116 ? -0.742  -5.777  15.166  1.00 29.20 ? 122 GLN B CG  1 
ATOM   1019 C CD  . GLN A 1 116 ? 0.185   -4.710  15.679  1.00 38.14 ? 122 GLN B CD  1 
ATOM   1020 O OE1 . GLN A 1 116 ? -0.235  -3.597  15.992  1.00 45.87 ? 122 GLN B OE1 1 
ATOM   1021 N NE2 . GLN A 1 116 ? 1.447   -5.071  15.813  1.00 46.92 ? 122 GLN B NE2 1 
ATOM   1022 N N   . THR A 1 117 ? -3.425  -7.874  13.597  1.00 13.59 ? 123 THR B N   1 
ATOM   1023 C CA  . THR A 1 117 ? -3.617  -9.330  13.519  1.00 12.77 ? 123 THR B CA  1 
ATOM   1024 C C   . THR A 1 117 ? -2.348  -9.958  12.945  1.00 13.37 ? 123 THR B C   1 
ATOM   1025 O O   . THR A 1 117 ? -1.940  -9.649  11.795  1.00 13.43 ? 123 THR B O   1 
ATOM   1026 C CB  . THR A 1 117 ? -4.870  -9.672  12.693  1.00 12.94 ? 123 THR B CB  1 
ATOM   1027 O OG1 . THR A 1 117 ? -5.983  -9.022  13.293  1.00 14.58 ? 123 THR B OG1 1 
ATOM   1028 C CG2 . THR A 1 117 ? -5.075  -11.165 12.587  1.00 13.40 ? 123 THR B CG2 1 
ATOM   1029 N N   . THR A 1 118 ? -1.812  -10.974 13.609  1.00 13.82 ? 124 THR B N   1 
ATOM   1030 C CA  . THR A 1 118 ? -0.693  -11.781 13.105  1.00 14.94 ? 124 THR B CA  1 
ATOM   1031 C C   . THR A 1 118 ? -1.021  -12.548 11.834  1.00 14.37 ? 124 THR B C   1 
ATOM   1032 O O   . THR A 1 118 ? -2.123  -13.191 11.771  1.00 15.83 ? 124 THR B O   1 
ATOM   1033 C CB  . THR A 1 118 ? -0.358  -12.807 14.210  1.00 17.69 ? 124 THR B CB  1 
ATOM   1034 O OG1 . THR A 1 118 ? 0.126   -12.079 15.331  1.00 21.32 ? 124 THR B OG1 1 
ATOM   1035 C CG2 . THR A 1 118 ? 0.587   -13.869 13.717  1.00 20.48 ? 124 THR B CG2 1 
ATOM   1036 N N   . LEU A 1 119 ? -0.196  -12.469 10.798  1.00 12.29 ? 125 LEU B N   1 
ATOM   1037 C CA  . LEU A 1 119 ? -0.361  -13.213 9.542   1.00 12.23 ? 125 LEU B CA  1 
ATOM   1038 C C   . LEU A 1 119 ? 0.545   -14.443 9.618   1.00 14.70 ? 125 LEU B C   1 
ATOM   1039 O O   . LEU A 1 119 ? 1.560   -14.427 10.374  1.00 19.72 ? 125 LEU B O   1 
ATOM   1040 C CB  . LEU A 1 119 ? -0.035  -12.357 8.314   1.00 12.78 ? 125 LEU B CB  1 
ATOM   1041 C CG  . LEU A 1 119 ? -0.915  -11.095 8.191   1.00 12.28 ? 125 LEU B CG  1 
ATOM   1042 C CD1 . LEU A 1 119 ? -0.441  -10.190 7.056   1.00 12.90 ? 125 LEU B CD1 1 
ATOM   1043 C CD2 . LEU A 1 119 ? -2.404  -11.452 8.009   1.00 13.65 ? 125 LEU B CD2 1 
ATOM   1044 N N   . HIS A 1 120 ? 0.184   -15.494 8.926   1.00 14.06 ? 126 HIS B N   1 
ATOM   1045 C CA  . HIS A 1 120 ? 0.895   -16.792 8.940   1.00 14.06 ? 126 HIS B CA  1 
ATOM   1046 C C   . HIS A 1 120 ? 1.432   -17.003 7.541   1.00 15.80 ? 126 HIS B C   1 
ATOM   1047 O O   . HIS A 1 120 ? 0.691   -17.468 6.646   1.00 22.11 ? 126 HIS B O   1 
ATOM   1048 C CB  . HIS A 1 120 ? -0.084  -17.895 9.359   1.00 14.78 ? 126 HIS B CB  1 
ATOM   1049 C CG  . HIS A 1 120 ? -0.677  -17.707 10.719  1.00 15.41 ? 126 HIS B CG  1 
ATOM   1050 N ND1 . HIS A 1 120 ? -1.938  -17.141 10.922  1.00 18.16 ? 126 HIS B ND1 1 
ATOM   1051 C CD2 . HIS A 1 120 ? -0.218  -17.986 11.946  1.00 18.20 ? 126 HIS B CD2 1 
ATOM   1052 C CE1 . HIS A 1 120 ? -2.178  -17.072 12.220  1.00 19.80 ? 126 HIS B CE1 1 
ATOM   1053 N NE2 . HIS A 1 120 ? -1.162  -17.594 12.873  1.00 17.64 ? 126 HIS B NE2 1 
ATOM   1054 N N   . ILE A 1 121 ? 2.665   -16.609 7.303   1.00 19.09 ? 127 ILE B N   1 
ATOM   1055 C CA  . ILE A 1 121 ? 3.304   -16.676 5.963   1.00 20.77 ? 127 ILE B CA  1 
ATOM   1056 C C   . ILE A 1 121 ? 4.523   -17.635 6.045   1.00 20.86 ? 127 ILE B C   1 
ATOM   1057 O O   . ILE A 1 121 ? 5.451   -17.373 6.834   1.00 27.70 ? 127 ILE B O   1 
ATOM   1058 C CB  . ILE A 1 121 ? 3.661   -15.229 5.536   1.00 21.61 ? 127 ILE B CB  1 
ATOM   1059 C CG1 . ILE A 1 121 ? 2.370   -14.411 5.299   1.00 20.24 ? 127 ILE B CG1 1 
ATOM   1060 C CG2 . ILE A 1 121 ? 4.596   -15.302 4.332   1.00 26.40 ? 127 ILE B CG2 1 
ATOM   1061 C CD1 . ILE A 1 121 ? 2.543   -13.062 4.620   1.00 21.94 ? 127 ILE B CD1 1 
ATOM   1062 N N   . GLN A 1 122 ? 4.465   -18.746 5.333   1.00 25.16 ? 128 GLN B N   1 
ATOM   1063 C CA  . GLN A 1 122 ? 5.575   -19.748 5.332   1.00 27.92 ? 128 GLN B CA  1 
ATOM   1064 C C   . GLN A 1 122 ? 6.622   -19.338 4.284   1.00 24.96 ? 128 GLN B C   1 
ATOM   1065 O O   . GLN A 1 122 ? 7.840   -19.562 4.536   1.00 25.17 ? 128 GLN B O   1 
ATOM   1066 C CB  . GLN A 1 122 ? 4.978   -21.139 5.083   1.00 34.16 ? 128 GLN B CB  1 
ATOM   1067 C CG  . GLN A 1 122 ? 6.001   -22.277 5.034   1.00 45.14 ? 128 GLN B CG  1 
ATOM   1068 C CD  . GLN A 1 122 ? 6.675   -22.571 6.358   1.00 50.22 ? 128 GLN B CD  1 
ATOM   1069 O OE1 . GLN A 1 122 ? 6.306   -22.049 7.409   1.00 59.25 ? 128 GLN B OE1 1 
ATOM   1070 N NE2 . GLN A 1 122 ? 7.713   -23.391 6.311   1.00 56.70 ? 128 GLN B NE2 1 
ATOM   1071 N N   . VAL A 1 123 ? 6.190   -18.713 3.193   1.00 22.55 ? 129 VAL B N   1 
ATOM   1072 C CA  . VAL A 1 123 ? 7.091   -18.306 2.067   1.00 19.82 ? 129 VAL B CA  1 
ATOM   1073 C C   . VAL A 1 123 ? 7.154   -16.777 1.989   1.00 20.35 ? 129 VAL B C   1 
ATOM   1074 O O   . VAL A 1 123 ? 6.158   -16.172 1.585   1.00 18.80 ? 129 VAL B O   1 
ATOM   1075 C CB  . VAL A 1 123 ? 6.607   -18.902 0.738   1.00 21.77 ? 129 VAL B CB  1 
ATOM   1076 C CG1 . VAL A 1 123 ? 7.443   -18.433 -0.451  1.00 22.84 ? 129 VAL B CG1 1 
ATOM   1077 C CG2 . VAL A 1 123 ? 6.580   -20.430 0.801   1.00 23.89 ? 129 VAL B CG2 1 
ATOM   1078 N N   . PRO A 1 124 ? 8.214   -16.097 2.486   1.00 19.33 ? 130 PRO B N   1 
ATOM   1079 C CA  . PRO A 1 124 ? 8.259   -14.634 2.472   1.00 18.69 ? 130 PRO B CA  1 
ATOM   1080 C C   . PRO A 1 124 ? 7.962   -14.132 1.074   1.00 17.88 ? 130 PRO B C   1 
ATOM   1081 O O   . PRO A 1 124 ? 8.596   -14.527 0.127   1.00 17.84 ? 130 PRO B O   1 
ATOM   1082 C CB  . PRO A 1 124 ? 9.716   -14.336 2.899   1.00 20.88 ? 130 PRO B CB  1 
ATOM   1083 C CG  . PRO A 1 124 ? 9.984   -15.471 3.876   1.00 22.43 ? 130 PRO B CG  1 
ATOM   1084 C CD  . PRO A 1 124 ? 9.405   -16.649 3.173   1.00 21.73 ? 130 PRO B CD  1 
ATOM   1085 N N   . PRO A 1 125 ? 6.928   -13.292 0.858   1.00 15.73 ? 131 PRO B N   1 
ATOM   1086 C CA  . PRO A 1 125 ? 6.592   -12.840 -0.474  1.00 15.28 ? 131 PRO B CA  1 
ATOM   1087 C C   . PRO A 1 125 ? 7.609   -11.864 -1.067  1.00 15.02 ? 131 PRO B C   1 
ATOM   1088 O O   . PRO A 1 125 ? 8.038   -10.967 -0.359  1.00 16.17 ? 131 PRO B O   1 
ATOM   1089 C CB  . PRO A 1 125 ? 5.205   -12.196 -0.302  1.00 16.95 ? 131 PRO B CB  1 
ATOM   1090 C CG  . PRO A 1 125 ? 5.078   -11.909 1.152   1.00 18.22 ? 131 PRO B CG  1 
ATOM   1091 C CD  . PRO A 1 125 ? 5.966   -12.873 1.894   1.00 16.90 ? 131 PRO B CD  1 
ATOM   1092 N N   . CYS A 1 126 ? 7.859   -12.024 -2.355  1.00 15.48 ? 132 CYS B N   1 
ATOM   1093 C CA  . CYS A 1 126 ? 8.600   -11.016 -3.160  1.00 16.75 ? 132 CYS B CA  1 
ATOM   1094 C C   . CYS A 1 126 ? 7.605   -10.131 -3.937  1.00 15.56 ? 132 CYS B C   1 
ATOM   1095 O O   . CYS A 1 126 ? 7.956   -9.034  -4.327  1.00 14.46 ? 132 CYS B O   1 
ATOM   1096 C CB  . CYS A 1 126 ? 9.573   -11.664 -4.123  1.00 19.07 ? 132 CYS B CB  1 
ATOM   1097 S SG  . CYS A 1 126 ? 10.891  -12.558 -3.248  1.00 25.84 ? 132 CYS B SG  1 
ATOM   1098 N N   A GLN A 1 127 ? 6.378   -10.610 -4.185  0.25 15.24 ? 133 GLN B N   1 
ATOM   1099 N N   B GLN A 1 127 ? 6.375   -10.617 -4.108  0.25 16.01 ? 133 GLN B N   1 
ATOM   1100 C CA  A GLN A 1 127 ? 5.303   -9.806  -4.837  0.25 15.83 ? 133 GLN B CA  1 
ATOM   1101 C CA  B GLN A 1 127 ? 5.291   -9.887  -4.808  0.25 17.26 ? 133 GLN B CA  1 
ATOM   1102 C C   A GLN A 1 127 ? 3.959   -10.130 -4.177  0.25 15.20 ? 133 GLN B C   1 
ATOM   1103 C C   B GLN A 1 127 ? 3.992   -10.123 -4.033  0.25 16.07 ? 133 GLN B C   1 
ATOM   1104 O O   A GLN A 1 127 ? 3.681   -11.320 -3.930  0.25 13.29 ? 133 GLN B O   1 
ATOM   1105 O O   B GLN A 1 127 ? 3.809   -11.228 -3.469  0.25 13.66 ? 133 GLN B O   1 
ATOM   1106 C CB  A GLN A 1 127 ? 5.160   -10.038 -6.346  0.25 17.09 ? 133 GLN B CB  1 
ATOM   1107 C CB  B GLN A 1 127 ? 5.186   -10.309 -6.274  0.25 20.09 ? 133 GLN B CB  1 
ATOM   1108 C CG  A GLN A 1 127 ? 6.382   -9.671  -7.172  0.25 18.05 ? 133 GLN B CG  1 
ATOM   1109 C CG  B GLN A 1 127 ? 6.443   -10.025 -7.081  0.25 22.34 ? 133 GLN B CG  1 
ATOM   1110 C CD  A GLN A 1 127 ? 7.298   -10.856 -7.350  0.25 19.43 ? 133 GLN B CD  1 
ATOM   1111 C CD  B GLN A 1 127 ? 6.219   -10.092 -8.572  0.25 24.42 ? 133 GLN B CD  1 
ATOM   1112 O OE1 A GLN A 1 127 ? 6.855   -12.003 -7.408  0.25 18.36 ? 133 GLN B OE1 1 
ATOM   1113 O OE1 B GLN A 1 127 ? 5.102   -10.273 -9.060  0.25 27.95 ? 133 GLN B OE1 1 
ATOM   1114 N NE2 A GLN A 1 127 ? 8.594   -10.586 -7.419  0.25 20.06 ? 133 GLN B NE2 1 
ATOM   1115 N NE2 B GLN A 1 127 ? 7.297   -9.932  -9.313  0.25 27.59 ? 133 GLN B NE2 1 
ATOM   1116 N N   . ILE A 1 128 ? 3.171   -9.077  -3.937  1.00 14.64 ? 134 ILE B N   1 
ATOM   1117 C CA  . ILE A 1 128 ? 1.880   -9.100  -3.190  1.00 13.89 ? 134 ILE B CA  1 
ATOM   1118 C C   . ILE A 1 128 ? 0.820   -8.728  -4.220  1.00 14.32 ? 134 ILE B C   1 
ATOM   1119 O O   . ILE A 1 128 ? 0.966   -7.716  -4.965  1.00 13.67 ? 134 ILE B O   1 
ATOM   1120 C CB  . ILE A 1 128 ? 1.917   -8.078  -2.047  1.00 14.78 ? 134 ILE B CB  1 
ATOM   1121 C CG1 . ILE A 1 128 ? 3.000   -8.351  -0.992  1.00 17.99 ? 134 ILE B CG1 1 
ATOM   1122 C CG2 . ILE A 1 128 ? 0.517   -7.993  -1.425  1.00 14.88 ? 134 ILE B CG2 1 
ATOM   1123 C CD1 . ILE A 1 128 ? 2.764   -9.550  -0.168  1.00 17.45 ? 134 ILE B CD1 1 
ATOM   1124 N N   . GLY A 1 129 ? -0.256  -9.509  -4.294  1.00 13.46 ? 135 GLY B N   1 
ATOM   1125 C CA  . GLY A 1 129 ? -1.432  -9.151  -5.079  1.00 12.95 ? 135 GLY B CA  1 
ATOM   1126 C C   . GLY A 1 129 ? -2.507  -8.583  -4.174  1.00 13.47 ? 135 GLY B C   1 
ATOM   1127 O O   . GLY A 1 129 ? -2.704  -9.041  -3.069  1.00 12.91 ? 135 GLY B O   1 
ATOM   1128 N N   . ILE A 1 130 ? -3.137  -7.485  -4.617  1.00 13.41 ? 136 ILE B N   1 
ATOM   1129 C CA  . ILE A 1 130 ? -4.194  -6.767  -3.859  1.00 12.78 ? 136 ILE B CA  1 
ATOM   1130 C C   . ILE A 1 130 ? -5.464  -6.734  -4.695  1.00 12.90 ? 136 ILE B C   1 
ATOM   1131 O O   . ILE A 1 130 ? -5.431  -6.340  -5.851  1.00 13.00 ? 136 ILE B O   1 
ATOM   1132 C CB  . ILE A 1 130 ? -3.745  -5.345  -3.506  1.00 14.08 ? 136 ILE B CB  1 
ATOM   1133 C CG1 . ILE A 1 130 ? -2.453  -5.394  -2.696  1.00 15.37 ? 136 ILE B CG1 1 
ATOM   1134 C CG2 . ILE A 1 130 ? -4.865  -4.546  -2.821  1.00 14.63 ? 136 ILE B CG2 1 
ATOM   1135 C CD1 . ILE A 1 130 ? -1.835  -4.078  -2.439  1.00 18.21 ? 136 ILE B CD1 1 
ATOM   1136 N N   . PHE A 1 131 ? -6.522  -7.262  -4.127  1.00 13.10 ? 137 PHE B N   1 
ATOM   1137 C CA  . PHE A 1 131 ? -7.861  -7.343  -4.743  1.00 12.43 ? 137 PHE B CA  1 
ATOM   1138 C C   . PHE A 1 131 ? -8.851  -6.543  -3.912  1.00 11.59 ? 137 PHE B C   1 
ATOM   1139 O O   . PHE A 1 131 ? -8.954  -6.725  -2.688  1.00 12.62 ? 137 PHE B O   1 
ATOM   1140 C CB  . PHE A 1 131 ? -8.338  -8.790  -4.819  1.00 13.76 ? 137 PHE B CB  1 
ATOM   1141 C CG  . PHE A 1 131 ? -9.734  -8.978  -5.372  1.00 13.89 ? 137 PHE B CG  1 
ATOM   1142 C CD1 . PHE A 1 131 ? -10.010 -8.700  -6.696  1.00 16.13 ? 137 PHE B CD1 1 
ATOM   1143 C CD2 . PHE A 1 131 ? -10.766 -9.437  -4.569  1.00 16.37 ? 137 PHE B CD2 1 
ATOM   1144 C CE1 . PHE A 1 131 ? -11.298 -8.877  -7.195  1.00 18.68 ? 137 PHE B CE1 1 
ATOM   1145 C CE2 . PHE A 1 131 ? -12.051 -9.605  -5.072  1.00 17.75 ? 137 PHE B CE2 1 
ATOM   1146 C CZ  . PHE A 1 131 ? -12.301 -9.344  -6.383  1.00 16.01 ? 137 PHE B CZ  1 
ATOM   1147 N N   . VAL A 1 132 ? -9.612  -5.677  -4.589  1.00 12.27 ? 138 VAL B N   1 
ATOM   1148 C CA  . VAL A 1 132 ? -10.696 -4.872  -3.985  1.00 12.51 ? 138 VAL B CA  1 
ATOM   1149 C C   . VAL A 1 132 ? -12.010 -5.163  -4.711  1.00 11.37 ? 138 VAL B C   1 
ATOM   1150 O O   . VAL A 1 132 ? -12.071 -5.049  -5.927  1.00 13.77 ? 138 VAL B O   1 
ATOM   1151 C CB  . VAL A 1 132 ? -10.380 -3.371  -3.989  1.00 12.75 ? 138 VAL B CB  1 
ATOM   1152 C CG1 . VAL A 1 132 ? -11.518 -2.583  -3.323  1.00 14.57 ? 138 VAL B CG1 1 
ATOM   1153 C CG2 . VAL A 1 132 ? -9.034  -3.122  -3.313  1.00 14.04 ? 138 VAL B CG2 1 
ATOM   1154 N N   . ASP A 1 133 ? -13.012 -5.570  -3.962  1.00 12.18 ? 139 ASP B N   1 
ATOM   1155 C CA  . ASP A 1 133 ? -14.414 -5.641  -4.459  1.00 13.43 ? 139 ASP B CA  1 
ATOM   1156 C C   . ASP A 1 133 ? -15.207 -4.577  -3.718  1.00 12.38 ? 139 ASP B C   1 
ATOM   1157 O O   . ASP A 1 133 ? -15.532 -4.727  -2.548  1.00 12.73 ? 139 ASP B O   1 
ATOM   1158 C CB  . ASP A 1 133 ? -14.968 -7.046  -4.322  1.00 13.41 ? 139 ASP B CB  1 
ATOM   1159 C CG  . ASP A 1 133 ? -16.356 -7.210  -4.922  1.00 17.23 ? 139 ASP B CG  1 
ATOM   1160 O OD1 . ASP A 1 133 ? -17.085 -6.198  -5.024  1.00 17.21 ? 139 ASP B OD1 1 
ATOM   1161 O OD2 . ASP A 1 133 ? -16.701 -8.395  -5.156  1.00 21.03 ? 139 ASP B OD2 1 
ATOM   1162 N N   . TYR A 1 134 ? -15.447 -3.449  -4.408  1.00 13.41 ? 140 TYR B N   1 
ATOM   1163 C CA  . TYR A 1 134 ? -16.069 -2.277  -3.754  1.00 12.61 ? 140 TYR B CA  1 
ATOM   1164 C C   . TYR A 1 134 ? -17.494 -2.608  -3.241  1.00 14.06 ? 140 TYR B C   1 
ATOM   1165 O O   . TYR A 1 134 ? -17.794 -2.437  -2.073  1.00 15.29 ? 140 TYR B O   1 
ATOM   1166 C CB  . TYR A 1 134 ? -16.106 -1.075  -4.710  1.00 13.34 ? 140 TYR B CB  1 
ATOM   1167 C CG  . TYR A 1 134 ? -16.320 0.195   -3.932  1.00 13.64 ? 140 TYR B CG  1 
ATOM   1168 C CD1 . TYR A 1 134 ? -17.562 0.527   -3.413  1.00 13.68 ? 140 TYR B CD1 1 
ATOM   1169 C CD2 . TYR A 1 134 ? -15.277 1.065   -3.635  1.00 14.30 ? 140 TYR B CD2 1 
ATOM   1170 C CE1 . TYR A 1 134 ? -17.758 1.622   -2.590  1.00 14.18 ? 140 TYR B CE1 1 
ATOM   1171 C CE2 . TYR A 1 134 ? -15.459 2.159   -2.807  1.00 13.84 ? 140 TYR B CE2 1 
ATOM   1172 C CZ  . TYR A 1 134 ? -16.725 2.504   -2.350  1.00 13.44 ? 140 TYR B CZ  1 
ATOM   1173 O OH  . TYR A 1 134 ? -16.925 3.583   -1.523  1.00 13.68 ? 140 TYR B OH  1 
ATOM   1174 N N   . GLU A 1 135 ? -18.289 -3.225  -4.087  1.00 15.62 ? 141 GLU B N   1 
ATOM   1175 C CA  . GLU A 1 135 ? -19.701 -3.509  -3.729  1.00 16.68 ? 141 GLU B CA  1 
ATOM   1176 C C   . GLU A 1 135 ? -19.753 -4.518  -2.587  1.00 14.97 ? 141 GLU B C   1 
ATOM   1177 O O   . GLU A 1 135 ? -20.526 -4.302  -1.629  1.00 17.65 ? 141 GLU B O   1 
ATOM   1178 C CB  . GLU A 1 135 ? -20.493 -3.960  -4.948  1.00 18.45 ? 141 GLU B CB  1 
ATOM   1179 C CG  . GLU A 1 135 ? -21.002 -2.759  -5.768  1.00 23.55 ? 141 GLU B CG  1 
ATOM   1180 C CD  . GLU A 1 135 ? -19.906 -2.059  -6.496  1.00 26.37 ? 141 GLU B CD  1 
ATOM   1181 O OE1 . GLU A 1 135 ? -20.046 -0.895  -6.735  1.00 27.21 ? 141 GLU B OE1 1 
ATOM   1182 O OE2 . GLU A 1 135 ? -18.904 -2.739  -6.851  1.00 27.77 ? 141 GLU B OE2 1 
ATOM   1183 N N   . ALA A 1 136 ? -18.914 -5.550  -2.611  1.00 15.02 ? 142 ALA B N   1 
ATOM   1184 C CA  . ALA A 1 136 ? -18.941 -6.587  -1.577  1.00 15.67 ? 142 ALA B CA  1 
ATOM   1185 C C   . ALA A 1 136 ? -18.315 -6.105  -0.265  1.00 15.54 ? 142 ALA B C   1 
ATOM   1186 O O   . ALA A 1 136 ? -18.568 -6.707  0.787   1.00 17.75 ? 142 ALA B O   1 
ATOM   1187 C CB  . ALA A 1 136 ? -18.232 -7.800  -2.098  1.00 16.80 ? 142 ALA B CB  1 
ATOM   1188 N N   . GLY A 1 137 ? -17.534 -5.028  -0.271  1.00 13.12 ? 143 GLY B N   1 
ATOM   1189 C CA  . GLY A 1 137 ? -16.818 -4.590  0.916   1.00 12.54 ? 143 GLY B CA  1 
ATOM   1190 C C   . GLY A 1 137 ? -15.666 -5.538  1.265   1.00 12.06 ? 143 GLY B C   1 
ATOM   1191 O O   . GLY A 1 137 ? -15.570 -5.907  2.466   1.00 12.66 ? 143 GLY B O   1 
ATOM   1192 N N   . VAL A 1 138 ? -14.839 -5.902  0.304   1.00 12.33 ? 144 VAL B N   1 
ATOM   1193 C CA  . VAL A 1 138 ? -13.722 -6.887  0.495   1.00 11.72 ? 144 VAL B CA  1 
ATOM   1194 C C   . VAL A 1 138 ? -12.418 -6.259  0.020   1.00 12.41 ? 144 VAL B C   1 
ATOM   1195 O O   . VAL A 1 138 ? -12.349 -5.714  -1.115  1.00 13.30 ? 144 VAL B O   1 
ATOM   1196 C CB  . VAL A 1 138 ? -14.038 -8.162  -0.286  1.00 13.29 ? 144 VAL B CB  1 
ATOM   1197 C CG1 . VAL A 1 138 ? -12.841 -9.089  -0.354  1.00 13.62 ? 144 VAL B CG1 1 
ATOM   1198 C CG2 . VAL A 1 138 ? -15.240 -8.855  0.320   1.00 14.73 ? 144 VAL B CG2 1 
ATOM   1199 N N   . VAL A 1 139 ? -11.378 -6.466  0.816   1.00 12.18 ? 145 VAL B N   1 
ATOM   1200 C CA  . VAL A 1 139 ? -9.972  -6.233  0.395   1.00 11.46 ? 145 VAL B CA  1 
ATOM   1201 C C   . VAL A 1 139 ? -9.164  -7.495  0.722   1.00 10.65 ? 145 VAL B C   1 
ATOM   1202 O O   . VAL A 1 139 ? -9.124  -7.850  1.922   1.00 11.94 ? 145 VAL B O   1 
ATOM   1203 C CB  . VAL A 1 139 ? -9.348  -5.006  1.093   1.00 12.02 ? 145 VAL B CB  1 
ATOM   1204 C CG1 . VAL A 1 139 ? -7.929  -4.730  0.567   1.00 11.98 ? 145 VAL B CG1 1 
ATOM   1205 C CG2 . VAL A 1 139 ? -10.235 -3.789  0.949   1.00 12.05 ? 145 VAL B CG2 1 
ATOM   1206 N N   . SER A 1 140 ? -8.589  -8.131  -0.274  1.00 11.26 ? 146 SER B N   1 
ATOM   1207 C CA  . SER A 1 140 ? -7.812  -9.367  -0.065  1.00 12.03 ? 146 SER B CA  1 
ATOM   1208 C C   . SER A 1 140 ? -6.386  -9.193  -0.570  1.00 11.30 ? 146 SER B C   1 
ATOM   1209 O O   . SER A 1 140 ? -6.142  -8.499  -1.555  1.00 12.46 ? 146 SER B O   1 
ATOM   1210 C CB  . SER A 1 140 ? -8.484  -10.544 -0.738  1.00 12.19 ? 146 SER B CB  1 
ATOM   1211 O OG  . SER A 1 140 ? -9.747  -10.859 -0.160  1.00 13.13 ? 146 SER B OG  1 
ATOM   1212 N N   . PHE A 1 141 ? -5.485  -9.923  0.061   1.00 10.67 ? 147 PHE B N   1 
ATOM   1213 C CA  . PHE A 1 141 ? -4.031  -9.906  -0.202  1.00 11.31 ? 147 PHE B CA  1 
ATOM   1214 C C   . PHE A 1 141 ? -3.594  -11.326 -0.537  1.00 11.64 ? 147 PHE B C   1 
ATOM   1215 O O   . PHE A 1 141 ? -3.947  -12.251 0.256   1.00 12.24 ? 147 PHE B O   1 
ATOM   1216 C CB  . PHE A 1 141 ? -3.249  -9.328  0.996   1.00 11.18 ? 147 PHE B CB  1 
ATOM   1217 C CG  . PHE A 1 141 ? -3.618  -7.902  1.316   1.00 10.75 ? 147 PHE B CG  1 
ATOM   1218 C CD1 . PHE A 1 141 ? -4.748  -7.607  2.086   1.00 10.96 ? 147 PHE B CD1 1 
ATOM   1219 C CD2 . PHE A 1 141 ? -2.810  -6.866  0.856   1.00 11.38 ? 147 PHE B CD2 1 
ATOM   1220 C CE1 . PHE A 1 141 ? -5.105  -6.282  2.340   1.00 10.42 ? 147 PHE B CE1 1 
ATOM   1221 C CE2 . PHE A 1 141 ? -3.181  -5.549  1.113   1.00 10.75 ? 147 PHE B CE2 1 
ATOM   1222 C CZ  . PHE A 1 141 ? -4.302  -5.266  1.870   1.00 10.37 ? 147 PHE B CZ  1 
ATOM   1223 N N   . TYR A 1 142 ? -2.745  -11.448 -1.540  1.00 12.13 ? 148 TYR B N   1 
ATOM   1224 C CA  . TYR A 1 142 ? -2.288  -12.756 -2.082  1.00 12.93 ? 148 TYR B CA  1 
ATOM   1225 C C   . TYR A 1 142 ? -0.769  -12.773 -2.143  1.00 14.79 ? 148 TYR B C   1 
ATOM   1226 O O   . TYR A 1 142 ? -0.122  -11.791 -2.491  1.00 13.80 ? 148 TYR B O   1 
ATOM   1227 C CB  . TYR A 1 142 ? -2.937  -13.056 -3.428  1.00 13.70 ? 148 TYR B CB  1 
ATOM   1228 C CG  . TYR A 1 142 ? -4.438  -13.173 -3.341  1.00 14.65 ? 148 TYR B CG  1 
ATOM   1229 C CD1 . TYR A 1 142 ? -5.037  -14.350 -2.943  1.00 14.96 ? 148 TYR B CD1 1 
ATOM   1230 C CD2 . TYR A 1 142 ? -5.260  -12.075 -3.541  1.00 15.41 ? 148 TYR B CD2 1 
ATOM   1231 C CE1 . TYR A 1 142 ? -6.411  -14.445 -2.777  1.00 15.63 ? 148 TYR B CE1 1 
ATOM   1232 C CE2 . TYR A 1 142 ? -6.639  -12.150 -3.401  1.00 14.91 ? 148 TYR B CE2 1 
ATOM   1233 C CZ  . TYR A 1 142 ? -7.228  -13.354 -3.054  1.00 15.76 ? 148 TYR B CZ  1 
ATOM   1234 O OH  . TYR A 1 142 ? -8.598  -13.424 -2.871  1.00 18.31 ? 148 TYR B OH  1 
ATOM   1235 N N   . ASN A 1 143 ? -0.186  -13.952 -1.933  1.00 15.47 ? 149 ASN B N   1 
ATOM   1236 C CA  . ASN A 1 143 ? 1.291   -14.183 -1.943  1.00 14.46 ? 149 ASN B CA  1 
ATOM   1237 C C   . ASN A 1 143 ? 1.654   -14.680 -3.339  1.00 14.82 ? 149 ASN B C   1 
ATOM   1238 O O   . ASN A 1 143 ? 1.461   -15.892 -3.641  1.00 16.36 ? 149 ASN B O   1 
ATOM   1239 C CB  . ASN A 1 143 ? 1.659   -15.146 -0.824  1.00 14.94 ? 149 ASN B CB  1 
ATOM   1240 C CG  . ASN A 1 143 ? 3.154   -15.404 -0.720  1.00 14.89 ? 149 ASN B CG  1 
ATOM   1241 O OD1 . ASN A 1 143 ? 3.858   -15.116 -1.684  1.00 16.14 ? 149 ASN B OD1 1 
ATOM   1242 N ND2 . ASN A 1 143 ? 3.590   -15.916 0.398   1.00 15.89 ? 149 ASN B ND2 1 
ATOM   1243 N N   . ILE A 1 144 ? 2.124   -13.828 -4.238  1.00 16.83 ? 150 ILE B N   1 
ATOM   1244 C CA  . ILE A 1 144 ? 2.338   -14.239 -5.643  1.00 16.69 ? 150 ILE B CA  1 
ATOM   1245 C C   . ILE A 1 144 ? 3.515   -15.237 -5.657  1.00 18.27 ? 150 ILE B C   1 
ATOM   1246 O O   . ILE A 1 144 ? 3.491   -16.158 -6.515  1.00 21.16 ? 150 ILE B O   1 
ATOM   1247 C CB  . ILE A 1 144 ? 2.606   -13.009 -6.517  1.00 18.34 ? 150 ILE B CB  1 
ATOM   1248 C CG1 . ILE A 1 144 ? 1.482   -11.968 -6.447  1.00 19.20 ? 150 ILE B CG1 1 
ATOM   1249 C CG2 . ILE A 1 144 ? 2.913   -13.399 -7.964  1.00 20.23 ? 150 ILE B CG2 1 
ATOM   1250 C CD1 . ILE A 1 144 ? 0.118   -12.530 -6.604  1.00 22.84 ? 150 ILE B CD1 1 
ATOM   1251 N N   . THR A 1 145 ? 4.463   -15.103 -4.745  1.00 17.38 ? 151 THR B N   1 
ATOM   1252 C CA  . THR A 1 145 ? 5.674   -15.995 -4.683  1.00 18.44 ? 151 THR B CA  1 
ATOM   1253 C C   . THR A 1 145 ? 5.231   -17.420 -4.347  1.00 21.66 ? 151 THR B C   1 
ATOM   1254 O O   . THR A 1 145 ? 5.880   -18.378 -4.838  1.00 26.58 ? 151 THR B O   1 
ATOM   1255 C CB  . THR A 1 145 ? 6.656   -15.467 -3.630  1.00 17.50 ? 151 THR B CB  1 
ATOM   1256 O OG1 . THR A 1 145 ? 6.915   -14.110 -3.979  1.00 17.97 ? 151 THR B OG1 1 
ATOM   1257 C CG2 . THR A 1 145 ? 7.948   -16.250 -3.663  1.00 19.86 ? 151 THR B CG2 1 
ATOM   1258 N N   . ASP A 1 146 ? 4.166   -17.592 -3.571  1.00 20.08 ? 152 ASP B N   1 
ATOM   1259 C CA  . ASP A 1 146 ? 3.603   -18.916 -3.147  1.00 20.81 ? 152 ASP B CA  1 
ATOM   1260 C C   . ASP A 1 146 ? 2.325   -19.240 -3.944  1.00 21.05 ? 152 ASP B C   1 
ATOM   1261 O O   . ASP A 1 146 ? 1.320   -19.551 -3.305  1.00 21.59 ? 152 ASP B O   1 
ATOM   1262 C CB  . ASP A 1 146 ? 3.465   -18.913 -1.647  1.00 20.21 ? 152 ASP B CB  1 
ATOM   1263 C CG  . ASP A 1 146 ? 3.009   -20.242 -1.098  1.00 26.08 ? 152 ASP B CG  1 
ATOM   1264 O OD1 . ASP A 1 146 ? 3.563   -21.245 -1.553  1.00 25.89 ? 152 ASP B OD1 1 
ATOM   1265 O OD2 . ASP A 1 146 ? 2.081   -20.233 -0.260  1.00 24.97 ? 152 ASP B OD2 1 
ATOM   1266 N N   . HIS A 1 147 ? 2.368   -19.170 -5.271  1.00 22.70 ? 153 HIS B N   1 
ATOM   1267 C CA  . HIS A 1 147 ? 1.299   -19.656 -6.179  1.00 26.59 ? 153 HIS B CA  1 
ATOM   1268 C C   . HIS A 1 147 ? -0.006  -18.928 -5.821  1.00 26.52 ? 153 HIS B C   1 
ATOM   1269 O O   . HIS A 1 147 ? -1.097  -19.516 -5.922  1.00 28.19 ? 153 HIS B O   1 
ATOM   1270 C CB  . HIS A 1 147 ? 1.094   -21.176 -6.057  1.00 31.84 ? 153 HIS B CB  1 
ATOM   1271 C CG  . HIS A 1 147 ? 2.314   -22.040 -6.163  1.00 40.78 ? 153 HIS B CG  1 
ATOM   1272 N ND1 . HIS A 1 147 ? 3.016   -22.205 -7.353  1.00 50.80 ? 153 HIS B ND1 1 
ATOM   1273 C CD2 . HIS A 1 147 ? 2.916   -22.841 -5.252  1.00 47.35 ? 153 HIS B CD2 1 
ATOM   1274 C CE1 . HIS A 1 147 ? 4.028   -23.033 -7.157  1.00 51.17 ? 153 HIS B CE1 1 
ATOM   1275 N NE2 . HIS A 1 147 ? 3.985   -23.444 -5.873  1.00 51.58 ? 153 HIS B NE2 1 
ATOM   1276 N N   . GLY A 1 148 ? 0.090   -17.688 -5.346  1.00 20.54 ? 154 GLY B N   1 
ATOM   1277 C CA  . GLY A 1 148 ? -1.144  -16.886 -5.171  1.00 18.79 ? 154 GLY B CA  1 
ATOM   1278 C C   . GLY A 1 148 ? -1.892  -17.182 -3.887  1.00 16.79 ? 154 GLY B C   1 
ATOM   1279 O O   . GLY A 1 148 ? -3.085  -16.927 -3.877  1.00 17.51 ? 154 GLY B O   1 
ATOM   1280 N N   . SER A 1 149 ? -1.281  -17.816 -2.913  1.00 16.85 ? 155 SER B N   1 
ATOM   1281 C CA  . SER A 1 149 ? -1.948  -18.240 -1.660  1.00 14.69 ? 155 SER B CA  1 
ATOM   1282 C C   . SER A 1 149 ? -2.539  -17.032 -0.921  1.00 15.27 ? 155 SER B C   1 
ATOM   1283 O O   . SER A 1 149 ? -1.944  -15.934 -0.933  1.00 15.68 ? 155 SER B O   1 
ATOM   1284 C CB  . SER A 1 149 ? -1.040  -19.033 -0.765  1.00 17.05 ? 155 SER B CB  1 
ATOM   1285 O OG  . SER A 1 149 ? 0.166   -18.364 -0.380  1.00 18.02 ? 155 SER B OG  1 
ATOM   1286 N N   . LEU A 1 150 ? -3.672  -17.201 -0.290  1.00 14.89 ? 156 LEU B N   1 
ATOM   1287 C CA  . LEU A 1 150 ? -4.286  -16.077 0.467   1.00 13.09 ? 156 LEU B CA  1 
ATOM   1288 C C   . LEU A 1 150 ? -3.437  -15.740 1.671   1.00 12.66 ? 156 LEU B C   1 
ATOM   1289 O O   . LEU A 1 150 ? -3.035  -16.585 2.502   1.00 14.02 ? 156 LEU B O   1 
ATOM   1290 C CB  . LEU A 1 150 ? -5.686  -16.492 0.928   1.00 13.39 ? 156 LEU B CB  1 
ATOM   1291 C CG  . LEU A 1 150 ? -6.490  -15.457 1.726   1.00 13.50 ? 156 LEU B CG  1 
ATOM   1292 C CD1 . LEU A 1 150 ? -6.880  -14.269 0.867   1.00 14.38 ? 156 LEU B CD1 1 
ATOM   1293 C CD2 . LEU A 1 150 ? -7.772  -16.145 2.263   1.00 14.78 ? 156 LEU B CD2 1 
ATOM   1294 N N   . ILE A 1 151 ? -3.204  -14.432 1.854   1.00 11.52 ? 157 ILE B N   1 
ATOM   1295 C CA  . ILE A 1 151 ? -2.597  -13.852 3.053   1.00 12.89 ? 157 ILE B CA  1 
ATOM   1296 C C   . ILE A 1 151 ? -3.668  -13.392 4.038   1.00 11.62 ? 157 ILE B C   1 
ATOM   1297 O O   . ILE A 1 151 ? -3.577  -13.662 5.246   1.00 12.20 ? 157 ILE B O   1 
ATOM   1298 C CB  . ILE A 1 151 ? -1.617  -12.726 2.655   1.00 13.36 ? 157 ILE B CB  1 
ATOM   1299 C CG1 . ILE A 1 151 ? -0.441  -13.248 1.837   1.00 13.22 ? 157 ILE B CG1 1 
ATOM   1300 C CG2 . ILE A 1 151 ? -1.119  -11.984 3.892   1.00 13.09 ? 157 ILE B CG2 1 
ATOM   1301 C CD1 . ILE A 1 151 ? 0.390   -12.138 1.195   1.00 14.18 ? 157 ILE B CD1 1 
ATOM   1302 N N   . TYR A 1 152 ? -4.618  -12.571 3.570   1.00 11.71 ? 158 TYR B N   1 
ATOM   1303 C CA  . TYR A 1 152 ? -5.573  -11.947 4.511   1.00 10.84 ? 158 TYR B CA  1 
ATOM   1304 C C   . TYR A 1 152 ? -6.747  -11.388 3.703   1.00 10.58 ? 158 TYR B C   1 
ATOM   1305 O O   . TYR A 1 152 ? -6.524  -10.840 2.604   1.00 10.77 ? 158 TYR B O   1 
ATOM   1306 C CB  . TYR A 1 152 ? -4.969  -10.750 5.291   1.00 11.50 ? 158 TYR B CB  1 
ATOM   1307 C CG  . TYR A 1 152 ? -5.833  -10.305 6.432   1.00 11.12 ? 158 TYR B CG  1 
ATOM   1308 C CD1 . TYR A 1 152 ? -5.880  -10.993 7.641   1.00 11.86 ? 158 TYR B CD1 1 
ATOM   1309 C CD2 . TYR A 1 152 ? -6.687  -9.219  6.321   1.00 10.74 ? 158 TYR B CD2 1 
ATOM   1310 C CE1 . TYR A 1 152 ? -6.718  -10.629 8.670   1.00 12.39 ? 158 TYR B CE1 1 
ATOM   1311 C CE2 . TYR A 1 152 ? -7.492  -8.823  7.369   1.00 11.89 ? 158 TYR B CE2 1 
ATOM   1312 C CZ  . TYR A 1 152 ? -7.567  -9.554  8.523   1.00 12.22 ? 158 TYR B CZ  1 
ATOM   1313 O OH  . TYR A 1 152 ? -8.406  -9.205  9.543   1.00 14.69 ? 158 TYR B OH  1 
ATOM   1314 N N   . THR A 1 153 ? -7.959  -11.488 4.261   1.00 10.78 ? 159 THR B N   1 
ATOM   1315 C CA  . THR A 1 153 ? -9.190  -10.876 3.727   1.00 11.02 ? 159 THR B CA  1 
ATOM   1316 C C   . THR A 1 153 ? -9.804  -10.004 4.805   1.00 11.56 ? 159 THR B C   1 
ATOM   1317 O O   . THR A 1 153 ? -10.190 -10.460 5.865   1.00 12.38 ? 159 THR B O   1 
ATOM   1318 C CB  . THR A 1 153 ? -10.188 -11.928 3.218   1.00 11.80 ? 159 THR B CB  1 
ATOM   1319 O OG1 . THR A 1 153 ? -9.641  -12.521 2.050   1.00 12.27 ? 159 THR B OG1 1 
ATOM   1320 C CG2 . THR A 1 153 ? -11.529 -11.302 2.885   1.00 13.06 ? 159 THR B CG2 1 
ATOM   1321 N N   . PHE A 1 154 ? -9.924  -8.699  4.513   1.00 11.50 ? 160 PHE B N   1 
ATOM   1322 C CA  . PHE A 1 154 ? -10.827 -7.776  5.244   1.00 11.52 ? 160 PHE B CA  1 
ATOM   1323 C C   . PHE A 1 154 ? -12.213 -7.884  4.599   1.00 11.24 ? 160 PHE B C   1 
ATOM   1324 O O   . PHE A 1 154 ? -12.349 -7.652  3.400   1.00 11.53 ? 160 PHE B O   1 
ATOM   1325 C CB  . PHE A 1 154 ? -10.412 -6.314  5.096   1.00 11.72 ? 160 PHE B CB  1 
ATOM   1326 C CG  . PHE A 1 154 ? -9.125  -5.904  5.776   1.00 10.23 ? 160 PHE B CG  1 
ATOM   1327 C CD1 . PHE A 1 154 ? -7.911  -5.985  5.115   1.00 10.33 ? 160 PHE B CD1 1 
ATOM   1328 C CD2 . PHE A 1 154 ? -9.139  -5.296  7.012   1.00 10.58 ? 160 PHE B CD2 1 
ATOM   1329 C CE1 . PHE A 1 154 ? -6.748  -5.559  5.727   1.00 10.84 ? 160 PHE B CE1 1 
ATOM   1330 C CE2 . PHE A 1 154 ? -7.969  -4.857  7.631   1.00 11.44 ? 160 PHE B CE2 1 
ATOM   1331 C CZ  . PHE A 1 154 ? -6.778  -4.985  6.966   1.00 10.40 ? 160 PHE B CZ  1 
ATOM   1332 N N   . SER A 1 155 ? -13.180 -8.314  5.395   1.00 12.94 ? 161 SER B N   1 
ATOM   1333 C CA  . SER A 1 155 ? -14.564 -8.345  4.904   1.00 14.03 ? 161 SER B CA  1 
ATOM   1334 C C   . SER A 1 155 ? -15.443 -7.418  5.737   1.00 13.21 ? 161 SER B C   1 
ATOM   1335 O O   . SER A 1 155 ? -15.042 -6.869  6.763   1.00 15.14 ? 161 SER B O   1 
ATOM   1336 C CB  . SER A 1 155 ? -15.038 -9.766  4.876   1.00 15.45 ? 161 SER B CB  1 
ATOM   1337 O OG  . SER A 1 155 ? -15.214 -10.249 6.166   1.00 19.12 ? 161 SER B OG  1 
ATOM   1338 N N   . GLU A 1 156 ? -16.658 -7.190  5.216   1.00 15.36 ? 162 GLU B N   1 
ATOM   1339 C CA  . GLU A 1 156 ? -17.597 -6.233  5.872   1.00 16.17 ? 162 GLU B CA  1 
ATOM   1340 C C   . GLU A 1 156 ? -16.945 -4.845  5.954   1.00 15.38 ? 162 GLU B C   1 
ATOM   1341 O O   . GLU A 1 156 ? -17.129 -4.114  6.972   1.00 16.41 ? 162 GLU B O   1 
ATOM   1342 C CB  . GLU A 1 156 ? -18.016 -6.664  7.275   1.00 20.66 ? 162 GLU B CB  1 
ATOM   1343 C CG  . GLU A 1 156 ? -18.429 -8.111  7.405   1.00 26.14 ? 162 GLU B CG  1 
ATOM   1344 C CD  . GLU A 1 156 ? -19.010 -8.346  8.789   1.00 36.55 ? 162 GLU B CD  1 
ATOM   1345 O OE1 . GLU A 1 156 ? -18.231 -8.493  9.773   1.00 38.69 ? 162 GLU B OE1 1 
ATOM   1346 O OE2 . GLU A 1 156 ? -20.239 -8.233  8.898   1.00 43.82 ? 162 GLU B OE2 1 
ATOM   1347 N N   . CYS A 1 157 ? -16.161 -4.496  4.931   1.00 14.75 ? 163 CYS B N   1 
ATOM   1348 C CA  . CYS A 1 157 ? -15.466 -3.191  4.950   1.00 13.59 ? 163 CYS B CA  1 
ATOM   1349 C C   . CYS A 1 157 ? -16.508 -2.067  4.803   1.00 14.38 ? 163 CYS B C   1 
ATOM   1350 O O   . CYS A 1 157 ? -17.412 -2.185  3.942   1.00 15.48 ? 163 CYS B O   1 
ATOM   1351 C CB  . CYS A 1 157 ? -14.422 -3.040  3.847   1.00 12.54 ? 163 CYS B CB  1 
ATOM   1352 S SG  . CYS A 1 157 ? -13.051 -4.216  3.991   1.00 13.76 ? 163 CYS B SG  1 
ATOM   1353 N N   . VAL A 1 158 ? -16.305 -0.984  5.532   1.00 13.33 ? 164 VAL B N   1 
ATOM   1354 C CA  . VAL A 1 158 ? -17.168 0.216   5.371   1.00 14.23 ? 164 VAL B CA  1 
ATOM   1355 C C   . VAL A 1 158 ? -16.277 1.298   4.753   1.00 12.63 ? 164 VAL B C   1 
ATOM   1356 O O   . VAL A 1 158 ? -15.687 2.106   5.475   1.00 15.14 ? 164 VAL B O   1 
ATOM   1357 C CB  . VAL A 1 158 ? -17.841 0.582   6.699   1.00 15.94 ? 164 VAL B CB  1 
ATOM   1358 C CG1 . VAL A 1 158 ? -18.717 1.825   6.505   1.00 17.40 ? 164 VAL B CG1 1 
ATOM   1359 C CG2 . VAL A 1 158 ? -18.671 -0.589  7.194   1.00 17.84 ? 164 VAL B CG2 1 
ATOM   1360 N N   . PHE A 1 159 ? -16.143 1.327   3.428   1.00 12.93 ? 165 PHE B N   1 
ATOM   1361 C CA  . PHE A 1 159 ? -15.181 2.223   2.736   1.00 13.08 ? 165 PHE B CA  1 
ATOM   1362 C C   . PHE A 1 159 ? -15.530 3.684   3.023   1.00 14.37 ? 165 PHE B C   1 
ATOM   1363 O O   . PHE A 1 159 ? -14.624 4.498   3.266   1.00 14.63 ? 165 PHE B O   1 
ATOM   1364 C CB  . PHE A 1 159 ? -15.069 1.844   1.272   1.00 13.83 ? 165 PHE B CB  1 
ATOM   1365 C CG  . PHE A 1 159 ? -14.546 0.445   1.019   1.00 12.24 ? 165 PHE B CG  1 
ATOM   1366 C CD1 . PHE A 1 159 ? -13.391 -0.002  1.638   1.00 12.37 ? 165 PHE B CD1 1 
ATOM   1367 C CD2 . PHE A 1 159 ? -15.183 -0.398  0.134   1.00 14.30 ? 165 PHE B CD2 1 
ATOM   1368 C CE1 . PHE A 1 159 ? -12.926 -1.295  1.390   1.00 12.78 ? 165 PHE B CE1 1 
ATOM   1369 C CE2 . PHE A 1 159 ? -14.708 -1.663  -0.139  1.00 14.12 ? 165 PHE B CE2 1 
ATOM   1370 C CZ  . PHE A 1 159 ? -13.560 -2.109  0.486   1.00 12.48 ? 165 PHE B CZ  1 
ATOM   1371 N N   . ALA A 1 160 ? -16.809 4.022   2.880   1.00 14.12 ? 166 ALA B N   1 
ATOM   1372 C CA  . ALA A 1 160 ? -17.353 5.356   3.225   1.00 13.87 ? 166 ALA B CA  1 
ATOM   1373 C C   . ALA A 1 160 ? -16.737 6.454   2.343   1.00 13.74 ? 166 ALA B C   1 
ATOM   1374 O O   . ALA A 1 160 ? -16.696 7.634   2.809   1.00 15.41 ? 166 ALA B O   1 
ATOM   1375 C CB  . ALA A 1 160 ? -17.247 5.645   4.681   1.00 14.93 ? 166 ALA B CB  1 
ATOM   1376 N N   . GLY A 1 161 ? -16.289 6.147   1.157   1.00 13.70 ? 167 GLY B N   1 
ATOM   1377 C CA  . GLY A 1 161 ? -15.705 7.131   0.228   1.00 14.80 ? 167 GLY B CA  1 
ATOM   1378 C C   . GLY A 1 161 ? -14.973 6.469   -0.905  1.00 14.16 ? 167 GLY B C   1 
ATOM   1379 O O   . GLY A 1 161 ? -14.845 5.221   -0.936  1.00 13.79 ? 167 GLY B O   1 
ATOM   1380 N N   . PRO A 1 162 ? -14.464 7.240   -1.866  1.00 13.02 ? 168 PRO B N   1 
ATOM   1381 C CA  . PRO A 1 162 ? -13.598 6.718   -2.908  1.00 12.64 ? 168 PRO B CA  1 
ATOM   1382 C C   . PRO A 1 162 ? -12.327 6.131   -2.256  1.00 12.94 ? 168 PRO B C   1 
ATOM   1383 O O   . PRO A 1 162 ? -11.878 6.624   -1.229  1.00 13.49 ? 168 PRO B O   1 
ATOM   1384 C CB  . PRO A 1 162 ? -13.245 7.910   -3.814  1.00 13.67 ? 168 PRO B CB  1 
ATOM   1385 C CG  . PRO A 1 162 ? -14.272 8.974   -3.420  1.00 13.13 ? 168 PRO B CG  1 
ATOM   1386 C CD  . PRO A 1 162 ? -14.622 8.706   -2.001  1.00 12.06 ? 168 PRO B CD  1 
ATOM   1387 N N   . LEU A 1 163 ? -11.826 5.082   -2.878  1.00 12.71 ? 169 LEU B N   1 
ATOM   1388 C CA  . LEU A 1 163 ? -10.572 4.420   -2.431  1.00 12.18 ? 169 LEU B CA  1 
ATOM   1389 C C   . LEU A 1 163 ? -9.412  4.783   -3.349  1.00 12.76 ? 169 LEU B C   1 
ATOM   1390 O O   . LEU A 1 163 ? -9.570  4.896   -4.572  1.00 13.72 ? 169 LEU B O   1 
ATOM   1391 C CB  . LEU A 1 163 ? -10.760 2.900   -2.423  1.00 12.87 ? 169 LEU B CB  1 
ATOM   1392 C CG  . LEU A 1 163 ? -11.712 2.335   -1.373  1.00 13.05 ? 169 LEU B CG  1 
ATOM   1393 C CD1 . LEU A 1 163 ? -11.868 0.859   -1.626  1.00 13.87 ? 169 LEU B CD1 1 
ATOM   1394 C CD2 . LEU A 1 163 ? -11.233 2.626   0.058   1.00 13.75 ? 169 LEU B CD2 1 
ATOM   1395 N N   . ARG A 1 164 ? -8.227  4.875   -2.756  1.00 12.36 ? 170 ARG B N   1 
ATOM   1396 C CA  . ARG A 1 164 ? -6.960  5.020   -3.493  1.00 11.84 ? 170 ARG B CA  1 
ATOM   1397 C C   . ARG A 1 164 ? -5.959  3.945   -3.084  1.00 10.61 ? 170 ARG B C   1 
ATOM   1398 O O   . ARG A 1 164 ? -5.905  3.554   -1.913  1.00 11.35 ? 170 ARG B O   1 
ATOM   1399 C CB  . ARG A 1 164 ? -6.355  6.394   -3.223  1.00 12.56 ? 170 ARG B CB  1 
ATOM   1400 C CG  . ARG A 1 164 ? -7.311  7.502   -3.699  1.00 14.43 ? 170 ARG B CG  1 
ATOM   1401 C CD  . ARG A 1 164 ? -6.760  8.903   -3.572  1.00 17.57 ? 170 ARG B CD  1 
ATOM   1402 N NE  . ARG A 1 164 ? -5.619  9.106   -4.435  1.00 16.05 ? 170 ARG B NE  1 
ATOM   1403 C CZ  . ARG A 1 164 ? -4.992  10.272  -4.549  1.00 16.66 ? 170 ARG B CZ  1 
ATOM   1404 N NH1 . ARG A 1 164 ? -5.443  11.338  -3.914  1.00 17.80 ? 170 ARG B NH1 1 
ATOM   1405 N NH2 . ARG A 1 164 ? -3.949  10.354  -5.335  1.00 16.37 ? 170 ARG B NH2 1 
ATOM   1406 N N   . PRO A 1 165 ? -5.160  3.436   -4.041  1.00 10.96 ? 171 PRO B N   1 
ATOM   1407 C CA  . PRO A 1 165 ? -4.057  2.522   -3.684  1.00 10.54 ? 171 PRO B CA  1 
ATOM   1408 C C   . PRO A 1 165 ? -3.140  3.252   -2.693  1.00 10.64 ? 171 PRO B C   1 
ATOM   1409 O O   . PRO A 1 165 ? -2.876  4.455   -2.812  1.00 11.23 ? 171 PRO B O   1 
ATOM   1410 C CB  . PRO A 1 165 ? -3.344  2.256   -4.991  1.00 11.34 ? 171 PRO B CB  1 
ATOM   1411 C CG  . PRO A 1 165 ? -4.413  2.525   -6.063  1.00 12.90 ? 171 PRO B CG  1 
ATOM   1412 C CD  . PRO A 1 165 ? -5.198  3.678   -5.490  1.00 12.73 ? 171 PRO B CD  1 
ATOM   1413 N N   . PHE A 1 166 ? -2.635  2.530   -1.692  1.00 10.17 ? 172 PHE B N   1 
ATOM   1414 C CA  . PHE A 1 166 ? -1.832  3.091   -0.593  1.00 10.94 ? 172 PHE B CA  1 
ATOM   1415 C C   . PHE A 1 166 ? -0.501  2.333   -0.464  1.00 9.74  ? 172 PHE B C   1 
ATOM   1416 O O   . PHE A 1 166 ? -0.461  1.084   -0.564  1.00 10.30 ? 172 PHE B O   1 
ATOM   1417 C CB  . PHE A 1 166 ? -2.597  2.956   0.721   1.00 11.17 ? 172 PHE B CB  1 
ATOM   1418 C CG  . PHE A 1 166 ? -1.789  3.338   1.939   1.00 11.30 ? 172 PHE B CG  1 
ATOM   1419 C CD1 . PHE A 1 166 ? -1.621  4.681   2.277   1.00 12.48 ? 172 PHE B CD1 1 
ATOM   1420 C CD2 . PHE A 1 166 ? -1.145  2.382   2.717   1.00 11.62 ? 172 PHE B CD2 1 
ATOM   1421 C CE1 . PHE A 1 166 ? -0.840  5.024   3.377   1.00 12.26 ? 172 PHE B CE1 1 
ATOM   1422 C CE2 . PHE A 1 166 ? -0.365  2.748   3.802   1.00 11.16 ? 172 PHE B CE2 1 
ATOM   1423 C CZ  . PHE A 1 166 ? -0.225  4.068   4.128   1.00 12.17 ? 172 PHE B CZ  1 
ATOM   1424 N N   . PHE A 1 167 ? 0.581   3.093   -0.235  1.00 10.06 ? 173 PHE B N   1 
ATOM   1425 C CA  . PHE A 1 167 ? 1.954   2.558   -0.198  1.00 10.41 ? 173 PHE B CA  1 
ATOM   1426 C C   . PHE A 1 167 ? 2.723   3.236   0.923   1.00 10.86 ? 173 PHE B C   1 
ATOM   1427 O O   . PHE A 1 167 ? 2.646   4.472   1.074   1.00 11.02 ? 173 PHE B O   1 
ATOM   1428 C CB  . PHE A 1 167 ? 2.711   2.807   -1.524  1.00 11.33 ? 173 PHE B CB  1 
ATOM   1429 C CG  . PHE A 1 167 ? 1.966   2.343   -2.751  1.00 10.76 ? 173 PHE B CG  1 
ATOM   1430 C CD1 . PHE A 1 167 ? 1.037   3.166   -3.357  1.00 10.87 ? 173 PHE B CD1 1 
ATOM   1431 C CD2 . PHE A 1 167 ? 2.186   1.085   -3.311  1.00 12.87 ? 173 PHE B CD2 1 
ATOM   1432 C CE1 . PHE A 1 167 ? 0.293   2.738   -4.455  1.00 11.67 ? 173 PHE B CE1 1 
ATOM   1433 C CE2 . PHE A 1 167 ? 1.492   0.691   -4.442  1.00 12.64 ? 173 PHE B CE2 1 
ATOM   1434 C CZ  . PHE A 1 167 ? 0.543   1.511   -5.005  1.00 12.09 ? 173 PHE B CZ  1 
ATOM   1435 N N   . ASN A 1 168 ? 3.558   2.443   1.596   0.36 11.53 ? 174 ASN B N   1 
ATOM   1436 C CA  . ASN A 1 168 ? 4.603   2.900   2.544   0.36 11.60 ? 174 ASN B CA  1 
ATOM   1437 C C   . ASN A 1 168 ? 5.880   2.104   2.246   0.36 12.12 ? 174 ASN B C   1 
ATOM   1438 O O   . ASN A 1 168 ? 5.842   0.862   2.320   0.36 12.65 ? 174 ASN B O   1 
ATOM   1439 C CB  . ASN A 1 168 ? 4.130   2.746   3.992   0.36 11.65 ? 174 ASN B CB  1 
ATOM   1440 C CG  . ASN A 1 168 ? 5.162   3.155   5.020   0.36 11.76 ? 174 ASN B CG  1 
ATOM   1441 O OD1 . ASN A 1 168 ? 6.216   3.672   4.685   0.36 11.78 ? 174 ASN B OD1 1 
ATOM   1442 N ND2 . ASN A 1 168 ? 4.853   2.913   6.281   0.36 11.62 ? 174 ASN B ND2 1 
ATOM   1443 N N   . VAL A 1 169 ? 6.968   2.797   1.895   0.36 12.85 ? 175 VAL B N   1 
ATOM   1444 C CA  . VAL A 1 169 ? 8.267   2.144   1.543   0.36 13.32 ? 175 VAL B CA  1 
ATOM   1445 C C   . VAL A 1 169 ? 8.958   1.632   2.814   0.36 13.37 ? 175 VAL B C   1 
ATOM   1446 O O   . VAL A 1 169 ? 9.923   0.855   2.684   0.36 13.89 ? 175 VAL B O   1 
ATOM   1447 C CB  . VAL A 1 169 ? 9.194   3.078   0.736   0.36 14.11 ? 175 VAL B CB  1 
ATOM   1448 C CG1 . VAL A 1 169 ? 8.619   3.362   -0.637  0.36 14.32 ? 175 VAL B CG1 1 
ATOM   1449 C CG2 . VAL A 1 169 ? 9.512   4.380   1.459   0.36 14.21 ? 175 VAL B CG2 1 
ATOM   1450 N N   . GLY A 1 170 ? 8.506   2.066   3.989   0.36 13.50 ? 176 GLY B N   1 
ATOM   1451 C CA  . GLY A 1 170 ? 9.129   1.727   5.281   0.36 13.93 ? 176 GLY B CA  1 
ATOM   1452 C C   . GLY A 1 170 ? 10.321  2.619   5.571   0.36 13.91 ? 176 GLY B C   1 
ATOM   1453 O O   . GLY A 1 170 ? 10.941  3.115   4.626   0.36 14.62 ? 176 GLY B O   1 
ATOM   1454 N N   . PHE A 1 171 ? 10.638  2.830   6.848   0.36 14.47 ? 177 PHE B N   1 
ATOM   1455 C CA  . PHE A 1 171 ? 11.823  3.617   7.276   0.36 15.08 ? 177 PHE B CA  1 
ATOM   1456 C C   . PHE A 1 171 ? 13.077  2.864   6.821   0.36 15.19 ? 177 PHE B C   1 
ATOM   1457 O O   . PHE A 1 171 ? 12.955  1.680   6.465   0.36 15.09 ? 177 PHE B O   1 
ATOM   1458 C CB  . PHE A 1 171 ? 11.795  3.855   8.788   0.36 15.84 ? 177 PHE B CB  1 
ATOM   1459 C CG  . PHE A 1 171 ? 10.694  4.754   9.299   0.36 16.83 ? 177 PHE B CG  1 
ATOM   1460 C CD1 . PHE A 1 171 ? 10.582  6.062   8.853   0.36 16.89 ? 177 PHE B CD1 1 
ATOM   1461 C CD2 . PHE A 1 171 ? 9.808   4.322   10.278  0.36 18.26 ? 177 PHE B CD2 1 
ATOM   1462 C CE1 . PHE A 1 171 ? 9.598   6.904   9.350   0.36 17.18 ? 177 PHE B CE1 1 
ATOM   1463 C CE2 . PHE A 1 171 ? 8.816   5.165   10.763  0.36 18.40 ? 177 PHE B CE2 1 
ATOM   1464 C CZ  . PHE A 1 171 ? 8.715   6.452   10.301  0.36 18.78 ? 177 PHE B CZ  1 
ATOM   1465 N N   . ASN A 1 172 ? 14.237  3.523   6.812   0.36 14.44 ? 178 ASN B N   1 
ATOM   1466 C CA  . ASN A 1 172 ? 15.525  2.908   6.379   0.36 14.00 ? 178 ASN B CA  1 
ATOM   1467 C C   . ASN A 1 172 ? 16.639  3.241   7.380   0.36 13.94 ? 178 ASN B C   1 
ATOM   1468 O O   . ASN A 1 172 ? 17.802  3.437   6.954   0.36 13.31 ? 178 ASN B O   1 
ATOM   1469 C CB  . ASN A 1 172 ? 15.915  3.340   4.967   0.36 14.10 ? 178 ASN B CB  1 
ATOM   1470 C CG  . ASN A 1 172 ? 17.136  2.605   4.457   0.36 14.38 ? 178 ASN B CG  1 
ATOM   1471 O OD1 . ASN A 1 172 ? 17.286  1.408   4.697   0.36 14.04 ? 178 ASN B OD1 1 
ATOM   1472 N ND2 . ASN A 1 172 ? 18.007  3.311   3.748   0.36 14.69 ? 178 ASN B ND2 1 
ATOM   1473 N N   . TYR A 1 173 ? 16.330  3.229   8.671   0.36 14.31 ? 179 TYR B N   1 
ATOM   1474 C CA  . TYR A 1 173 ? 17.317  3.501   9.749   0.36 13.97 ? 179 TYR B CA  1 
ATOM   1475 C C   . TYR A 1 173 ? 18.461  2.486   9.666   0.36 14.40 ? 179 TYR B C   1 
ATOM   1476 O O   . TYR A 1 173 ? 19.625  2.859   9.964   0.36 14.81 ? 179 TYR B O   1 
ATOM   1477 C CB  . TYR A 1 173 ? 16.641  3.443   11.120  0.36 14.05 ? 179 TYR B CB  1 
ATOM   1478 C CG  . TYR A 1 173 ? 15.512  4.420   11.319  0.36 14.20 ? 179 TYR B CG  1 
ATOM   1479 C CD1 . TYR A 1 173 ? 15.731  5.786   11.270  0.36 15.03 ? 179 TYR B CD1 1 
ATOM   1480 C CD2 . TYR A 1 173 ? 14.219  3.982   11.551  0.36 13.95 ? 179 TYR B CD2 1 
ATOM   1481 C CE1 . TYR A 1 173 ? 14.697  6.696   11.445  0.36 15.05 ? 179 TYR B CE1 1 
ATOM   1482 C CE2 . TYR A 1 173 ? 13.178  4.874   11.747  0.36 14.53 ? 179 TYR B CE2 1 
ATOM   1483 C CZ  . TYR A 1 173 ? 13.414  6.236   11.696  0.36 14.25 ? 179 TYR B CZ  1 
ATOM   1484 O OH  . TYR A 1 173 ? 12.376  7.102   11.897  0.36 14.45 ? 179 TYR B OH  1 
ATOM   1485 N N   . SER A 1 174 ? 18.147  1.246   9.273   1.00 13.56 ? 180 SER B N   1 
ATOM   1486 C CA  . SER A 1 174 ? 19.063  0.080   9.323   1.00 15.10 ? 180 SER B CA  1 
ATOM   1487 C C   . SER A 1 174 ? 20.048  0.082   8.159   1.00 14.53 ? 180 SER B C   1 
ATOM   1488 O O   . SER A 1 174 ? 21.015  -0.708  8.217   1.00 16.18 ? 180 SER B O   1 
ATOM   1489 C CB  . SER A 1 174 ? 18.318  -1.241  9.276   1.00 14.69 ? 180 SER B CB  1 
ATOM   1490 O OG  . SER A 1 174 ? 17.621  -1.330  8.032   1.00 15.44 ? 180 SER B OG  1 
ATOM   1491 N N   . GLY A 1 175 ? 19.767  0.818   7.095   1.00 14.74 ? 181 GLY B N   1 
ATOM   1492 C CA  . GLY A 1 175 ? 20.538  0.662   5.847   1.00 15.03 ? 181 GLY B CA  1 
ATOM   1493 C C   . GLY A 1 175 ? 20.186  -0.588  5.085   1.00 16.47 ? 181 GLY B C   1 
ATOM   1494 O O   . GLY A 1 175 ? 20.826  -0.858  4.058   1.00 19.83 ? 181 GLY B O   1 
ATOM   1495 N N   . GLY A 1 176 ? 19.186  -1.348  5.529   1.00 15.06 ? 182 GLY B N   1 
ATOM   1496 C CA  . GLY A 1 176 ? 18.774  -2.588  4.855   1.00 14.44 ? 182 GLY B CA  1 
ATOM   1497 C C   . GLY A 1 176 ? 17.401  -2.458  4.171   1.00 14.89 ? 182 GLY B C   1 
ATOM   1498 O O   . GLY A 1 176 ? 16.952  -3.485  3.624   1.00 15.88 ? 182 GLY B O   1 
ATOM   1499 N N   . ASN A 1 177 ? 16.811  -1.268  4.156   1.00 12.79 ? 183 ASN B N   1 
ATOM   1500 C CA  . ASN A 1 177 ? 15.464  -1.093  3.588   1.00 12.51 ? 183 ASN B CA  1 
ATOM   1501 C C   . ASN A 1 177 ? 15.403  -0.039  2.479   1.00 13.04 ? 183 ASN B C   1 
ATOM   1502 O O   . ASN A 1 177 ? 14.337  0.522   2.256   1.00 14.38 ? 183 ASN B O   1 
ATOM   1503 C CB  . ASN A 1 177 ? 14.449  -0.750  4.677   1.00 13.09 ? 183 ASN B CB  1 
ATOM   1504 C CG  . ASN A 1 177 ? 13.020  -0.979  4.213   1.00 12.83 ? 183 ASN B CG  1 
ATOM   1505 O OD1 . ASN A 1 177 ? 12.765  -1.942  3.510   1.00 13.50 ? 183 ASN B OD1 1 
ATOM   1506 N ND2 . ASN A 1 177 ? 12.140  -0.113  4.665   1.00 13.06 ? 183 ASN B ND2 1 
ATOM   1507 N N   . ALA A 1 178 ? 16.462  0.159   1.705   1.00 13.81 ? 184 ALA B N   1 
ATOM   1508 C CA  . ALA A 1 178 ? 16.474  1.186   0.643   1.00 14.54 ? 184 ALA B CA  1 
ATOM   1509 C C   . ALA A 1 178 ? 15.720  0.747   -0.609  1.00 14.45 ? 184 ALA B C   1 
ATOM   1510 O O   . ALA A 1 178 ? 15.372  1.645   -1.402  1.00 16.76 ? 184 ALA B O   1 
ATOM   1511 C CB  . ALA A 1 178 ? 17.923  1.491   0.237   1.00 14.88 ? 184 ALA B CB  1 
ATOM   1512 N N   . ALA A 1 179 ? 15.477  -0.552  -0.788  1.00 14.64 ? 185 ALA B N   1 
ATOM   1513 C CA  . ALA A 1 179 ? 14.903  -1.052  -2.062  1.00 15.11 ? 185 ALA B CA  1 
ATOM   1514 C C   . ALA A 1 179 ? 13.525  -0.432  -2.301  1.00 14.35 ? 185 ALA B C   1 
ATOM   1515 O O   . ALA A 1 179 ? 12.781  -0.104  -1.378  1.00 13.83 ? 185 ALA B O   1 
ATOM   1516 C CB  . ALA A 1 179 ? 14.839  -2.540  -2.066  1.00 15.16 ? 185 ALA B CB  1 
ATOM   1517 N N   . PRO A 1 180 ? 13.155  -0.258  -3.585  1.00 14.01 ? 186 PRO B N   1 
ATOM   1518 C CA  . PRO A 1 180 ? 11.876  0.352   -3.942  1.00 13.27 ? 186 PRO B CA  1 
ATOM   1519 C C   . PRO A 1 180 ? 10.669  -0.604  -3.782  1.00 12.51 ? 186 PRO B C   1 
ATOM   1520 O O   . PRO A 1 180 ? 10.845  -1.832  -3.752  1.00 14.32 ? 186 PRO B O   1 
ATOM   1521 C CB  . PRO A 1 180 ? 12.064  0.675   -5.438  1.00 15.52 ? 186 PRO B CB  1 
ATOM   1522 C CG  . PRO A 1 180 ? 13.004  -0.374  -5.927  1.00 17.46 ? 186 PRO B CG  1 
ATOM   1523 C CD  . PRO A 1 180 ? 13.966  -0.609  -4.764  1.00 16.94 ? 186 PRO B CD  1 
ATOM   1524 N N   . LEU A 1 181 ? 9.467   -0.004  -3.699  1.00 12.77 ? 187 LEU B N   1 
ATOM   1525 C CA  . LEU A 1 181 ? 8.220   -0.682  -4.074  1.00 12.44 ? 187 LEU B CA  1 
ATOM   1526 C C   . LEU A 1 181 ? 8.048   -0.483  -5.588  1.00 12.40 ? 187 LEU B C   1 
ATOM   1527 O O   . LEU A 1 181 ? 8.230   0.683   -6.066  1.00 15.29 ? 187 LEU B O   1 
ATOM   1528 C CB  . LEU A 1 181 ? 7.069   -0.092  -3.290  1.00 12.56 ? 187 LEU B CB  1 
ATOM   1529 C CG  . LEU A 1 181 ? 7.071   -0.336  -1.776  1.00 13.58 ? 187 LEU B CG  1 
ATOM   1530 C CD1 . LEU A 1 181 ? 5.916   0.394   -1.116  1.00 14.00 ? 187 LEU B CD1 1 
ATOM   1531 C CD2 . LEU A 1 181 ? 6.976   -1.819  -1.450  1.00 15.22 ? 187 LEU B CD2 1 
ATOM   1532 N N   . LYS A 1 182 ? 7.667   -1.527  -6.306  1.00 12.92 ? 188 LYS B N   1 
ATOM   1533 C CA  . LYS A 1 182 ? 7.453   -1.435  -7.770  1.00 13.36 ? 188 LYS B CA  1 
ATOM   1534 C C   . LYS A 1 182 ? 6.082   -1.982  -8.119  1.00 13.63 ? 188 LYS B C   1 
ATOM   1535 O O   . LYS A 1 182 ? 5.793   -3.166  -7.771  1.00 14.17 ? 188 LYS B O   1 
ATOM   1536 C CB  . LYS A 1 182 ? 8.516   -2.212  -8.556  1.00 15.74 ? 188 LYS B CB  1 
ATOM   1537 C CG  . LYS A 1 182 ? 9.963   -1.940  -8.189  1.00 19.56 ? 188 LYS B CG  1 
ATOM   1538 C CD  . LYS A 1 182 ? 10.940  -2.588  -9.173  1.00 24.32 ? 188 LYS B CD  1 
ATOM   1539 C CE  . LYS A 1 182 ? 12.389  -2.530  -8.743  1.00 29.66 ? 188 LYS B CE  1 
ATOM   1540 N NZ  . LYS A 1 182 ? 13.211  -3.393  -9.628  1.00 34.55 ? 188 LYS B NZ  1 
ATOM   1541 N N   . LEU A 1 183 ? 5.330   -1.263  -8.918  1.00 14.67 ? 189 LEU B N   1 
ATOM   1542 C CA  . LEU A 1 183 ? 4.082   -1.813  -9.509  1.00 14.90 ? 189 LEU B CA  1 
ATOM   1543 C C   . LEU A 1 183 ? 4.461   -2.761  -10.661 1.00 16.75 ? 189 LEU B C   1 
ATOM   1544 O O   . LEU A 1 183 ? 5.148   -2.304  -11.624 1.00 19.33 ? 189 LEU B O   1 
ATOM   1545 C CB  . LEU A 1 183 ? 3.186   -0.645  -9.927  1.00 15.46 ? 189 LEU B CB  1 
ATOM   1546 C CG  . LEU A 1 183 ? 2.492   0.003   -8.721  1.00 16.53 ? 189 LEU B CG  1 
ATOM   1547 C CD1 . LEU A 1 183 ? 2.141   1.479   -8.918  1.00 21.75 ? 189 LEU B CD1 1 
ATOM   1548 C CD2 . LEU A 1 183 ? 1.288   -0.849  -8.262  1.00 14.12 ? 189 LEU B CD2 1 
ATOM   1549 N N   . CYS A 1 184 ? 4.063   -4.024  -10.553 1.00 17.03 ? 190 CYS B N   1 
ATOM   1550 C CA  . CYS A 1 184 ? 4.462   -5.099  -11.518 1.00 20.37 ? 190 CYS B CA  1 
ATOM   1551 C C   . CYS A 1 184 ? 3.602   -5.016  -12.757 1.00 22.83 ? 190 CYS B C   1 
ATOM   1552 O O   . CYS A 1 184 ? 2.419   -4.740  -12.697 1.00 21.68 ? 190 CYS B O   1 
ATOM   1553 C CB  . CYS A 1 184 ? 4.205   -6.500  -11.006 1.00 21.70 ? 190 CYS B CB  1 
ATOM   1554 S SG  . CYS A 1 184 ? 4.774   -6.791  -9.338  1.00 23.04 ? 190 CYS B SG  1 
ATOM   1555 N N   . PRO A 1 185 ? 4.178   -5.324  -13.931 1.00 28.45 ? 191 PRO B N   1 
ATOM   1556 C CA  . PRO A 1 185 ? 3.429   -5.270  -15.170 1.00 33.37 ? 191 PRO B CA  1 
ATOM   1557 C C   . PRO A 1 185 ? 2.335   -6.340  -15.143 1.00 31.72 ? 191 PRO B C   1 
ATOM   1558 O O   . PRO A 1 185 ? 2.525   -7.367  -14.503 1.00 31.58 ? 191 PRO B O   1 
ATOM   1559 C CB  . PRO A 1 185 ? 4.527   -5.492  -16.231 1.00 33.06 ? 191 PRO B CB  1 
ATOM   1560 C CG  . PRO A 1 185 ? 5.623   -6.243  -15.517 1.00 33.71 ? 191 PRO B CG  1 
ATOM   1561 C CD  . PRO A 1 185 ? 5.590   -5.705  -14.107 1.00 31.10 ? 191 PRO B CD  1 
ATOM   1562 N N   . LEU A 1 186 ? 1.242   -6.020  -15.827 1.00 37.93 ? 192 LEU B N   1 
ATOM   1563 C CA  . LEU A 1 186 ? 0.101   -6.882  -16.235 1.00 42.13 ? 192 LEU B CA  1 
ATOM   1564 C C   . LEU A 1 186 ? 0.593   -8.031  -17.120 1.00 47.00 ? 192 LEU B C   1 
ATOM   1565 O O   . LEU A 1 186 ? -0.123  -9.044  -17.154 1.00 52.26 ? 192 LEU B O   1 
ATOM   1566 C CB  . LEU A 1 186 ? -0.883  -6.001  -17.013 1.00 39.12 ? 192 LEU B CB  1 
HETATM 1567 C C4  . Q49 B 2 .   ? 11.357  9.322   7.854   0.36 28.37 ? 201 Q49 B C4  1 
HETATM 1568 C C5  . Q49 B 2 .   ? 10.561  9.157   6.726   0.36 27.62 ? 201 Q49 B C5  1 
HETATM 1569 C C6  . Q49 B 2 .   ? 9.491   10.009  6.487   0.36 26.63 ? 201 Q49 B C6  1 
HETATM 1570 C C7  . Q49 B 2 .   ? 9.174   11.010  7.381   0.36 27.22 ? 201 Q49 B C7  1 
HETATM 1571 C C8  . Q49 B 2 .   ? 9.959   11.136  8.501   0.36 28.16 ? 201 Q49 B C8  1 
HETATM 1572 C C10 . Q49 B 2 .   ? 14.594  7.420   7.702   0.36 29.83 ? 201 Q49 B C10 1 
HETATM 1573 N N   . Q49 B 2 .   ? 15.774  7.823   8.140   0.36 30.22 ? 201 Q49 B N   1 
HETATM 1574 C C   . Q49 B 2 .   ? 16.996  7.043   8.041   0.36 30.18 ? 201 Q49 B C   1 
HETATM 1575 O O   . Q49 B 2 .   ? 12.393  8.455   8.111   0.36 31.02 ? 201 Q49 B O   1 
HETATM 1576 C C1  . Q49 B 2 .   ? 15.737  9.112   8.789   0.36 30.98 ? 201 Q49 B C1  1 
HETATM 1577 C C2  . Q49 B 2 .   ? 14.438  9.749   8.281   0.36 30.93 ? 201 Q49 B C2  1 
HETATM 1578 C C3  . Q49 B 2 .   ? 13.703  8.643   7.539   0.36 30.62 ? 201 Q49 B C3  1 
HETATM 1579 C C9  . Q49 B 2 .   ? 11.040  10.315  8.771   0.36 28.98 ? 201 Q49 B C9  1 
HETATM 1580 F F   . Q49 B 2 .   ? 9.666   12.116  9.390   0.36 30.76 ? 201 Q49 B F   1 
HETATM 1581 O O1  . Q49 B 2 .   ? 14.288  6.252   7.453   0.36 27.53 ? 201 Q49 B O1  1 
HETATM 1582 C C1  . EDO C 3 .   ? 4.864   17.560  16.911  1.00 35.74 ? 202 EDO B C1  1 
HETATM 1583 O O1  . EDO C 3 .   ? 4.574   17.002  15.649  1.00 30.02 ? 202 EDO B O1  1 
HETATM 1584 C C2  . EDO C 3 .   ? 5.427   16.556  17.808  1.00 36.13 ? 202 EDO B C2  1 
HETATM 1585 O O2  . EDO C 3 .   ? 6.701   16.185  17.354  1.00 46.53 ? 202 EDO B O2  1 
HETATM 1586 S S   . SO4 D 4 .   ? -4.754  6.787   16.261  1.00 42.44 ? 203 SO4 B S   1 
HETATM 1587 O O1  . SO4 D 4 .   ? -4.643  7.284   14.911  1.00 26.07 ? 203 SO4 B O1  1 
HETATM 1588 O O2  . SO4 D 4 .   ? -4.998  7.893   17.147  1.00 46.57 ? 203 SO4 B O2  1 
HETATM 1589 O O3  . SO4 D 4 .   ? -5.856  5.846   16.340  1.00 46.96 ? 203 SO4 B O3  1 
HETATM 1590 O O4  . SO4 D 4 .   ? -3.547  6.098   16.667  1.00 44.40 ? 203 SO4 B O4  1 
HETATM 1591 O O   . HOH E 5 .   ? 19.291  -2.942  -2.542  1.00 27.20 ? 301 HOH B O   1 
HETATM 1592 O O   . HOH E 5 .   ? 5.610   -6.840  13.157  1.00 32.79 ? 302 HOH B O   1 
HETATM 1593 O O   . HOH E 5 .   ? 18.139  17.656  0.492   1.00 23.14 ? 303 HOH B O   1 
HETATM 1594 O O   . HOH E 5 .   ? 9.176   12.101  -7.113  1.00 21.90 ? 304 HOH B O   1 
HETATM 1595 O O   . HOH E 5 .   ? -4.478  13.938  -2.301  1.00 23.23 ? 305 HOH B O   1 
HETATM 1596 O O   . HOH E 5 .   ? 16.289  4.125   -1.584  1.00 22.97 ? 306 HOH B O   1 
HETATM 1597 O O   . HOH E 5 .   ? 17.660  -5.845  2.857   1.00 34.97 ? 307 HOH B O   1 
HETATM 1598 O O   . HOH E 5 .   ? -3.863  17.940  5.038   1.00 28.43 ? 308 HOH B O   1 
HETATM 1599 O O   . HOH E 5 .   ? 8.080   -9.720  2.110   1.00 16.07 ? 309 HOH B O   1 
HETATM 1600 O O   . HOH E 5 .   ? 17.489  5.968   2.701   1.00 43.91 ? 310 HOH B O   1 
HETATM 1601 O O   . HOH E 5 .   ? 7.529   9.554   12.145  1.00 33.08 ? 311 HOH B O   1 
HETATM 1602 O O   . HOH E 5 .   ? -4.349  9.155   8.380   1.00 32.74 ? 312 HOH B O   1 
HETATM 1603 O O   . HOH E 5 .   ? -6.941  14.360  3.709   1.00 33.00 ? 313 HOH B O   1 
HETATM 1604 O O   . HOH E 5 .   ? 12.946  2.828   2.664   1.00 16.80 ? 314 HOH B O   1 
HETATM 1605 O O   . HOH E 5 .   ? -5.418  -1.224  7.835   1.00 12.59 ? 315 HOH B O   1 
HETATM 1606 O O   . HOH E 5 .   ? 3.425   14.591  15.089  1.00 20.99 ? 316 HOH B O   1 
HETATM 1607 O O   . HOH E 5 .   ? 11.753  -7.345  8.523   1.00 16.84 ? 317 HOH B O   1 
HETATM 1608 O O   . HOH E 5 .   ? 3.163   1.845   9.528   1.00 35.19 ? 318 HOH B O   1 
HETATM 1609 O O   . HOH E 5 .   ? 8.829   20.816  1.264   1.00 23.61 ? 319 HOH B O   1 
HETATM 1610 O O   . HOH E 5 .   ? 14.928  -4.265  9.954   1.00 24.36 ? 320 HOH B O   1 
HETATM 1611 O O   . HOH E 5 .   ? 7.389   21.244  5.773   1.00 18.63 ? 321 HOH B O   1 
HETATM 1612 O O   . HOH E 5 .   ? 1.757   11.991  8.498   1.00 16.41 ? 322 HOH B O   1 
HETATM 1613 O O   . HOH E 5 .   ? 12.513  -3.967  -4.403  1.00 27.22 ? 323 HOH B O   1 
HETATM 1614 O O   . HOH E 5 .   ? 12.723  2.759   -0.141  1.00 14.24 ? 324 HOH B O   1 
HETATM 1615 O O   . HOH E 5 .   ? 0.597   13.962  15.679  1.00 28.24 ? 325 HOH B O   1 
HETATM 1616 O O   . HOH E 5 .   ? 9.754   -7.531  1.732   1.00 13.99 ? 326 HOH B O   1 
HETATM 1617 O O   . HOH E 5 .   ? 16.251  -3.005  0.881   1.00 18.03 ? 327 HOH B O   1 
HETATM 1618 O O   . HOH E 5 .   ? 11.878  -3.936  10.333  1.00 21.85 ? 328 HOH B O   1 
HETATM 1619 O O   . HOH E 5 .   ? 5.961   16.524  -6.138  1.00 26.36 ? 329 HOH B O   1 
HETATM 1620 O O   . HOH E 5 .   ? 18.988  9.867   5.408   1.00 51.27 ? 330 HOH B O   1 
HETATM 1621 O O   . HOH E 5 .   ? 13.002  3.056   -7.886  1.00 27.14 ? 331 HOH B O   1 
HETATM 1622 O O   . HOH E 5 .   ? 6.311   15.471  3.376   1.00 24.22 ? 332 HOH B O   1 
HETATM 1623 O O   . HOH E 5 .   ? 18.534  10.925  -2.430  1.00 30.00 ? 333 HOH B O   1 
HETATM 1624 O O   . HOH E 5 .   ? 21.048  2.500   2.866   1.00 22.86 ? 334 HOH B O   1 
# 
